data_2OBB
# 
_entry.id   2OBB 
# 
_audit_conform.dict_name       mmcif_pdbx.dic 
_audit_conform.dict_version    5.398 
_audit_conform.dict_location   http://mmcif.pdb.org/dictionaries/ascii/mmcif_pdbx.dic 
# 
loop_
_database_2.database_id 
_database_2.database_code 
_database_2.pdbx_database_accession 
_database_2.pdbx_DOI 
PDB   2OBB         pdb_00002obb 10.2210/pdb2obb/pdb 
RCSB  RCSB040920   ?            ?                   
WWPDB D_1000040920 ?            ?                   
# 
loop_
_pdbx_audit_revision_history.ordinal 
_pdbx_audit_revision_history.data_content_type 
_pdbx_audit_revision_history.major_revision 
_pdbx_audit_revision_history.minor_revision 
_pdbx_audit_revision_history.revision_date 
1 'Structure model' 1 0 2007-01-16 
2 'Structure model' 1 1 2008-05-01 
3 'Structure model' 1 2 2011-07-13 
4 'Structure model' 1 3 2023-12-27 
5 'Structure model' 1 4 2024-11-06 
# 
_pdbx_audit_revision_details.ordinal             1 
_pdbx_audit_revision_details.revision_ordinal    1 
_pdbx_audit_revision_details.data_content_type   'Structure model' 
_pdbx_audit_revision_details.provider            repository 
_pdbx_audit_revision_details.type                'Initial release' 
_pdbx_audit_revision_details.description         ? 
_pdbx_audit_revision_details.details             ? 
# 
loop_
_pdbx_audit_revision_group.ordinal 
_pdbx_audit_revision_group.revision_ordinal 
_pdbx_audit_revision_group.data_content_type 
_pdbx_audit_revision_group.group 
1 2 'Structure model' 'Version format compliance' 
2 3 'Structure model' Advisory                    
3 3 'Structure model' 'Derived calculations'      
4 3 'Structure model' 'Source and taxonomy'       
5 3 'Structure model' 'Version format compliance' 
6 4 'Structure model' 'Data collection'           
7 4 'Structure model' 'Database references'       
8 4 'Structure model' 'Derived calculations'      
9 5 'Structure model' 'Structure summary'         
# 
loop_
_pdbx_audit_revision_category.ordinal 
_pdbx_audit_revision_category.revision_ordinal 
_pdbx_audit_revision_category.data_content_type 
_pdbx_audit_revision_category.category 
1 4 'Structure model' chem_comp_atom            
2 4 'Structure model' chem_comp_bond            
3 4 'Structure model' database_2                
4 4 'Structure model' pdbx_struct_conn_angle    
5 4 'Structure model' struct_conn               
6 4 'Structure model' struct_ref_seq_dif        
7 4 'Structure model' struct_site               
8 5 'Structure model' pdbx_entry_details        
9 5 'Structure model' pdbx_modification_feature 
# 
loop_
_pdbx_audit_revision_item.ordinal 
_pdbx_audit_revision_item.revision_ordinal 
_pdbx_audit_revision_item.data_content_type 
_pdbx_audit_revision_item.item 
1  4 'Structure model' '_database_2.pdbx_DOI'                        
2  4 'Structure model' '_database_2.pdbx_database_accession'         
3  4 'Structure model' '_pdbx_struct_conn_angle.ptnr1_auth_comp_id'  
4  4 'Structure model' '_pdbx_struct_conn_angle.ptnr1_auth_seq_id'   
5  4 'Structure model' '_pdbx_struct_conn_angle.ptnr1_label_asym_id' 
6  4 'Structure model' '_pdbx_struct_conn_angle.ptnr1_label_atom_id' 
7  4 'Structure model' '_pdbx_struct_conn_angle.ptnr1_label_comp_id' 
8  4 'Structure model' '_pdbx_struct_conn_angle.ptnr1_label_seq_id'  
9  4 'Structure model' '_pdbx_struct_conn_angle.ptnr3_auth_comp_id'  
10 4 'Structure model' '_pdbx_struct_conn_angle.ptnr3_auth_seq_id'   
11 4 'Structure model' '_pdbx_struct_conn_angle.ptnr3_label_asym_id' 
12 4 'Structure model' '_pdbx_struct_conn_angle.ptnr3_label_atom_id' 
13 4 'Structure model' '_pdbx_struct_conn_angle.ptnr3_label_comp_id' 
14 4 'Structure model' '_pdbx_struct_conn_angle.ptnr3_label_seq_id'  
15 4 'Structure model' '_pdbx_struct_conn_angle.value'               
16 4 'Structure model' '_struct_conn.pdbx_dist_value'                
17 4 'Structure model' '_struct_conn.pdbx_leaving_atom_flag'         
18 4 'Structure model' '_struct_conn.ptnr1_auth_comp_id'             
19 4 'Structure model' '_struct_conn.ptnr1_auth_seq_id'              
20 4 'Structure model' '_struct_conn.ptnr1_label_asym_id'            
21 4 'Structure model' '_struct_conn.ptnr1_label_atom_id'            
22 4 'Structure model' '_struct_conn.ptnr1_label_comp_id'            
23 4 'Structure model' '_struct_conn.ptnr1_label_seq_id'             
24 4 'Structure model' '_struct_conn.ptnr2_auth_comp_id'             
25 4 'Structure model' '_struct_conn.ptnr2_auth_seq_id'              
26 4 'Structure model' '_struct_conn.ptnr2_label_asym_id'            
27 4 'Structure model' '_struct_conn.ptnr2_label_atom_id'            
28 4 'Structure model' '_struct_conn.ptnr2_label_comp_id'            
29 4 'Structure model' '_struct_conn.ptnr2_label_seq_id'             
30 4 'Structure model' '_struct_ref_seq_dif.details'                 
31 4 'Structure model' '_struct_site.pdbx_auth_asym_id'              
32 4 'Structure model' '_struct_site.pdbx_auth_comp_id'              
33 4 'Structure model' '_struct_site.pdbx_auth_seq_id'               
# 
_pdbx_database_status.status_code                     REL 
_pdbx_database_status.entry_id                        2OBB 
_pdbx_database_status.recvd_initial_deposition_date   2006-12-18 
_pdbx_database_status.deposit_site                    RCSB 
_pdbx_database_status.process_site                    RCSB 
_pdbx_database_status.status_code_sf                  REL 
_pdbx_database_status.status_code_mr                  ? 
_pdbx_database_status.SG_entry                        Y 
_pdbx_database_status.pdb_format_compatible           Y 
_pdbx_database_status.status_code_cs                  ? 
_pdbx_database_status.status_code_nmr_data            ? 
_pdbx_database_status.methods_development_category    ? 
# 
_pdbx_database_related.db_name        TargetDB 
_pdbx_database_related.db_id          APC81396 
_pdbx_database_related.details        . 
_pdbx_database_related.content_type   unspecified 
# 
loop_
_audit_author.name 
_audit_author.pdbx_ordinal 
'Cuff, M.E.'                                    1 
'Bigelow, L.'                                   2 
'Abdullah, J.'                                  3 
'Joachimiak, A.'                                4 
'Midwest Center for Structural Genomics (MCSG)' 5 
# 
_citation.id                        primary 
_citation.title                     'Structure of the conserved protein coded by locus BT_0820 from Bacteroides thetaiotaomicron' 
_citation.journal_abbrev            'To be Published' 
_citation.journal_volume            ? 
_citation.page_first                ? 
_citation.page_last                 ? 
_citation.year                      ? 
_citation.journal_id_ASTM           ? 
_citation.country                   ? 
_citation.journal_id_ISSN           ? 
_citation.journal_id_CSD            0353 
_citation.book_publisher            ? 
_citation.pdbx_database_id_PubMed   ? 
_citation.pdbx_database_id_DOI      ? 
# 
loop_
_citation_author.citation_id 
_citation_author.name 
_citation_author.ordinal 
_citation_author.identifier_ORCID 
primary 'Cuff, M.E.'     1 ? 
primary 'Bigelow, L.'    2 ? 
primary 'Abdullah, J.'   3 ? 
primary 'Joachimiak, A.' 4 ? 
# 
loop_
_entity.id 
_entity.type 
_entity.src_method 
_entity.pdbx_description 
_entity.formula_weight 
_entity.pdbx_number_of_molecules 
_entity.pdbx_ec 
_entity.pdbx_mutation 
_entity.pdbx_fragment 
_entity.details 
1 polymer     man 'Hypothetical protein' 16953.877 1  ? ? ? ? 
2 non-polymer syn 'MAGNESIUM ION'        24.305    1  ? ? ? ? 
3 water       nat water                  18.015    83 ? ? ? ? 
# 
_entity_poly.entity_id                      1 
_entity_poly.type                           'polypeptide(L)' 
_entity_poly.nstd_linkage                   no 
_entity_poly.nstd_monomer                   yes 
_entity_poly.pdbx_seq_one_letter_code       
;SNA(MSE)TIAVDFDGTIVEHRYPRIGEEIPFAVETLKLLQQEKHRLILWSVREGELLDEAIEWCRARGLEFYAANKDYP
EEERDHQGFSRKLKADLFIDDRNVGGIPDWGIIYE(MSE)IKEKKTFADIYSQQREENTSQKKKRKWLPF
;
_entity_poly.pdbx_seq_one_letter_code_can   
;SNAMTIAVDFDGTIVEHRYPRIGEEIPFAVETLKLLQQEKHRLILWSVREGELLDEAIEWCRARGLEFYAANKDYPEEER
DHQGFSRKLKADLFIDDRNVGGIPDWGIIYEMIKEKKTFADIYSQQREENTSQKKKRKWLPF
;
_entity_poly.pdbx_strand_id                 A 
_entity_poly.pdbx_target_identifier         APC81396 
# 
loop_
_pdbx_entity_nonpoly.entity_id 
_pdbx_entity_nonpoly.name 
_pdbx_entity_nonpoly.comp_id 
2 'MAGNESIUM ION' MG  
3 water           HOH 
# 
loop_
_entity_poly_seq.entity_id 
_entity_poly_seq.num 
_entity_poly_seq.mon_id 
_entity_poly_seq.hetero 
1 1   SER n 
1 2   ASN n 
1 3   ALA n 
1 4   MSE n 
1 5   THR n 
1 6   ILE n 
1 7   ALA n 
1 8   VAL n 
1 9   ASP n 
1 10  PHE n 
1 11  ASP n 
1 12  GLY n 
1 13  THR n 
1 14  ILE n 
1 15  VAL n 
1 16  GLU n 
1 17  HIS n 
1 18  ARG n 
1 19  TYR n 
1 20  PRO n 
1 21  ARG n 
1 22  ILE n 
1 23  GLY n 
1 24  GLU n 
1 25  GLU n 
1 26  ILE n 
1 27  PRO n 
1 28  PHE n 
1 29  ALA n 
1 30  VAL n 
1 31  GLU n 
1 32  THR n 
1 33  LEU n 
1 34  LYS n 
1 35  LEU n 
1 36  LEU n 
1 37  GLN n 
1 38  GLN n 
1 39  GLU n 
1 40  LYS n 
1 41  HIS n 
1 42  ARG n 
1 43  LEU n 
1 44  ILE n 
1 45  LEU n 
1 46  TRP n 
1 47  SER n 
1 48  VAL n 
1 49  ARG n 
1 50  GLU n 
1 51  GLY n 
1 52  GLU n 
1 53  LEU n 
1 54  LEU n 
1 55  ASP n 
1 56  GLU n 
1 57  ALA n 
1 58  ILE n 
1 59  GLU n 
1 60  TRP n 
1 61  CYS n 
1 62  ARG n 
1 63  ALA n 
1 64  ARG n 
1 65  GLY n 
1 66  LEU n 
1 67  GLU n 
1 68  PHE n 
1 69  TYR n 
1 70  ALA n 
1 71  ALA n 
1 72  ASN n 
1 73  LYS n 
1 74  ASP n 
1 75  TYR n 
1 76  PRO n 
1 77  GLU n 
1 78  GLU n 
1 79  GLU n 
1 80  ARG n 
1 81  ASP n 
1 82  HIS n 
1 83  GLN n 
1 84  GLY n 
1 85  PHE n 
1 86  SER n 
1 87  ARG n 
1 88  LYS n 
1 89  LEU n 
1 90  LYS n 
1 91  ALA n 
1 92  ASP n 
1 93  LEU n 
1 94  PHE n 
1 95  ILE n 
1 96  ASP n 
1 97  ASP n 
1 98  ARG n 
1 99  ASN n 
1 100 VAL n 
1 101 GLY n 
1 102 GLY n 
1 103 ILE n 
1 104 PRO n 
1 105 ASP n 
1 106 TRP n 
1 107 GLY n 
1 108 ILE n 
1 109 ILE n 
1 110 TYR n 
1 111 GLU n 
1 112 MSE n 
1 113 ILE n 
1 114 LYS n 
1 115 GLU n 
1 116 LYS n 
1 117 LYS n 
1 118 THR n 
1 119 PHE n 
1 120 ALA n 
1 121 ASP n 
1 122 ILE n 
1 123 TYR n 
1 124 SER n 
1 125 GLN n 
1 126 GLN n 
1 127 ARG n 
1 128 GLU n 
1 129 GLU n 
1 130 ASN n 
1 131 THR n 
1 132 SER n 
1 133 GLN n 
1 134 LYS n 
1 135 LYS n 
1 136 LYS n 
1 137 ARG n 
1 138 LYS n 
1 139 TRP n 
1 140 LEU n 
1 141 PRO n 
1 142 PHE n 
# 
_entity_src_gen.entity_id                          1 
_entity_src_gen.pdbx_src_id                        1 
_entity_src_gen.pdbx_alt_source_flag               sample 
_entity_src_gen.pdbx_seq_type                      ? 
_entity_src_gen.pdbx_beg_seq_num                   ? 
_entity_src_gen.pdbx_end_seq_num                   ? 
_entity_src_gen.gene_src_common_name               ? 
_entity_src_gen.gene_src_genus                     Bacteroides 
_entity_src_gen.pdbx_gene_src_gene                 BT_0820 
_entity_src_gen.gene_src_species                   'Bacteroides thetaiotaomicron' 
_entity_src_gen.gene_src_strain                    VPI-5482 
_entity_src_gen.gene_src_tissue                    ? 
_entity_src_gen.gene_src_tissue_fraction           ? 
_entity_src_gen.gene_src_details                   ? 
_entity_src_gen.pdbx_gene_src_fragment             ? 
_entity_src_gen.pdbx_gene_src_scientific_name      'Bacteroides thetaiotaomicron' 
_entity_src_gen.pdbx_gene_src_ncbi_taxonomy_id     226186 
_entity_src_gen.pdbx_gene_src_variant              ? 
_entity_src_gen.pdbx_gene_src_cell_line            ? 
_entity_src_gen.pdbx_gene_src_atcc                 ? 
_entity_src_gen.pdbx_gene_src_organ                ? 
_entity_src_gen.pdbx_gene_src_organelle            ? 
_entity_src_gen.pdbx_gene_src_cell                 ? 
_entity_src_gen.pdbx_gene_src_cellular_location    ? 
_entity_src_gen.host_org_common_name               ? 
_entity_src_gen.pdbx_host_org_scientific_name      'Escherichia coli BL21(DE3)' 
_entity_src_gen.pdbx_host_org_ncbi_taxonomy_id     469008 
_entity_src_gen.host_org_genus                     Escherichia 
_entity_src_gen.pdbx_host_org_gene                 ? 
_entity_src_gen.pdbx_host_org_organ                ? 
_entity_src_gen.host_org_species                   'Escherichia coli' 
_entity_src_gen.pdbx_host_org_tissue               ? 
_entity_src_gen.pdbx_host_org_tissue_fraction      ? 
_entity_src_gen.pdbx_host_org_strain               'BL21(DE3)' 
_entity_src_gen.pdbx_host_org_variant              ? 
_entity_src_gen.pdbx_host_org_cell_line            ? 
_entity_src_gen.pdbx_host_org_atcc                 ? 
_entity_src_gen.pdbx_host_org_culture_collection   ? 
_entity_src_gen.pdbx_host_org_cell                 ? 
_entity_src_gen.pdbx_host_org_organelle            ? 
_entity_src_gen.pdbx_host_org_cellular_location    ? 
_entity_src_gen.pdbx_host_org_vector_type          PLASMID 
_entity_src_gen.pdbx_host_org_vector               ? 
_entity_src_gen.host_org_details                   ? 
_entity_src_gen.expression_system_id               ? 
_entity_src_gen.plasmid_name                       pMCSG7 
_entity_src_gen.plasmid_details                    ? 
_entity_src_gen.pdbx_description                   ? 
# 
loop_
_chem_comp.id 
_chem_comp.type 
_chem_comp.mon_nstd_flag 
_chem_comp.name 
_chem_comp.pdbx_synonyms 
_chem_comp.formula 
_chem_comp.formula_weight 
ALA 'L-peptide linking' y ALANINE          ? 'C3 H7 N O2'     89.093  
ARG 'L-peptide linking' y ARGININE         ? 'C6 H15 N4 O2 1' 175.209 
ASN 'L-peptide linking' y ASPARAGINE       ? 'C4 H8 N2 O3'    132.118 
ASP 'L-peptide linking' y 'ASPARTIC ACID'  ? 'C4 H7 N O4'     133.103 
CYS 'L-peptide linking' y CYSTEINE         ? 'C3 H7 N O2 S'   121.158 
GLN 'L-peptide linking' y GLUTAMINE        ? 'C5 H10 N2 O3'   146.144 
GLU 'L-peptide linking' y 'GLUTAMIC ACID'  ? 'C5 H9 N O4'     147.129 
GLY 'peptide linking'   y GLYCINE          ? 'C2 H5 N O2'     75.067  
HIS 'L-peptide linking' y HISTIDINE        ? 'C6 H10 N3 O2 1' 156.162 
HOH non-polymer         . WATER            ? 'H2 O'           18.015  
ILE 'L-peptide linking' y ISOLEUCINE       ? 'C6 H13 N O2'    131.173 
LEU 'L-peptide linking' y LEUCINE          ? 'C6 H13 N O2'    131.173 
LYS 'L-peptide linking' y LYSINE           ? 'C6 H15 N2 O2 1' 147.195 
MET 'L-peptide linking' y METHIONINE       ? 'C5 H11 N O2 S'  149.211 
MG  non-polymer         . 'MAGNESIUM ION'  ? 'Mg 2'           24.305  
MSE 'L-peptide linking' n SELENOMETHIONINE ? 'C5 H11 N O2 Se' 196.106 
PHE 'L-peptide linking' y PHENYLALANINE    ? 'C9 H11 N O2'    165.189 
PRO 'L-peptide linking' y PROLINE          ? 'C5 H9 N O2'     115.130 
SER 'L-peptide linking' y SERINE           ? 'C3 H7 N O3'     105.093 
THR 'L-peptide linking' y THREONINE        ? 'C4 H9 N O3'     119.119 
TRP 'L-peptide linking' y TRYPTOPHAN       ? 'C11 H12 N2 O2'  204.225 
TYR 'L-peptide linking' y TYROSINE         ? 'C9 H11 N O3'    181.189 
VAL 'L-peptide linking' y VALINE           ? 'C5 H11 N O2'    117.146 
# 
loop_
_pdbx_poly_seq_scheme.asym_id 
_pdbx_poly_seq_scheme.entity_id 
_pdbx_poly_seq_scheme.seq_id 
_pdbx_poly_seq_scheme.mon_id 
_pdbx_poly_seq_scheme.ndb_seq_num 
_pdbx_poly_seq_scheme.pdb_seq_num 
_pdbx_poly_seq_scheme.auth_seq_num 
_pdbx_poly_seq_scheme.pdb_mon_id 
_pdbx_poly_seq_scheme.auth_mon_id 
_pdbx_poly_seq_scheme.pdb_strand_id 
_pdbx_poly_seq_scheme.pdb_ins_code 
_pdbx_poly_seq_scheme.hetero 
A 1 1   SER 1   -2  ?   ?   ?   A . n 
A 1 2   ASN 2   -1  -1  ASN ASN A . n 
A 1 3   ALA 3   0   0   ALA ALA A . n 
A 1 4   MSE 4   1   1   MSE MSE A . n 
A 1 5   THR 5   2   2   THR THR A . n 
A 1 6   ILE 6   3   3   ILE ILE A . n 
A 1 7   ALA 7   4   4   ALA ALA A . n 
A 1 8   VAL 8   5   5   VAL VAL A . n 
A 1 9   ASP 9   6   6   ASP ASP A . n 
A 1 10  PHE 10  7   7   PHE PHE A . n 
A 1 11  ASP 11  8   8   ASP ASP A . n 
A 1 12  GLY 12  9   9   GLY GLY A . n 
A 1 13  THR 13  10  10  THR THR A . n 
A 1 14  ILE 14  11  11  ILE ILE A . n 
A 1 15  VAL 15  12  12  VAL VAL A . n 
A 1 16  GLU 16  13  13  GLU GLU A . n 
A 1 17  HIS 17  14  14  HIS HIS A . n 
A 1 18  ARG 18  15  15  ARG ARG A . n 
A 1 19  TYR 19  16  16  TYR TYR A . n 
A 1 20  PRO 20  17  17  PRO PRO A . n 
A 1 21  ARG 21  18  18  ARG ARG A . n 
A 1 22  ILE 22  19  19  ILE ILE A . n 
A 1 23  GLY 23  20  20  GLY GLY A . n 
A 1 24  GLU 24  21  21  GLU GLU A . n 
A 1 25  GLU 25  22  22  GLU GLU A . n 
A 1 26  ILE 26  23  23  ILE ILE A . n 
A 1 27  PRO 27  24  24  PRO PRO A . n 
A 1 28  PHE 28  25  25  PHE PHE A . n 
A 1 29  ALA 29  26  26  ALA ALA A . n 
A 1 30  VAL 30  27  27  VAL VAL A . n 
A 1 31  GLU 31  28  28  GLU GLU A . n 
A 1 32  THR 32  29  29  THR THR A . n 
A 1 33  LEU 33  30  30  LEU LEU A . n 
A 1 34  LYS 34  31  31  LYS LYS A . n 
A 1 35  LEU 35  32  32  LEU LEU A . n 
A 1 36  LEU 36  33  33  LEU LEU A . n 
A 1 37  GLN 37  34  34  GLN GLN A . n 
A 1 38  GLN 38  35  35  GLN GLN A . n 
A 1 39  GLU 39  36  36  GLU GLU A . n 
A 1 40  LYS 40  37  37  LYS LYS A . n 
A 1 41  HIS 41  38  38  HIS HIS A . n 
A 1 42  ARG 42  39  39  ARG ARG A . n 
A 1 43  LEU 43  40  40  LEU LEU A . n 
A 1 44  ILE 44  41  41  ILE ILE A . n 
A 1 45  LEU 45  42  42  LEU LEU A . n 
A 1 46  TRP 46  43  43  TRP TRP A . n 
A 1 47  SER 47  44  44  SER SER A . n 
A 1 48  VAL 48  45  45  VAL VAL A . n 
A 1 49  ARG 49  46  46  ARG ARG A . n 
A 1 50  GLU 50  47  47  GLU GLU A . n 
A 1 51  GLY 51  48  48  GLY GLY A . n 
A 1 52  GLU 52  49  49  GLU GLU A . n 
A 1 53  LEU 53  50  50  LEU LEU A . n 
A 1 54  LEU 54  51  51  LEU LEU A . n 
A 1 55  ASP 55  52  52  ASP ASP A . n 
A 1 56  GLU 56  53  53  GLU GLU A . n 
A 1 57  ALA 57  54  54  ALA ALA A . n 
A 1 58  ILE 58  55  55  ILE ILE A . n 
A 1 59  GLU 59  56  56  GLU GLU A . n 
A 1 60  TRP 60  57  57  TRP TRP A . n 
A 1 61  CYS 61  58  58  CYS CYS A . n 
A 1 62  ARG 62  59  59  ARG ARG A . n 
A 1 63  ALA 63  60  60  ALA ALA A . n 
A 1 64  ARG 64  61  61  ARG ARG A . n 
A 1 65  GLY 65  62  62  GLY GLY A . n 
A 1 66  LEU 66  63  63  LEU LEU A . n 
A 1 67  GLU 67  64  64  GLU GLU A . n 
A 1 68  PHE 68  65  65  PHE PHE A . n 
A 1 69  TYR 69  66  66  TYR TYR A . n 
A 1 70  ALA 70  67  67  ALA ALA A . n 
A 1 71  ALA 71  68  68  ALA ALA A . n 
A 1 72  ASN 72  69  69  ASN ASN A . n 
A 1 73  LYS 73  70  70  LYS LYS A . n 
A 1 74  ASP 74  71  71  ASP ASP A . n 
A 1 75  TYR 75  72  72  TYR TYR A . n 
A 1 76  PRO 76  73  73  PRO PRO A . n 
A 1 77  GLU 77  74  74  GLU GLU A . n 
A 1 78  GLU 78  75  75  GLU GLU A . n 
A 1 79  GLU 79  76  ?   ?   ?   A . n 
A 1 80  ARG 80  77  ?   ?   ?   A . n 
A 1 81  ASP 81  78  ?   ?   ?   A . n 
A 1 82  HIS 82  79  79  HIS HIS A . n 
A 1 83  GLN 83  80  80  GLN GLN A . n 
A 1 84  GLY 84  81  81  GLY GLY A . n 
A 1 85  PHE 85  82  82  PHE PHE A . n 
A 1 86  SER 86  83  83  SER SER A . n 
A 1 87  ARG 87  84  84  ARG ARG A . n 
A 1 88  LYS 88  85  85  LYS LYS A . n 
A 1 89  LEU 89  86  86  LEU LEU A . n 
A 1 90  LYS 90  87  87  LYS LYS A . n 
A 1 91  ALA 91  88  88  ALA ALA A . n 
A 1 92  ASP 92  89  89  ASP ASP A . n 
A 1 93  LEU 93  90  90  LEU LEU A . n 
A 1 94  PHE 94  91  91  PHE PHE A . n 
A 1 95  ILE 95  92  92  ILE ILE A . n 
A 1 96  ASP 96  93  93  ASP ASP A . n 
A 1 97  ASP 97  94  94  ASP ASP A . n 
A 1 98  ARG 98  95  95  ARG ARG A . n 
A 1 99  ASN 99  96  96  ASN ASN A . n 
A 1 100 VAL 100 97  97  VAL VAL A . n 
A 1 101 GLY 101 98  98  GLY GLY A . n 
A 1 102 GLY 102 99  99  GLY GLY A . n 
A 1 103 ILE 103 100 100 ILE ILE A . n 
A 1 104 PRO 104 101 101 PRO PRO A . n 
A 1 105 ASP 105 102 102 ASP ASP A . n 
A 1 106 TRP 106 103 103 TRP TRP A . n 
A 1 107 GLY 107 104 104 GLY GLY A . n 
A 1 108 ILE 108 105 105 ILE ILE A . n 
A 1 109 ILE 109 106 106 ILE ILE A . n 
A 1 110 TYR 110 107 107 TYR TYR A . n 
A 1 111 GLU 111 108 108 GLU GLU A . n 
A 1 112 MSE 112 109 109 MSE MSE A . n 
A 1 113 ILE 113 110 110 ILE ILE A . n 
A 1 114 LYS 114 111 111 LYS LYS A . n 
A 1 115 GLU 115 112 112 GLU GLU A . n 
A 1 116 LYS 116 113 113 LYS LYS A . n 
A 1 117 LYS 117 114 114 LYS LYS A . n 
A 1 118 THR 118 115 115 THR THR A . n 
A 1 119 PHE 119 116 116 PHE PHE A . n 
A 1 120 ALA 120 117 117 ALA ALA A . n 
A 1 121 ASP 121 118 118 ASP ASP A . n 
A 1 122 ILE 122 119 119 ILE ILE A . n 
A 1 123 TYR 123 120 120 TYR TYR A . n 
A 1 124 SER 124 121 121 SER SER A . n 
A 1 125 GLN 125 122 122 GLN GLN A . n 
A 1 126 GLN 126 123 ?   ?   ?   A . n 
A 1 127 ARG 127 124 ?   ?   ?   A . n 
A 1 128 GLU 128 125 ?   ?   ?   A . n 
A 1 129 GLU 129 126 ?   ?   ?   A . n 
A 1 130 ASN 130 127 ?   ?   ?   A . n 
A 1 131 THR 131 128 ?   ?   ?   A . n 
A 1 132 SER 132 129 ?   ?   ?   A . n 
A 1 133 GLN 133 130 ?   ?   ?   A . n 
A 1 134 LYS 134 131 ?   ?   ?   A . n 
A 1 135 LYS 135 132 ?   ?   ?   A . n 
A 1 136 LYS 136 133 ?   ?   ?   A . n 
A 1 137 ARG 137 134 ?   ?   ?   A . n 
A 1 138 LYS 138 135 ?   ?   ?   A . n 
A 1 139 TRP 139 136 ?   ?   ?   A . n 
A 1 140 LEU 140 137 ?   ?   ?   A . n 
A 1 141 PRO 141 138 ?   ?   ?   A . n 
A 1 142 PHE 142 139 ?   ?   ?   A . n 
# 
loop_
_pdbx_nonpoly_scheme.asym_id 
_pdbx_nonpoly_scheme.entity_id 
_pdbx_nonpoly_scheme.mon_id 
_pdbx_nonpoly_scheme.ndb_seq_num 
_pdbx_nonpoly_scheme.pdb_seq_num 
_pdbx_nonpoly_scheme.auth_seq_num 
_pdbx_nonpoly_scheme.pdb_mon_id 
_pdbx_nonpoly_scheme.auth_mon_id 
_pdbx_nonpoly_scheme.pdb_strand_id 
_pdbx_nonpoly_scheme.pdb_ins_code 
B 2 MG  1  201 1   MG  MG  A . 
C 3 HOH 1  202 1   HOH HOH A . 
C 3 HOH 2  203 2   HOH HOH A . 
C 3 HOH 3  204 3   HOH HOH A . 
C 3 HOH 4  205 4   HOH HOH A . 
C 3 HOH 5  206 5   HOH HOH A . 
C 3 HOH 6  207 6   HOH HOH A . 
C 3 HOH 7  208 7   HOH HOH A . 
C 3 HOH 8  209 8   HOH HOH A . 
C 3 HOH 9  210 9   HOH HOH A . 
C 3 HOH 10 211 10  HOH HOH A . 
C 3 HOH 11 212 11  HOH HOH A . 
C 3 HOH 12 213 12  HOH HOH A . 
C 3 HOH 13 214 13  HOH HOH A . 
C 3 HOH 14 215 14  HOH HOH A . 
C 3 HOH 15 216 15  HOH HOH A . 
C 3 HOH 16 217 16  HOH HOH A . 
C 3 HOH 17 218 17  HOH HOH A . 
C 3 HOH 18 219 18  HOH HOH A . 
C 3 HOH 19 220 19  HOH HOH A . 
C 3 HOH 20 221 20  HOH HOH A . 
C 3 HOH 21 222 21  HOH HOH A . 
C 3 HOH 22 223 22  HOH HOH A . 
C 3 HOH 23 224 23  HOH HOH A . 
C 3 HOH 24 225 24  HOH HOH A . 
C 3 HOH 25 226 25  HOH HOH A . 
C 3 HOH 26 227 26  HOH HOH A . 
C 3 HOH 27 228 30  HOH HOH A . 
C 3 HOH 28 229 31  HOH HOH A . 
C 3 HOH 29 230 32  HOH HOH A . 
C 3 HOH 30 231 33  HOH HOH A . 
C 3 HOH 31 232 34  HOH HOH A . 
C 3 HOH 32 233 35  HOH HOH A . 
C 3 HOH 33 234 36  HOH HOH A . 
C 3 HOH 34 235 37  HOH HOH A . 
C 3 HOH 35 236 38  HOH HOH A . 
C 3 HOH 36 237 39  HOH HOH A . 
C 3 HOH 37 238 40  HOH HOH A . 
C 3 HOH 38 239 41  HOH HOH A . 
C 3 HOH 39 240 42  HOH HOH A . 
C 3 HOH 40 241 43  HOH HOH A . 
C 3 HOH 41 242 44  HOH HOH A . 
C 3 HOH 42 243 45  HOH HOH A . 
C 3 HOH 43 244 46  HOH HOH A . 
C 3 HOH 44 245 47  HOH HOH A . 
C 3 HOH 45 246 48  HOH HOH A . 
C 3 HOH 46 247 50  HOH HOH A . 
C 3 HOH 47 248 51  HOH HOH A . 
C 3 HOH 48 249 52  HOH HOH A . 
C 3 HOH 49 250 53  HOH HOH A . 
C 3 HOH 50 251 54  HOH HOH A . 
C 3 HOH 51 252 55  HOH HOH A . 
C 3 HOH 52 253 56  HOH HOH A . 
C 3 HOH 53 254 57  HOH HOH A . 
C 3 HOH 54 255 59  HOH HOH A . 
C 3 HOH 55 256 60  HOH HOH A . 
C 3 HOH 56 257 61  HOH HOH A . 
C 3 HOH 57 258 62  HOH HOH A . 
C 3 HOH 58 259 63  HOH HOH A . 
C 3 HOH 59 260 64  HOH HOH A . 
C 3 HOH 60 261 66  HOH HOH A . 
C 3 HOH 61 262 67  HOH HOH A . 
C 3 HOH 62 263 68  HOH HOH A . 
C 3 HOH 63 264 69  HOH HOH A . 
C 3 HOH 64 265 70  HOH HOH A . 
C 3 HOH 65 266 74  HOH HOH A . 
C 3 HOH 66 267 75  HOH HOH A . 
C 3 HOH 67 268 76  HOH HOH A . 
C 3 HOH 68 269 83  HOH HOH A . 
C 3 HOH 69 270 86  HOH HOH A . 
C 3 HOH 70 271 87  HOH HOH A . 
C 3 HOH 71 272 90  HOH HOH A . 
C 3 HOH 72 273 94  HOH HOH A . 
C 3 HOH 73 274 95  HOH HOH A . 
C 3 HOH 74 275 96  HOH HOH A . 
C 3 HOH 75 276 102 HOH HOH A . 
C 3 HOH 76 277 105 HOH HOH A . 
C 3 HOH 77 278 106 HOH HOH A . 
C 3 HOH 78 279 107 HOH HOH A . 
C 3 HOH 79 280 109 HOH HOH A . 
C 3 HOH 80 281 110 HOH HOH A . 
C 3 HOH 81 282 111 HOH HOH A . 
C 3 HOH 82 283 112 HOH HOH A . 
C 3 HOH 83 284 115 HOH HOH A . 
# 
loop_
_software.name 
_software.classification 
_software.version 
_software.citation_id 
_software.pdbx_ordinal 
REFMAC      refinement        5.2.0019 ? 1 
SBC-Collect 'data collection' .        ? 2 
HKL-2000    'data reduction'  .        ? 3 
HKL-2000    'data scaling'    .        ? 4 
SHELX       phasing           .        ? 5 
autoSHARP   phasing           .        ? 6 
ARP/wARP    'model building'  .        ? 7 
Coot        'model building'  .        ? 8 
# 
_cell.entry_id           2OBB 
_cell.length_a           50.898 
_cell.length_b           50.898 
_cell.length_c           129.386 
_cell.angle_alpha        90.00 
_cell.angle_beta         90.00 
_cell.angle_gamma        90.00 
_cell.Z_PDB              8 
_cell.pdbx_unique_axis   ? 
_cell.length_a_esd       ? 
_cell.length_b_esd       ? 
_cell.length_c_esd       ? 
_cell.angle_alpha_esd    ? 
_cell.angle_beta_esd     ? 
_cell.angle_gamma_esd    ? 
# 
_symmetry.entry_id                         2OBB 
_symmetry.space_group_name_H-M             'P 43 21 2' 
_symmetry.pdbx_full_space_group_name_H-M   ? 
_symmetry.cell_setting                     ? 
_symmetry.Int_Tables_number                96 
_symmetry.space_group_name_Hall            ? 
# 
_exptl.entry_id          2OBB 
_exptl.method            'X-RAY DIFFRACTION' 
_exptl.crystals_number   1 
# 
_exptl_crystal.id                    1 
_exptl_crystal.density_meas          ? 
_exptl_crystal.density_Matthews      2.47 
_exptl_crystal.density_percent_sol   50.21 
_exptl_crystal.description           ? 
_exptl_crystal.F_000                 ? 
_exptl_crystal.preparation           ? 
# 
_exptl_crystal_grow.crystal_id      1 
_exptl_crystal_grow.method          'VAPOR DIFFUSION, SITTING DROP' 
_exptl_crystal_grow.temp            291 
_exptl_crystal_grow.temp_details    ? 
_exptl_crystal_grow.pH              6.5 
_exptl_crystal_grow.pdbx_details    
'0.2M MgCl2, 0.1M Bis-Tris pH 6.5, 25% PEG 3350, VAPOR DIFFUSION, SITTING DROP, temperature 291K' 
_exptl_crystal_grow.pdbx_pH_range   . 
# 
_diffrn.id                     1 
_diffrn.ambient_temp           100 
_diffrn.ambient_temp_details   ? 
_diffrn.crystal_id             1 
# 
_diffrn_detector.diffrn_id              1 
_diffrn_detector.detector               CCD 
_diffrn_detector.type                   'ADSC QUANTUM 315' 
_diffrn_detector.pdbx_collection_date   2005-12-21 
_diffrn_detector.details                ? 
# 
_diffrn_radiation.diffrn_id                        1 
_diffrn_radiation.wavelength_id                    1 
_diffrn_radiation.pdbx_monochromatic_or_laue_m_l   M 
_diffrn_radiation.monochromator                    'SAGITALLY FOCUSED Si(111)' 
_diffrn_radiation.pdbx_diffrn_protocol             MAD 
_diffrn_radiation.pdbx_scattering_type             x-ray 
# 
loop_
_diffrn_radiation_wavelength.id 
_diffrn_radiation_wavelength.wavelength 
_diffrn_radiation_wavelength.wt 
1 0.97906 1.0 
2 0.97923 1.0 
# 
_diffrn_source.diffrn_id                   1 
_diffrn_source.source                      SYNCHROTRON 
_diffrn_source.type                        'APS BEAMLINE 19-ID' 
_diffrn_source.pdbx_synchrotron_site       APS 
_diffrn_source.pdbx_synchrotron_beamline   19-ID 
_diffrn_source.pdbx_wavelength             ? 
_diffrn_source.pdbx_wavelength_list        '0.97906, 0.97923' 
# 
_reflns.entry_id                     2OBB 
_reflns.observed_criterion_sigma_F   0 
_reflns.observed_criterion_sigma_I   -3 
_reflns.d_resolution_high            2.2 
_reflns.d_resolution_low             32.34 
_reflns.number_all                   8658 
_reflns.number_obs                   8658 
_reflns.percent_possible_obs         94.1 
_reflns.pdbx_Rmerge_I_obs            ? 
_reflns.pdbx_Rsym_value              ? 
_reflns.pdbx_netI_over_sigmaI        9.0 
_reflns.B_iso_Wilson_estimate        42.3 
_reflns.pdbx_redundancy              14.3 
_reflns.R_free_details               ? 
_reflns.limit_h_max                  ? 
_reflns.limit_h_min                  ? 
_reflns.limit_k_max                  ? 
_reflns.limit_k_min                  ? 
_reflns.limit_l_max                  ? 
_reflns.limit_l_min                  ? 
_reflns.observed_criterion_F_max     ? 
_reflns.observed_criterion_F_min     ? 
_reflns.pdbx_chi_squared             ? 
_reflns.pdbx_scaling_rejects         ? 
_reflns.pdbx_ordinal                 1 
_reflns.pdbx_diffrn_id               1 
# 
_reflns_shell.d_res_high             2.2 
_reflns_shell.d_res_low              2.26 
_reflns_shell.percent_possible_all   65.4 
_reflns_shell.Rmerge_I_obs           ? 
_reflns_shell.pdbx_Rsym_value        ? 
_reflns_shell.meanI_over_sigI_obs    ? 
_reflns_shell.pdbx_redundancy        ? 
_reflns_shell.percent_possible_obs   ? 
_reflns_shell.number_unique_all      ? 
_reflns_shell.number_measured_all    ? 
_reflns_shell.number_measured_obs    ? 
_reflns_shell.number_unique_obs      ? 
_reflns_shell.pdbx_chi_squared       ? 
_reflns_shell.pdbx_ordinal           1 
_reflns_shell.pdbx_diffrn_id         1 
# 
_refine.entry_id                                 2OBB 
_refine.ls_number_reflns_obs                     8250 
_refine.ls_number_reflns_all                     8250 
_refine.pdbx_ls_sigma_I                          0 
_refine.pdbx_ls_sigma_F                          0 
_refine.pdbx_data_cutoff_high_absF               ? 
_refine.pdbx_data_cutoff_low_absF                ? 
_refine.pdbx_data_cutoff_high_rms_absF           ? 
_refine.ls_d_res_low                             32.34 
_refine.ls_d_res_high                            2.20 
_refine.ls_percent_reflns_obs                    94.24 
_refine.ls_R_factor_obs                          0.21382 
_refine.ls_R_factor_all                          0.21382 
_refine.ls_R_factor_R_work                       0.21227 
_refine.ls_R_factor_R_free                       0.24475 
_refine.ls_R_factor_R_free_error                 ? 
_refine.ls_R_factor_R_free_error_details         ? 
_refine.ls_percent_reflns_R_free                 4.7 
_refine.ls_number_reflns_R_free                  407 
_refine.ls_number_parameters                     ? 
_refine.ls_number_restraints                     ? 
_refine.occupancy_min                            ? 
_refine.occupancy_max                            ? 
_refine.correlation_coeff_Fo_to_Fc               0.955 
_refine.correlation_coeff_Fo_to_Fc_free          0.950 
_refine.B_iso_mean                               64.062 
_refine.aniso_B[1][1]                            2.28 
_refine.aniso_B[2][2]                            2.28 
_refine.aniso_B[3][3]                            -4.55 
_refine.aniso_B[1][2]                            0.00 
_refine.aniso_B[1][3]                            0.00 
_refine.aniso_B[2][3]                            0.00 
_refine.solvent_model_details                    MASK 
_refine.solvent_model_param_ksol                 ? 
_refine.solvent_model_param_bsol                 ? 
_refine.pdbx_solvent_vdw_probe_radii             1.20 
_refine.pdbx_solvent_ion_probe_radii             0.80 
_refine.pdbx_solvent_shrinkage_radii             0.80 
_refine.pdbx_ls_cross_valid_method               THROUGHOUT 
_refine.details                                  'HYDROGENS HAVE BEEN ADDED IN THE RIDING POSITIONS' 
_refine.pdbx_starting_model                      ? 
_refine.pdbx_method_to_determine_struct          MAD 
_refine.pdbx_isotropic_thermal_model             ? 
_refine.pdbx_stereochemistry_target_values       'MAXIMUM LIKELIHOOD WITH PHASES' 
_refine.pdbx_stereochem_target_val_spec_case     ? 
_refine.pdbx_R_Free_selection_details            RANDOM 
_refine.pdbx_overall_ESU_R                       0.266 
_refine.pdbx_overall_ESU_R_Free                  0.207 
_refine.overall_SU_ML                            0.173 
_refine.overall_SU_B                             12.946 
_refine.ls_redundancy_reflns_obs                 ? 
_refine.B_iso_min                                ? 
_refine.B_iso_max                                ? 
_refine.overall_SU_R_Cruickshank_DPI             ? 
_refine.overall_SU_R_free                        ? 
_refine.ls_wR_factor_R_free                      ? 
_refine.ls_wR_factor_R_work                      ? 
_refine.overall_FOM_free_R_set                   ? 
_refine.overall_FOM_work_R_set                   ? 
_refine.pdbx_refine_id                           'X-RAY DIFFRACTION' 
_refine.pdbx_TLS_residual_ADP_flag               'LIKELY RESIDUAL' 
_refine.pdbx_diffrn_id                           1 
_refine.pdbx_overall_phase_error                 ? 
_refine.pdbx_overall_SU_R_free_Cruickshank_DPI   ? 
_refine.pdbx_overall_SU_R_Blow_DPI               ? 
_refine.pdbx_overall_SU_R_free_Blow_DPI          ? 
# 
_refine_hist.pdbx_refine_id                   'X-RAY DIFFRACTION' 
_refine_hist.cycle_id                         LAST 
_refine_hist.pdbx_number_atoms_protein        1000 
_refine_hist.pdbx_number_atoms_nucleic_acid   0 
_refine_hist.pdbx_number_atoms_ligand         1 
_refine_hist.number_atoms_solvent             83 
_refine_hist.number_atoms_total               1084 
_refine_hist.d_res_high                       2.20 
_refine_hist.d_res_low                        32.34 
# 
loop_
_refine_ls_restr.type 
_refine_ls_restr.dev_ideal 
_refine_ls_restr.dev_ideal_target 
_refine_ls_restr.weight 
_refine_ls_restr.number 
_refine_ls_restr.pdbx_refine_id 
_refine_ls_restr.pdbx_restraint_function 
r_bond_refined_d         0.014  0.022  ? 1066 'X-RAY DIFFRACTION' ? 
r_angle_refined_deg      1.437  1.952  ? 1444 'X-RAY DIFFRACTION' ? 
r_dihedral_angle_1_deg   6.713  5.000  ? 127  'X-RAY DIFFRACTION' ? 
r_dihedral_angle_2_deg   33.437 24.237 ? 59   'X-RAY DIFFRACTION' ? 
r_dihedral_angle_3_deg   16.549 15.000 ? 191  'X-RAY DIFFRACTION' ? 
r_dihedral_angle_4_deg   13.725 15.000 ? 8    'X-RAY DIFFRACTION' ? 
r_chiral_restr           0.107  0.200  ? 148  'X-RAY DIFFRACTION' ? 
r_gen_planes_refined     0.005  0.020  ? 838  'X-RAY DIFFRACTION' ? 
r_nbd_refined            0.217  0.200  ? 501  'X-RAY DIFFRACTION' ? 
r_nbtor_refined          0.316  0.200  ? 729  'X-RAY DIFFRACTION' ? 
r_xyhbond_nbd_refined    0.125  0.200  ? 75   'X-RAY DIFFRACTION' ? 
r_metal_ion_refined      0.094  0.200  ? 1    'X-RAY DIFFRACTION' ? 
r_symmetry_vdw_refined   0.164  0.200  ? 49   'X-RAY DIFFRACTION' ? 
r_symmetry_hbond_refined 0.139  0.200  ? 16   'X-RAY DIFFRACTION' ? 
r_mcbond_it              0.844  1.500  ? 642  'X-RAY DIFFRACTION' ? 
r_mcangle_it             1.326  2.000  ? 1007 'X-RAY DIFFRACTION' ? 
r_scbond_it              1.947  3.000  ? 488  'X-RAY DIFFRACTION' ? 
r_scangle_it             3.078  4.500  ? 437  'X-RAY DIFFRACTION' ? 
# 
_refine_ls_shell.pdbx_total_number_of_bins_used   20 
_refine_ls_shell.d_res_high                       2.20 
_refine_ls_shell.d_res_low                        2.26 
_refine_ls_shell.number_reflns_R_work             404 
_refine_ls_shell.R_factor_R_work                  0.293 
_refine_ls_shell.percent_reflns_obs               65.38 
_refine_ls_shell.R_factor_R_free                  0.452 
_refine_ls_shell.R_factor_R_free_error            ? 
_refine_ls_shell.percent_reflns_R_free            ? 
_refine_ls_shell.number_reflns_R_free             21 
_refine_ls_shell.number_reflns_all                ? 
_refine_ls_shell.R_factor_all                     ? 
_refine_ls_shell.number_reflns_obs                ? 
_refine_ls_shell.redundancy_reflns_obs            ? 
_refine_ls_shell.pdbx_refine_id                   'X-RAY DIFFRACTION' 
# 
_struct.entry_id                  2OBB 
_struct.title                     'Structure of the conserved protein coded by locus BT_0820 from Bacteroides thetaiotaomicron' 
_struct.pdbx_model_details        ? 
_struct.pdbx_CASP_flag            ? 
_struct.pdbx_model_type_details   ? 
# 
_struct_keywords.entry_id        2OBB 
_struct_keywords.pdbx_keywords   'STRUCTURAL GENOMICS, UNKNOWN FUNCTION' 
_struct_keywords.text            
;Bacteroides thetaiotaomicron, structural genomics, PSI-2, Protein Structure Initiative, Midwest Center for Structural Genomics, MCSG, UNKNOWN FUNCTION
;
# 
loop_
_struct_asym.id 
_struct_asym.pdbx_blank_PDB_chainid_flag 
_struct_asym.pdbx_modified 
_struct_asym.entity_id 
_struct_asym.details 
A N N 1 ? 
B N N 2 ? 
C N N 3 ? 
# 
_struct_ref.id                         1 
_struct_ref.db_name                    UNP 
_struct_ref.db_code                    Q8A9J5_BACTN 
_struct_ref.pdbx_db_accession          Q8A9J5 
_struct_ref.entity_id                  1 
_struct_ref.pdbx_seq_one_letter_code   
;MTIAVDFDGTIVEHRYPRIGEEIPFAVETLKLLQQEKHRLILWSVREGELLDEAIEWCRARGLEFYAANKDYPEEERDHQ
GFSRKLKADLFIDDRNVGGIPDWGIIYEMIKEKKTFADIYSQQREENTSQKKKRKWLPF
;
_struct_ref.pdbx_align_begin           1 
_struct_ref.pdbx_db_isoform            ? 
# 
_struct_ref_seq.align_id                      1 
_struct_ref_seq.ref_id                        1 
_struct_ref_seq.pdbx_PDB_id_code              2OBB 
_struct_ref_seq.pdbx_strand_id                A 
_struct_ref_seq.seq_align_beg                 4 
_struct_ref_seq.pdbx_seq_align_beg_ins_code   ? 
_struct_ref_seq.seq_align_end                 142 
_struct_ref_seq.pdbx_seq_align_end_ins_code   ? 
_struct_ref_seq.pdbx_db_accession             Q8A9J5 
_struct_ref_seq.db_align_beg                  1 
_struct_ref_seq.pdbx_db_align_beg_ins_code    ? 
_struct_ref_seq.db_align_end                  139 
_struct_ref_seq.pdbx_db_align_end_ins_code    ? 
_struct_ref_seq.pdbx_auth_seq_align_beg       1 
_struct_ref_seq.pdbx_auth_seq_align_end       139 
# 
loop_
_struct_ref_seq_dif.align_id 
_struct_ref_seq_dif.pdbx_pdb_id_code 
_struct_ref_seq_dif.mon_id 
_struct_ref_seq_dif.pdbx_pdb_strand_id 
_struct_ref_seq_dif.seq_num 
_struct_ref_seq_dif.pdbx_pdb_ins_code 
_struct_ref_seq_dif.pdbx_seq_db_name 
_struct_ref_seq_dif.pdbx_seq_db_accession_code 
_struct_ref_seq_dif.db_mon_id 
_struct_ref_seq_dif.pdbx_seq_db_seq_num 
_struct_ref_seq_dif.details 
_struct_ref_seq_dif.pdbx_auth_seq_num 
_struct_ref_seq_dif.pdbx_ordinal 
1 2OBB SER A 1   ? UNP Q8A9J5 ?   ?   'cloning artifact' -2  1 
1 2OBB ASN A 2   ? UNP Q8A9J5 ?   ?   'cloning artifact' -1  2 
1 2OBB ALA A 3   ? UNP Q8A9J5 ?   ?   'cloning artifact' 0   3 
1 2OBB MSE A 4   ? UNP Q8A9J5 MET 1   'modified residue' 1   4 
1 2OBB MSE A 112 ? UNP Q8A9J5 MET 109 'modified residue' 109 5 
# 
_pdbx_struct_assembly.id                   1 
_pdbx_struct_assembly.details              author_and_software_defined_assembly 
_pdbx_struct_assembly.method_details       PISA,PQS 
_pdbx_struct_assembly.oligomeric_details   dimeric 
_pdbx_struct_assembly.oligomeric_count     2 
# 
loop_
_pdbx_struct_assembly_prop.biol_id 
_pdbx_struct_assembly_prop.type 
_pdbx_struct_assembly_prop.value 
_pdbx_struct_assembly_prop.details 
1 'ABSA (A^2)' 3220  ? 
1 MORE         -30   ? 
1 'SSA (A^2)'  12410 ? 
# 
_pdbx_struct_assembly_gen.assembly_id       1 
_pdbx_struct_assembly_gen.oper_expression   1,2 
_pdbx_struct_assembly_gen.asym_id_list      A,B,C 
# 
loop_
_pdbx_struct_oper_list.id 
_pdbx_struct_oper_list.type 
_pdbx_struct_oper_list.name 
_pdbx_struct_oper_list.symmetry_operation 
_pdbx_struct_oper_list.matrix[1][1] 
_pdbx_struct_oper_list.matrix[1][2] 
_pdbx_struct_oper_list.matrix[1][3] 
_pdbx_struct_oper_list.vector[1] 
_pdbx_struct_oper_list.matrix[2][1] 
_pdbx_struct_oper_list.matrix[2][2] 
_pdbx_struct_oper_list.matrix[2][3] 
_pdbx_struct_oper_list.vector[2] 
_pdbx_struct_oper_list.matrix[3][1] 
_pdbx_struct_oper_list.matrix[3][2] 
_pdbx_struct_oper_list.matrix[3][3] 
_pdbx_struct_oper_list.vector[3] 
1 'identity operation'         1_555 x,y,z        1.0000000000 0.0000000000 0.0000000000 0.0000000000   0.0000000000 1.0000000000  0.0000000000 0.0000000000 0.0000000000 0.0000000000 1.0000000000  0.0000000000  
2 'crystal symmetry operation' 8_555 -y,-x,-z+1/2 0.0111136017 0.8798753008 0.4750746709 -13.2849617919 0.8798753008 -0.2343288196 0.4134119730 7.7744501953 0.4750746709 0.4134119730 -0.7767847821 13.8758373486 
# 
_struct_biol.id   1 
# 
loop_
_struct_conf.conf_type_id 
_struct_conf.id 
_struct_conf.pdbx_PDB_helix_id 
_struct_conf.beg_label_comp_id 
_struct_conf.beg_label_asym_id 
_struct_conf.beg_label_seq_id 
_struct_conf.pdbx_beg_PDB_ins_code 
_struct_conf.end_label_comp_id 
_struct_conf.end_label_asym_id 
_struct_conf.end_label_seq_id 
_struct_conf.pdbx_end_PDB_ins_code 
_struct_conf.beg_auth_comp_id 
_struct_conf.beg_auth_asym_id 
_struct_conf.beg_auth_seq_id 
_struct_conf.end_auth_comp_id 
_struct_conf.end_auth_asym_id 
_struct_conf.end_auth_seq_id 
_struct_conf.pdbx_PDB_helix_class 
_struct_conf.details 
_struct_conf.pdbx_PDB_helix_length 
HELX_P HELX_P1 1 PHE A 28  ? GLU A 39  ? PHE A 25  GLU A 36  1 ? 12 
HELX_P HELX_P2 2 GLU A 50  ? ALA A 63  ? GLU A 47  ALA A 60  1 ? 14 
HELX_P HELX_P3 3 ASP A 105 ? LYS A 116 ? ASP A 102 LYS A 113 1 ? 12 
HELX_P HELX_P4 4 THR A 118 ? SER A 124 ? THR A 115 SER A 121 1 ? 7  
# 
_struct_conf_type.id          HELX_P 
_struct_conf_type.criteria    ? 
_struct_conf_type.reference   ? 
# 
loop_
_struct_conn.id 
_struct_conn.conn_type_id 
_struct_conn.pdbx_leaving_atom_flag 
_struct_conn.pdbx_PDB_id 
_struct_conn.ptnr1_label_asym_id 
_struct_conn.ptnr1_label_comp_id 
_struct_conn.ptnr1_label_seq_id 
_struct_conn.ptnr1_label_atom_id 
_struct_conn.pdbx_ptnr1_label_alt_id 
_struct_conn.pdbx_ptnr1_PDB_ins_code 
_struct_conn.pdbx_ptnr1_standard_comp_id 
_struct_conn.ptnr1_symmetry 
_struct_conn.ptnr2_label_asym_id 
_struct_conn.ptnr2_label_comp_id 
_struct_conn.ptnr2_label_seq_id 
_struct_conn.ptnr2_label_atom_id 
_struct_conn.pdbx_ptnr2_label_alt_id 
_struct_conn.pdbx_ptnr2_PDB_ins_code 
_struct_conn.ptnr1_auth_asym_id 
_struct_conn.ptnr1_auth_comp_id 
_struct_conn.ptnr1_auth_seq_id 
_struct_conn.ptnr2_auth_asym_id 
_struct_conn.ptnr2_auth_comp_id 
_struct_conn.ptnr2_auth_seq_id 
_struct_conn.ptnr2_symmetry 
_struct_conn.pdbx_ptnr3_label_atom_id 
_struct_conn.pdbx_ptnr3_label_seq_id 
_struct_conn.pdbx_ptnr3_label_comp_id 
_struct_conn.pdbx_ptnr3_label_asym_id 
_struct_conn.pdbx_ptnr3_label_alt_id 
_struct_conn.pdbx_ptnr3_PDB_ins_code 
_struct_conn.details 
_struct_conn.pdbx_dist_value 
_struct_conn.pdbx_value_order 
_struct_conn.pdbx_role 
covale1 covale both ? A ALA 3   C   ? ? ? 1_555 A MSE 4   N  ? ? A ALA 0   A MSE 1   1_555 ? ? ? ? ? ? ? 1.322 ? ? 
covale2 covale both ? A MSE 4   C   ? ? ? 1_555 A THR 5   N  ? ? A MSE 1   A THR 2   1_555 ? ? ? ? ? ? ? 1.322 ? ? 
covale3 covale both ? A GLU 111 C   ? ? ? 1_555 A MSE 112 N  ? ? A GLU 108 A MSE 109 1_555 ? ? ? ? ? ? ? 1.326 ? ? 
covale4 covale both ? A MSE 112 C   ? ? ? 1_555 A ILE 113 N  ? ? A MSE 109 A ILE 110 1_555 ? ? ? ? ? ? ? 1.331 ? ? 
metalc1 metalc ?    ? A ASP 9   OD2 ? ? ? 1_555 B MG  .   MG ? ? A ASP 6   A MG  201 1_555 ? ? ? ? ? ? ? 2.097 ? ? 
metalc2 metalc ?    ? A ASP 11  O   ? ? ? 1_555 B MG  .   MG ? ? A ASP 8   A MG  201 1_555 ? ? ? ? ? ? ? 1.897 ? ? 
metalc3 metalc ?    ? A ASP 97  OD1 ? ? ? 1_555 B MG  .   MG ? ? A ASP 94  A MG  201 1_555 ? ? ? ? ? ? ? 2.088 ? ? 
metalc4 metalc ?    ? B MG  .   MG  ? ? ? 1_555 C HOH .   O  ? ? A MG  201 A HOH 282 1_555 ? ? ? ? ? ? ? 2.116 ? ? 
metalc5 metalc ?    ? B MG  .   MG  ? ? ? 1_555 C HOH .   O  ? ? A MG  201 A HOH 283 1_555 ? ? ? ? ? ? ? 2.128 ? ? 
metalc6 metalc ?    ? B MG  .   MG  ? ? ? 1_555 C HOH .   O  ? ? A MG  201 A HOH 284 1_555 ? ? ? ? ? ? ? 2.017 ? ? 
# 
loop_
_struct_conn_type.id 
_struct_conn_type.criteria 
_struct_conn_type.reference 
covale ? ? 
metalc ? ? 
# 
loop_
_pdbx_struct_conn_angle.id 
_pdbx_struct_conn_angle.ptnr1_label_atom_id 
_pdbx_struct_conn_angle.ptnr1_label_alt_id 
_pdbx_struct_conn_angle.ptnr1_label_asym_id 
_pdbx_struct_conn_angle.ptnr1_label_comp_id 
_pdbx_struct_conn_angle.ptnr1_label_seq_id 
_pdbx_struct_conn_angle.ptnr1_auth_atom_id 
_pdbx_struct_conn_angle.ptnr1_auth_asym_id 
_pdbx_struct_conn_angle.ptnr1_auth_comp_id 
_pdbx_struct_conn_angle.ptnr1_auth_seq_id 
_pdbx_struct_conn_angle.ptnr1_PDB_ins_code 
_pdbx_struct_conn_angle.ptnr1_symmetry 
_pdbx_struct_conn_angle.ptnr2_label_atom_id 
_pdbx_struct_conn_angle.ptnr2_label_alt_id 
_pdbx_struct_conn_angle.ptnr2_label_asym_id 
_pdbx_struct_conn_angle.ptnr2_label_comp_id 
_pdbx_struct_conn_angle.ptnr2_label_seq_id 
_pdbx_struct_conn_angle.ptnr2_auth_atom_id 
_pdbx_struct_conn_angle.ptnr2_auth_asym_id 
_pdbx_struct_conn_angle.ptnr2_auth_comp_id 
_pdbx_struct_conn_angle.ptnr2_auth_seq_id 
_pdbx_struct_conn_angle.ptnr2_PDB_ins_code 
_pdbx_struct_conn_angle.ptnr2_symmetry 
_pdbx_struct_conn_angle.ptnr3_label_atom_id 
_pdbx_struct_conn_angle.ptnr3_label_alt_id 
_pdbx_struct_conn_angle.ptnr3_label_asym_id 
_pdbx_struct_conn_angle.ptnr3_label_comp_id 
_pdbx_struct_conn_angle.ptnr3_label_seq_id 
_pdbx_struct_conn_angle.ptnr3_auth_atom_id 
_pdbx_struct_conn_angle.ptnr3_auth_asym_id 
_pdbx_struct_conn_angle.ptnr3_auth_comp_id 
_pdbx_struct_conn_angle.ptnr3_auth_seq_id 
_pdbx_struct_conn_angle.ptnr3_PDB_ins_code 
_pdbx_struct_conn_angle.ptnr3_symmetry 
_pdbx_struct_conn_angle.value 
_pdbx_struct_conn_angle.value_esd 
1  OD2 ? A ASP 9  ? A ASP 6   ? 1_555 MG ? B MG . ? A MG 201 ? 1_555 O   ? A ASP 11 ? A ASP 8   ? 1_555 90.3  ? 
2  OD2 ? A ASP 9  ? A ASP 6   ? 1_555 MG ? B MG . ? A MG 201 ? 1_555 OD1 ? A ASP 97 ? A ASP 94  ? 1_555 86.6  ? 
3  O   ? A ASP 11 ? A ASP 8   ? 1_555 MG ? B MG . ? A MG 201 ? 1_555 OD1 ? A ASP 97 ? A ASP 94  ? 1_555 100.7 ? 
4  OD2 ? A ASP 9  ? A ASP 6   ? 1_555 MG ? B MG . ? A MG 201 ? 1_555 O   ? C HOH .  ? A HOH 282 ? 1_555 171.9 ? 
5  O   ? A ASP 11 ? A ASP 8   ? 1_555 MG ? B MG . ? A MG 201 ? 1_555 O   ? C HOH .  ? A HOH 282 ? 1_555 93.2  ? 
6  OD1 ? A ASP 97 ? A ASP 94  ? 1_555 MG ? B MG . ? A MG 201 ? 1_555 O   ? C HOH .  ? A HOH 282 ? 1_555 85.6  ? 
7  OD2 ? A ASP 9  ? A ASP 6   ? 1_555 MG ? B MG . ? A MG 201 ? 1_555 O   ? C HOH .  ? A HOH 283 ? 1_555 79.0  ? 
8  O   ? A ASP 11 ? A ASP 8   ? 1_555 MG ? B MG . ? A MG 201 ? 1_555 O   ? C HOH .  ? A HOH 283 ? 1_555 168.3 ? 
9  OD1 ? A ASP 97 ? A ASP 94  ? 1_555 MG ? B MG . ? A MG 201 ? 1_555 O   ? C HOH .  ? A HOH 283 ? 1_555 83.4  ? 
10 O   ? C HOH .  ? A HOH 282 ? 1_555 MG ? B MG . ? A MG 201 ? 1_555 O   ? C HOH .  ? A HOH 283 ? 1_555 98.1  ? 
11 OD2 ? A ASP 9  ? A ASP 6   ? 1_555 MG ? B MG . ? A MG 201 ? 1_555 O   ? C HOH .  ? A HOH 284 ? 1_555 93.3  ? 
12 O   ? A ASP 11 ? A ASP 8   ? 1_555 MG ? B MG . ? A MG 201 ? 1_555 O   ? C HOH .  ? A HOH 284 ? 1_555 95.9  ? 
13 OD1 ? A ASP 97 ? A ASP 94  ? 1_555 MG ? B MG . ? A MG 201 ? 1_555 O   ? C HOH .  ? A HOH 284 ? 1_555 163.4 ? 
14 O   ? C HOH .  ? A HOH 282 ? 1_555 MG ? B MG . ? A MG 201 ? 1_555 O   ? C HOH .  ? A HOH 284 ? 1_555 93.6  ? 
15 O   ? C HOH .  ? A HOH 283 ? 1_555 MG ? B MG . ? A MG 201 ? 1_555 O   ? C HOH .  ? A HOH 284 ? 1_555 80.3  ? 
# 
loop_
_pdbx_modification_feature.ordinal 
_pdbx_modification_feature.label_comp_id 
_pdbx_modification_feature.label_asym_id 
_pdbx_modification_feature.label_seq_id 
_pdbx_modification_feature.label_alt_id 
_pdbx_modification_feature.modified_residue_label_comp_id 
_pdbx_modification_feature.modified_residue_label_asym_id 
_pdbx_modification_feature.modified_residue_label_seq_id 
_pdbx_modification_feature.modified_residue_label_alt_id 
_pdbx_modification_feature.auth_comp_id 
_pdbx_modification_feature.auth_asym_id 
_pdbx_modification_feature.auth_seq_id 
_pdbx_modification_feature.PDB_ins_code 
_pdbx_modification_feature.symmetry 
_pdbx_modification_feature.modified_residue_auth_comp_id 
_pdbx_modification_feature.modified_residue_auth_asym_id 
_pdbx_modification_feature.modified_residue_auth_seq_id 
_pdbx_modification_feature.modified_residue_PDB_ins_code 
_pdbx_modification_feature.modified_residue_symmetry 
_pdbx_modification_feature.comp_id_linking_atom 
_pdbx_modification_feature.modified_residue_id_linking_atom 
_pdbx_modification_feature.modified_residue_id 
_pdbx_modification_feature.ref_pcm_id 
_pdbx_modification_feature.ref_comp_id 
_pdbx_modification_feature.type 
_pdbx_modification_feature.category 
1 MSE A 4   ? . . . . MSE A 1   ? 1_555 . . . . . . . MET 1 MSE Selenomethionine 'Named protein modification' 
2 MSE A 112 ? . . . . MSE A 109 ? 1_555 . . . . . . . MET 1 MSE Selenomethionine 'Named protein modification' 
# 
_struct_mon_prot_cis.pdbx_id                1 
_struct_mon_prot_cis.label_comp_id          TYR 
_struct_mon_prot_cis.label_seq_id           19 
_struct_mon_prot_cis.label_asym_id          A 
_struct_mon_prot_cis.label_alt_id           . 
_struct_mon_prot_cis.pdbx_PDB_ins_code      ? 
_struct_mon_prot_cis.auth_comp_id           TYR 
_struct_mon_prot_cis.auth_seq_id            16 
_struct_mon_prot_cis.auth_asym_id           A 
_struct_mon_prot_cis.pdbx_label_comp_id_2   PRO 
_struct_mon_prot_cis.pdbx_label_seq_id_2    20 
_struct_mon_prot_cis.pdbx_label_asym_id_2   A 
_struct_mon_prot_cis.pdbx_PDB_ins_code_2    ? 
_struct_mon_prot_cis.pdbx_auth_comp_id_2    PRO 
_struct_mon_prot_cis.pdbx_auth_seq_id_2     17 
_struct_mon_prot_cis.pdbx_auth_asym_id_2    A 
_struct_mon_prot_cis.pdbx_PDB_model_num     1 
_struct_mon_prot_cis.pdbx_omega_angle       4.92 
# 
_struct_sheet.id               A 
_struct_sheet.type             ? 
_struct_sheet.number_strands   4 
_struct_sheet.details          ? 
# 
loop_
_struct_sheet_order.sheet_id 
_struct_sheet_order.range_id_1 
_struct_sheet_order.range_id_2 
_struct_sheet_order.offset 
_struct_sheet_order.sense 
A 1 2 ? parallel 
A 2 3 ? parallel 
A 3 4 ? parallel 
# 
loop_
_struct_sheet_range.sheet_id 
_struct_sheet_range.id 
_struct_sheet_range.beg_label_comp_id 
_struct_sheet_range.beg_label_asym_id 
_struct_sheet_range.beg_label_seq_id 
_struct_sheet_range.pdbx_beg_PDB_ins_code 
_struct_sheet_range.end_label_comp_id 
_struct_sheet_range.end_label_asym_id 
_struct_sheet_range.end_label_seq_id 
_struct_sheet_range.pdbx_end_PDB_ins_code 
_struct_sheet_range.beg_auth_comp_id 
_struct_sheet_range.beg_auth_asym_id 
_struct_sheet_range.beg_auth_seq_id 
_struct_sheet_range.end_auth_comp_id 
_struct_sheet_range.end_auth_asym_id 
_struct_sheet_range.end_auth_seq_id 
A 1 ALA A 70 ? ALA A 71 ? ALA A 67 ALA A 68 
A 2 ARG A 42 ? LEU A 45 ? ARG A 39 LEU A 42 
A 3 THR A 5  ? VAL A 8  ? THR A 2  VAL A 5  
A 4 LEU A 93 ? ILE A 95 ? LEU A 90 ILE A 92 
# 
loop_
_pdbx_struct_sheet_hbond.sheet_id 
_pdbx_struct_sheet_hbond.range_id_1 
_pdbx_struct_sheet_hbond.range_id_2 
_pdbx_struct_sheet_hbond.range_1_label_atom_id 
_pdbx_struct_sheet_hbond.range_1_label_comp_id 
_pdbx_struct_sheet_hbond.range_1_label_asym_id 
_pdbx_struct_sheet_hbond.range_1_label_seq_id 
_pdbx_struct_sheet_hbond.range_1_PDB_ins_code 
_pdbx_struct_sheet_hbond.range_1_auth_atom_id 
_pdbx_struct_sheet_hbond.range_1_auth_comp_id 
_pdbx_struct_sheet_hbond.range_1_auth_asym_id 
_pdbx_struct_sheet_hbond.range_1_auth_seq_id 
_pdbx_struct_sheet_hbond.range_2_label_atom_id 
_pdbx_struct_sheet_hbond.range_2_label_comp_id 
_pdbx_struct_sheet_hbond.range_2_label_asym_id 
_pdbx_struct_sheet_hbond.range_2_label_seq_id 
_pdbx_struct_sheet_hbond.range_2_PDB_ins_code 
_pdbx_struct_sheet_hbond.range_2_auth_atom_id 
_pdbx_struct_sheet_hbond.range_2_auth_comp_id 
_pdbx_struct_sheet_hbond.range_2_auth_asym_id 
_pdbx_struct_sheet_hbond.range_2_auth_seq_id 
A 1 2 O ALA A 70 ? O ALA A 67 N LEU A 45 ? N LEU A 42 
A 2 3 O ARG A 42 ? O ARG A 39 N ILE A 6  ? N ILE A 3  
A 3 4 N ALA A 7  ? N ALA A 4  O LEU A 93 ? O LEU A 90 
# 
_struct_site.id                   AC1 
_struct_site.pdbx_evidence_code   Software 
_struct_site.pdbx_auth_asym_id    A 
_struct_site.pdbx_auth_comp_id    MG 
_struct_site.pdbx_auth_seq_id     201 
_struct_site.pdbx_auth_ins_code   ? 
_struct_site.pdbx_num_residues    6 
_struct_site.details              'BINDING SITE FOR RESIDUE MG A 201' 
# 
loop_
_struct_site_gen.id 
_struct_site_gen.site_id 
_struct_site_gen.pdbx_num_res 
_struct_site_gen.label_comp_id 
_struct_site_gen.label_asym_id 
_struct_site_gen.label_seq_id 
_struct_site_gen.pdbx_auth_ins_code 
_struct_site_gen.auth_comp_id 
_struct_site_gen.auth_asym_id 
_struct_site_gen.auth_seq_id 
_struct_site_gen.label_atom_id 
_struct_site_gen.label_alt_id 
_struct_site_gen.symmetry 
_struct_site_gen.details 
1 AC1 6 ASP A 9  ? ASP A 6   . ? 1_555 ? 
2 AC1 6 ASP A 11 ? ASP A 8   . ? 1_555 ? 
3 AC1 6 ASP A 97 ? ASP A 94  . ? 1_555 ? 
4 AC1 6 HOH C .  ? HOH A 282 . ? 1_555 ? 
5 AC1 6 HOH C .  ? HOH A 283 . ? 1_555 ? 
6 AC1 6 HOH C .  ? HOH A 284 . ? 1_555 ? 
# 
_pdbx_entry_details.entry_id                   2OBB 
_pdbx_entry_details.compound_details           ? 
_pdbx_entry_details.source_details             ? 
_pdbx_entry_details.nonpolymer_details         ? 
_pdbx_entry_details.sequence_details           ? 
_pdbx_entry_details.has_ligand_of_interest     ? 
_pdbx_entry_details.has_protein_modification   Y 
# 
loop_
_pdbx_validate_torsion.id 
_pdbx_validate_torsion.PDB_model_num 
_pdbx_validate_torsion.auth_comp_id 
_pdbx_validate_torsion.auth_asym_id 
_pdbx_validate_torsion.auth_seq_id 
_pdbx_validate_torsion.PDB_ins_code 
_pdbx_validate_torsion.label_alt_id 
_pdbx_validate_torsion.phi 
_pdbx_validate_torsion.psi 
1 1 PHE A 7   ? ? -101.16 -72.37 
2 1 LYS A 37  ? ? 84.54   12.66  
3 1 PRO A 73  ? ? -57.24  5.70   
4 1 PRO A 73  ? ? -58.14  5.70   
5 1 GLU A 74  ? ? -142.54 30.67  
6 1 GLN A 80  ? ? -126.68 -77.47 
7 1 ALA A 88  ? ? -44.93  153.66 
8 1 LYS A 113 ? ? 51.76   73.73  
# 
_pdbx_SG_project.id                    1 
_pdbx_SG_project.project_name          'PSI, Protein Structure Initiative' 
_pdbx_SG_project.full_name_of_center   'Midwest Center for Structural Genomics' 
_pdbx_SG_project.initial_of_center     MCSG 
# 
loop_
_pdbx_struct_mod_residue.id 
_pdbx_struct_mod_residue.label_asym_id 
_pdbx_struct_mod_residue.label_comp_id 
_pdbx_struct_mod_residue.label_seq_id 
_pdbx_struct_mod_residue.auth_asym_id 
_pdbx_struct_mod_residue.auth_comp_id 
_pdbx_struct_mod_residue.auth_seq_id 
_pdbx_struct_mod_residue.PDB_ins_code 
_pdbx_struct_mod_residue.parent_comp_id 
_pdbx_struct_mod_residue.details 
1 A MSE 4   A MSE 1   ? MET SELENOMETHIONINE 
2 A MSE 112 A MSE 109 ? MET SELENOMETHIONINE 
# 
loop_
_pdbx_struct_special_symmetry.id 
_pdbx_struct_special_symmetry.PDB_model_num 
_pdbx_struct_special_symmetry.auth_asym_id 
_pdbx_struct_special_symmetry.auth_comp_id 
_pdbx_struct_special_symmetry.auth_seq_id 
_pdbx_struct_special_symmetry.PDB_ins_code 
_pdbx_struct_special_symmetry.label_asym_id 
_pdbx_struct_special_symmetry.label_comp_id 
_pdbx_struct_special_symmetry.label_seq_id 
1 1 A HOH 203 ? C HOH . 
2 1 A HOH 220 ? C HOH . 
# 
_pdbx_refine_tls.id               1 
_pdbx_refine_tls.details          ? 
_pdbx_refine_tls.method           refined 
_pdbx_refine_tls.origin_x         -0.0369 
_pdbx_refine_tls.origin_y         -0.1561 
_pdbx_refine_tls.origin_z         0.0702 
_pdbx_refine_tls.T[1][1]          -0.2388 
_pdbx_refine_tls.T[2][2]          -0.1617 
_pdbx_refine_tls.T[3][3]          -0.2791 
_pdbx_refine_tls.T[1][2]          0.0508 
_pdbx_refine_tls.T[1][3]          0.0277 
_pdbx_refine_tls.T[2][3]          -0.0076 
_pdbx_refine_tls.L[1][1]          3.8739 
_pdbx_refine_tls.L[2][2]          3.2161 
_pdbx_refine_tls.L[3][3]          3.3308 
_pdbx_refine_tls.L[1][2]          -1.1735 
_pdbx_refine_tls.L[1][3]          0.3103 
_pdbx_refine_tls.L[2][3]          -0.1226 
_pdbx_refine_tls.S[1][1]          0.0857 
_pdbx_refine_tls.S[1][2]          0.1387 
_pdbx_refine_tls.S[1][3]          -0.0452 
_pdbx_refine_tls.S[2][1]          -0.1089 
_pdbx_refine_tls.S[2][2]          -0.0684 
_pdbx_refine_tls.S[2][3]          -0.0337 
_pdbx_refine_tls.S[3][1]          0.0513 
_pdbx_refine_tls.S[3][2]          0.2763 
_pdbx_refine_tls.S[3][3]          -0.0173 
_pdbx_refine_tls.pdbx_refine_id   'X-RAY DIFFRACTION' 
# 
_pdbx_refine_tls_group.id                  1 
_pdbx_refine_tls_group.refine_tls_id       1 
_pdbx_refine_tls_group.beg_auth_asym_id    A 
_pdbx_refine_tls_group.beg_auth_seq_id     -1 
_pdbx_refine_tls_group.beg_label_asym_id   A 
_pdbx_refine_tls_group.beg_label_seq_id    2 
_pdbx_refine_tls_group.end_auth_asym_id    A 
_pdbx_refine_tls_group.end_auth_seq_id     122 
_pdbx_refine_tls_group.end_label_asym_id   A 
_pdbx_refine_tls_group.end_label_seq_id    125 
_pdbx_refine_tls_group.selection           ? 
_pdbx_refine_tls_group.pdbx_refine_id      'X-RAY DIFFRACTION' 
_pdbx_refine_tls_group.selection_details   ? 
# 
_pdbx_database_remark.id     300 
_pdbx_database_remark.text   
;
BIOMOLECULE: 1
THIS ENTRY CONTAINS THE CRYSTALLOGRAPHIC ASYMMETRIC UNIT
WHICH CONSISTS OF 1 CHAIN. AUTHORS STATE THAT THE
BIOLOGICAL UNIT OF THIS PROTEIN IS UNKNOWN. THE DIMERIC 
ASSEMBLY SHOWN IN REMARK 350 IS PREDICTED BY THE ANALYSIS 
OF PROTEIN INTERFACES BASED ON THIS CRYSTAL STRUCTURE.
;
# 
loop_
_pdbx_unobs_or_zero_occ_residues.id 
_pdbx_unobs_or_zero_occ_residues.PDB_model_num 
_pdbx_unobs_or_zero_occ_residues.polymer_flag 
_pdbx_unobs_or_zero_occ_residues.occupancy_flag 
_pdbx_unobs_or_zero_occ_residues.auth_asym_id 
_pdbx_unobs_or_zero_occ_residues.auth_comp_id 
_pdbx_unobs_or_zero_occ_residues.auth_seq_id 
_pdbx_unobs_or_zero_occ_residues.PDB_ins_code 
_pdbx_unobs_or_zero_occ_residues.label_asym_id 
_pdbx_unobs_or_zero_occ_residues.label_comp_id 
_pdbx_unobs_or_zero_occ_residues.label_seq_id 
1  1 Y 1 A SER -2  ? A SER 1   
2  1 Y 1 A GLU 76  ? A GLU 79  
3  1 Y 1 A ARG 77  ? A ARG 80  
4  1 Y 1 A ASP 78  ? A ASP 81  
5  1 Y 1 A GLN 123 ? A GLN 126 
6  1 Y 1 A ARG 124 ? A ARG 127 
7  1 Y 1 A GLU 125 ? A GLU 128 
8  1 Y 1 A GLU 126 ? A GLU 129 
9  1 Y 1 A ASN 127 ? A ASN 130 
10 1 Y 1 A THR 128 ? A THR 131 
11 1 Y 1 A SER 129 ? A SER 132 
12 1 Y 1 A GLN 130 ? A GLN 133 
13 1 Y 1 A LYS 131 ? A LYS 134 
14 1 Y 1 A LYS 132 ? A LYS 135 
15 1 Y 1 A LYS 133 ? A LYS 136 
16 1 Y 1 A ARG 134 ? A ARG 137 
17 1 Y 1 A LYS 135 ? A LYS 138 
18 1 Y 1 A TRP 136 ? A TRP 139 
19 1 Y 1 A LEU 137 ? A LEU 140 
20 1 Y 1 A PRO 138 ? A PRO 141 
21 1 Y 1 A PHE 139 ? A PHE 142 
# 
loop_
_chem_comp_atom.comp_id 
_chem_comp_atom.atom_id 
_chem_comp_atom.type_symbol 
_chem_comp_atom.pdbx_aromatic_flag 
_chem_comp_atom.pdbx_stereo_config 
_chem_comp_atom.pdbx_ordinal 
ALA N    N  N N 1   
ALA CA   C  N S 2   
ALA C    C  N N 3   
ALA O    O  N N 4   
ALA CB   C  N N 5   
ALA OXT  O  N N 6   
ALA H    H  N N 7   
ALA H2   H  N N 8   
ALA HA   H  N N 9   
ALA HB1  H  N N 10  
ALA HB2  H  N N 11  
ALA HB3  H  N N 12  
ALA HXT  H  N N 13  
ARG N    N  N N 14  
ARG CA   C  N S 15  
ARG C    C  N N 16  
ARG O    O  N N 17  
ARG CB   C  N N 18  
ARG CG   C  N N 19  
ARG CD   C  N N 20  
ARG NE   N  N N 21  
ARG CZ   C  N N 22  
ARG NH1  N  N N 23  
ARG NH2  N  N N 24  
ARG OXT  O  N N 25  
ARG H    H  N N 26  
ARG H2   H  N N 27  
ARG HA   H  N N 28  
ARG HB2  H  N N 29  
ARG HB3  H  N N 30  
ARG HG2  H  N N 31  
ARG HG3  H  N N 32  
ARG HD2  H  N N 33  
ARG HD3  H  N N 34  
ARG HE   H  N N 35  
ARG HH11 H  N N 36  
ARG HH12 H  N N 37  
ARG HH21 H  N N 38  
ARG HH22 H  N N 39  
ARG HXT  H  N N 40  
ASN N    N  N N 41  
ASN CA   C  N S 42  
ASN C    C  N N 43  
ASN O    O  N N 44  
ASN CB   C  N N 45  
ASN CG   C  N N 46  
ASN OD1  O  N N 47  
ASN ND2  N  N N 48  
ASN OXT  O  N N 49  
ASN H    H  N N 50  
ASN H2   H  N N 51  
ASN HA   H  N N 52  
ASN HB2  H  N N 53  
ASN HB3  H  N N 54  
ASN HD21 H  N N 55  
ASN HD22 H  N N 56  
ASN HXT  H  N N 57  
ASP N    N  N N 58  
ASP CA   C  N S 59  
ASP C    C  N N 60  
ASP O    O  N N 61  
ASP CB   C  N N 62  
ASP CG   C  N N 63  
ASP OD1  O  N N 64  
ASP OD2  O  N N 65  
ASP OXT  O  N N 66  
ASP H    H  N N 67  
ASP H2   H  N N 68  
ASP HA   H  N N 69  
ASP HB2  H  N N 70  
ASP HB3  H  N N 71  
ASP HD2  H  N N 72  
ASP HXT  H  N N 73  
CYS N    N  N N 74  
CYS CA   C  N R 75  
CYS C    C  N N 76  
CYS O    O  N N 77  
CYS CB   C  N N 78  
CYS SG   S  N N 79  
CYS OXT  O  N N 80  
CYS H    H  N N 81  
CYS H2   H  N N 82  
CYS HA   H  N N 83  
CYS HB2  H  N N 84  
CYS HB3  H  N N 85  
CYS HG   H  N N 86  
CYS HXT  H  N N 87  
GLN N    N  N N 88  
GLN CA   C  N S 89  
GLN C    C  N N 90  
GLN O    O  N N 91  
GLN CB   C  N N 92  
GLN CG   C  N N 93  
GLN CD   C  N N 94  
GLN OE1  O  N N 95  
GLN NE2  N  N N 96  
GLN OXT  O  N N 97  
GLN H    H  N N 98  
GLN H2   H  N N 99  
GLN HA   H  N N 100 
GLN HB2  H  N N 101 
GLN HB3  H  N N 102 
GLN HG2  H  N N 103 
GLN HG3  H  N N 104 
GLN HE21 H  N N 105 
GLN HE22 H  N N 106 
GLN HXT  H  N N 107 
GLU N    N  N N 108 
GLU CA   C  N S 109 
GLU C    C  N N 110 
GLU O    O  N N 111 
GLU CB   C  N N 112 
GLU CG   C  N N 113 
GLU CD   C  N N 114 
GLU OE1  O  N N 115 
GLU OE2  O  N N 116 
GLU OXT  O  N N 117 
GLU H    H  N N 118 
GLU H2   H  N N 119 
GLU HA   H  N N 120 
GLU HB2  H  N N 121 
GLU HB3  H  N N 122 
GLU HG2  H  N N 123 
GLU HG3  H  N N 124 
GLU HE2  H  N N 125 
GLU HXT  H  N N 126 
GLY N    N  N N 127 
GLY CA   C  N N 128 
GLY C    C  N N 129 
GLY O    O  N N 130 
GLY OXT  O  N N 131 
GLY H    H  N N 132 
GLY H2   H  N N 133 
GLY HA2  H  N N 134 
GLY HA3  H  N N 135 
GLY HXT  H  N N 136 
HIS N    N  N N 137 
HIS CA   C  N S 138 
HIS C    C  N N 139 
HIS O    O  N N 140 
HIS CB   C  N N 141 
HIS CG   C  Y N 142 
HIS ND1  N  Y N 143 
HIS CD2  C  Y N 144 
HIS CE1  C  Y N 145 
HIS NE2  N  Y N 146 
HIS OXT  O  N N 147 
HIS H    H  N N 148 
HIS H2   H  N N 149 
HIS HA   H  N N 150 
HIS HB2  H  N N 151 
HIS HB3  H  N N 152 
HIS HD1  H  N N 153 
HIS HD2  H  N N 154 
HIS HE1  H  N N 155 
HIS HE2  H  N N 156 
HIS HXT  H  N N 157 
HOH O    O  N N 158 
HOH H1   H  N N 159 
HOH H2   H  N N 160 
ILE N    N  N N 161 
ILE CA   C  N S 162 
ILE C    C  N N 163 
ILE O    O  N N 164 
ILE CB   C  N S 165 
ILE CG1  C  N N 166 
ILE CG2  C  N N 167 
ILE CD1  C  N N 168 
ILE OXT  O  N N 169 
ILE H    H  N N 170 
ILE H2   H  N N 171 
ILE HA   H  N N 172 
ILE HB   H  N N 173 
ILE HG12 H  N N 174 
ILE HG13 H  N N 175 
ILE HG21 H  N N 176 
ILE HG22 H  N N 177 
ILE HG23 H  N N 178 
ILE HD11 H  N N 179 
ILE HD12 H  N N 180 
ILE HD13 H  N N 181 
ILE HXT  H  N N 182 
LEU N    N  N N 183 
LEU CA   C  N S 184 
LEU C    C  N N 185 
LEU O    O  N N 186 
LEU CB   C  N N 187 
LEU CG   C  N N 188 
LEU CD1  C  N N 189 
LEU CD2  C  N N 190 
LEU OXT  O  N N 191 
LEU H    H  N N 192 
LEU H2   H  N N 193 
LEU HA   H  N N 194 
LEU HB2  H  N N 195 
LEU HB3  H  N N 196 
LEU HG   H  N N 197 
LEU HD11 H  N N 198 
LEU HD12 H  N N 199 
LEU HD13 H  N N 200 
LEU HD21 H  N N 201 
LEU HD22 H  N N 202 
LEU HD23 H  N N 203 
LEU HXT  H  N N 204 
LYS N    N  N N 205 
LYS CA   C  N S 206 
LYS C    C  N N 207 
LYS O    O  N N 208 
LYS CB   C  N N 209 
LYS CG   C  N N 210 
LYS CD   C  N N 211 
LYS CE   C  N N 212 
LYS NZ   N  N N 213 
LYS OXT  O  N N 214 
LYS H    H  N N 215 
LYS H2   H  N N 216 
LYS HA   H  N N 217 
LYS HB2  H  N N 218 
LYS HB3  H  N N 219 
LYS HG2  H  N N 220 
LYS HG3  H  N N 221 
LYS HD2  H  N N 222 
LYS HD3  H  N N 223 
LYS HE2  H  N N 224 
LYS HE3  H  N N 225 
LYS HZ1  H  N N 226 
LYS HZ2  H  N N 227 
LYS HZ3  H  N N 228 
LYS HXT  H  N N 229 
MET N    N  N N 230 
MET CA   C  N S 231 
MET C    C  N N 232 
MET O    O  N N 233 
MET CB   C  N N 234 
MET CG   C  N N 235 
MET SD   S  N N 236 
MET CE   C  N N 237 
MET OXT  O  N N 238 
MET H    H  N N 239 
MET H2   H  N N 240 
MET HA   H  N N 241 
MET HB2  H  N N 242 
MET HB3  H  N N 243 
MET HG2  H  N N 244 
MET HG3  H  N N 245 
MET HE1  H  N N 246 
MET HE2  H  N N 247 
MET HE3  H  N N 248 
MET HXT  H  N N 249 
MG  MG   MG N N 250 
MSE N    N  N N 251 
MSE CA   C  N S 252 
MSE C    C  N N 253 
MSE O    O  N N 254 
MSE OXT  O  N N 255 
MSE CB   C  N N 256 
MSE CG   C  N N 257 
MSE SE   SE N N 258 
MSE CE   C  N N 259 
MSE H    H  N N 260 
MSE H2   H  N N 261 
MSE HA   H  N N 262 
MSE HXT  H  N N 263 
MSE HB2  H  N N 264 
MSE HB3  H  N N 265 
MSE HG2  H  N N 266 
MSE HG3  H  N N 267 
MSE HE1  H  N N 268 
MSE HE2  H  N N 269 
MSE HE3  H  N N 270 
PHE N    N  N N 271 
PHE CA   C  N S 272 
PHE C    C  N N 273 
PHE O    O  N N 274 
PHE CB   C  N N 275 
PHE CG   C  Y N 276 
PHE CD1  C  Y N 277 
PHE CD2  C  Y N 278 
PHE CE1  C  Y N 279 
PHE CE2  C  Y N 280 
PHE CZ   C  Y N 281 
PHE OXT  O  N N 282 
PHE H    H  N N 283 
PHE H2   H  N N 284 
PHE HA   H  N N 285 
PHE HB2  H  N N 286 
PHE HB3  H  N N 287 
PHE HD1  H  N N 288 
PHE HD2  H  N N 289 
PHE HE1  H  N N 290 
PHE HE2  H  N N 291 
PHE HZ   H  N N 292 
PHE HXT  H  N N 293 
PRO N    N  N N 294 
PRO CA   C  N S 295 
PRO C    C  N N 296 
PRO O    O  N N 297 
PRO CB   C  N N 298 
PRO CG   C  N N 299 
PRO CD   C  N N 300 
PRO OXT  O  N N 301 
PRO H    H  N N 302 
PRO HA   H  N N 303 
PRO HB2  H  N N 304 
PRO HB3  H  N N 305 
PRO HG2  H  N N 306 
PRO HG3  H  N N 307 
PRO HD2  H  N N 308 
PRO HD3  H  N N 309 
PRO HXT  H  N N 310 
SER N    N  N N 311 
SER CA   C  N S 312 
SER C    C  N N 313 
SER O    O  N N 314 
SER CB   C  N N 315 
SER OG   O  N N 316 
SER OXT  O  N N 317 
SER H    H  N N 318 
SER H2   H  N N 319 
SER HA   H  N N 320 
SER HB2  H  N N 321 
SER HB3  H  N N 322 
SER HG   H  N N 323 
SER HXT  H  N N 324 
THR N    N  N N 325 
THR CA   C  N S 326 
THR C    C  N N 327 
THR O    O  N N 328 
THR CB   C  N R 329 
THR OG1  O  N N 330 
THR CG2  C  N N 331 
THR OXT  O  N N 332 
THR H    H  N N 333 
THR H2   H  N N 334 
THR HA   H  N N 335 
THR HB   H  N N 336 
THR HG1  H  N N 337 
THR HG21 H  N N 338 
THR HG22 H  N N 339 
THR HG23 H  N N 340 
THR HXT  H  N N 341 
TRP N    N  N N 342 
TRP CA   C  N S 343 
TRP C    C  N N 344 
TRP O    O  N N 345 
TRP CB   C  N N 346 
TRP CG   C  Y N 347 
TRP CD1  C  Y N 348 
TRP CD2  C  Y N 349 
TRP NE1  N  Y N 350 
TRP CE2  C  Y N 351 
TRP CE3  C  Y N 352 
TRP CZ2  C  Y N 353 
TRP CZ3  C  Y N 354 
TRP CH2  C  Y N 355 
TRP OXT  O  N N 356 
TRP H    H  N N 357 
TRP H2   H  N N 358 
TRP HA   H  N N 359 
TRP HB2  H  N N 360 
TRP HB3  H  N N 361 
TRP HD1  H  N N 362 
TRP HE1  H  N N 363 
TRP HE3  H  N N 364 
TRP HZ2  H  N N 365 
TRP HZ3  H  N N 366 
TRP HH2  H  N N 367 
TRP HXT  H  N N 368 
TYR N    N  N N 369 
TYR CA   C  N S 370 
TYR C    C  N N 371 
TYR O    O  N N 372 
TYR CB   C  N N 373 
TYR CG   C  Y N 374 
TYR CD1  C  Y N 375 
TYR CD2  C  Y N 376 
TYR CE1  C  Y N 377 
TYR CE2  C  Y N 378 
TYR CZ   C  Y N 379 
TYR OH   O  N N 380 
TYR OXT  O  N N 381 
TYR H    H  N N 382 
TYR H2   H  N N 383 
TYR HA   H  N N 384 
TYR HB2  H  N N 385 
TYR HB3  H  N N 386 
TYR HD1  H  N N 387 
TYR HD2  H  N N 388 
TYR HE1  H  N N 389 
TYR HE2  H  N N 390 
TYR HH   H  N N 391 
TYR HXT  H  N N 392 
VAL N    N  N N 393 
VAL CA   C  N S 394 
VAL C    C  N N 395 
VAL O    O  N N 396 
VAL CB   C  N N 397 
VAL CG1  C  N N 398 
VAL CG2  C  N N 399 
VAL OXT  O  N N 400 
VAL H    H  N N 401 
VAL H2   H  N N 402 
VAL HA   H  N N 403 
VAL HB   H  N N 404 
VAL HG11 H  N N 405 
VAL HG12 H  N N 406 
VAL HG13 H  N N 407 
VAL HG21 H  N N 408 
VAL HG22 H  N N 409 
VAL HG23 H  N N 410 
VAL HXT  H  N N 411 
# 
loop_
_chem_comp_bond.comp_id 
_chem_comp_bond.atom_id_1 
_chem_comp_bond.atom_id_2 
_chem_comp_bond.value_order 
_chem_comp_bond.pdbx_aromatic_flag 
_chem_comp_bond.pdbx_stereo_config 
_chem_comp_bond.pdbx_ordinal 
ALA N   CA   sing N N 1   
ALA N   H    sing N N 2   
ALA N   H2   sing N N 3   
ALA CA  C    sing N N 4   
ALA CA  CB   sing N N 5   
ALA CA  HA   sing N N 6   
ALA C   O    doub N N 7   
ALA C   OXT  sing N N 8   
ALA CB  HB1  sing N N 9   
ALA CB  HB2  sing N N 10  
ALA CB  HB3  sing N N 11  
ALA OXT HXT  sing N N 12  
ARG N   CA   sing N N 13  
ARG N   H    sing N N 14  
ARG N   H2   sing N N 15  
ARG CA  C    sing N N 16  
ARG CA  CB   sing N N 17  
ARG CA  HA   sing N N 18  
ARG C   O    doub N N 19  
ARG C   OXT  sing N N 20  
ARG CB  CG   sing N N 21  
ARG CB  HB2  sing N N 22  
ARG CB  HB3  sing N N 23  
ARG CG  CD   sing N N 24  
ARG CG  HG2  sing N N 25  
ARG CG  HG3  sing N N 26  
ARG CD  NE   sing N N 27  
ARG CD  HD2  sing N N 28  
ARG CD  HD3  sing N N 29  
ARG NE  CZ   sing N N 30  
ARG NE  HE   sing N N 31  
ARG CZ  NH1  sing N N 32  
ARG CZ  NH2  doub N N 33  
ARG NH1 HH11 sing N N 34  
ARG NH1 HH12 sing N N 35  
ARG NH2 HH21 sing N N 36  
ARG NH2 HH22 sing N N 37  
ARG OXT HXT  sing N N 38  
ASN N   CA   sing N N 39  
ASN N   H    sing N N 40  
ASN N   H2   sing N N 41  
ASN CA  C    sing N N 42  
ASN CA  CB   sing N N 43  
ASN CA  HA   sing N N 44  
ASN C   O    doub N N 45  
ASN C   OXT  sing N N 46  
ASN CB  CG   sing N N 47  
ASN CB  HB2  sing N N 48  
ASN CB  HB3  sing N N 49  
ASN CG  OD1  doub N N 50  
ASN CG  ND2  sing N N 51  
ASN ND2 HD21 sing N N 52  
ASN ND2 HD22 sing N N 53  
ASN OXT HXT  sing N N 54  
ASP N   CA   sing N N 55  
ASP N   H    sing N N 56  
ASP N   H2   sing N N 57  
ASP CA  C    sing N N 58  
ASP CA  CB   sing N N 59  
ASP CA  HA   sing N N 60  
ASP C   O    doub N N 61  
ASP C   OXT  sing N N 62  
ASP CB  CG   sing N N 63  
ASP CB  HB2  sing N N 64  
ASP CB  HB3  sing N N 65  
ASP CG  OD1  doub N N 66  
ASP CG  OD2  sing N N 67  
ASP OD2 HD2  sing N N 68  
ASP OXT HXT  sing N N 69  
CYS N   CA   sing N N 70  
CYS N   H    sing N N 71  
CYS N   H2   sing N N 72  
CYS CA  C    sing N N 73  
CYS CA  CB   sing N N 74  
CYS CA  HA   sing N N 75  
CYS C   O    doub N N 76  
CYS C   OXT  sing N N 77  
CYS CB  SG   sing N N 78  
CYS CB  HB2  sing N N 79  
CYS CB  HB3  sing N N 80  
CYS SG  HG   sing N N 81  
CYS OXT HXT  sing N N 82  
GLN N   CA   sing N N 83  
GLN N   H    sing N N 84  
GLN N   H2   sing N N 85  
GLN CA  C    sing N N 86  
GLN CA  CB   sing N N 87  
GLN CA  HA   sing N N 88  
GLN C   O    doub N N 89  
GLN C   OXT  sing N N 90  
GLN CB  CG   sing N N 91  
GLN CB  HB2  sing N N 92  
GLN CB  HB3  sing N N 93  
GLN CG  CD   sing N N 94  
GLN CG  HG2  sing N N 95  
GLN CG  HG3  sing N N 96  
GLN CD  OE1  doub N N 97  
GLN CD  NE2  sing N N 98  
GLN NE2 HE21 sing N N 99  
GLN NE2 HE22 sing N N 100 
GLN OXT HXT  sing N N 101 
GLU N   CA   sing N N 102 
GLU N   H    sing N N 103 
GLU N   H2   sing N N 104 
GLU CA  C    sing N N 105 
GLU CA  CB   sing N N 106 
GLU CA  HA   sing N N 107 
GLU C   O    doub N N 108 
GLU C   OXT  sing N N 109 
GLU CB  CG   sing N N 110 
GLU CB  HB2  sing N N 111 
GLU CB  HB3  sing N N 112 
GLU CG  CD   sing N N 113 
GLU CG  HG2  sing N N 114 
GLU CG  HG3  sing N N 115 
GLU CD  OE1  doub N N 116 
GLU CD  OE2  sing N N 117 
GLU OE2 HE2  sing N N 118 
GLU OXT HXT  sing N N 119 
GLY N   CA   sing N N 120 
GLY N   H    sing N N 121 
GLY N   H2   sing N N 122 
GLY CA  C    sing N N 123 
GLY CA  HA2  sing N N 124 
GLY CA  HA3  sing N N 125 
GLY C   O    doub N N 126 
GLY C   OXT  sing N N 127 
GLY OXT HXT  sing N N 128 
HIS N   CA   sing N N 129 
HIS N   H    sing N N 130 
HIS N   H2   sing N N 131 
HIS CA  C    sing N N 132 
HIS CA  CB   sing N N 133 
HIS CA  HA   sing N N 134 
HIS C   O    doub N N 135 
HIS C   OXT  sing N N 136 
HIS CB  CG   sing N N 137 
HIS CB  HB2  sing N N 138 
HIS CB  HB3  sing N N 139 
HIS CG  ND1  sing Y N 140 
HIS CG  CD2  doub Y N 141 
HIS ND1 CE1  doub Y N 142 
HIS ND1 HD1  sing N N 143 
HIS CD2 NE2  sing Y N 144 
HIS CD2 HD2  sing N N 145 
HIS CE1 NE2  sing Y N 146 
HIS CE1 HE1  sing N N 147 
HIS NE2 HE2  sing N N 148 
HIS OXT HXT  sing N N 149 
HOH O   H1   sing N N 150 
HOH O   H2   sing N N 151 
ILE N   CA   sing N N 152 
ILE N   H    sing N N 153 
ILE N   H2   sing N N 154 
ILE CA  C    sing N N 155 
ILE CA  CB   sing N N 156 
ILE CA  HA   sing N N 157 
ILE C   O    doub N N 158 
ILE C   OXT  sing N N 159 
ILE CB  CG1  sing N N 160 
ILE CB  CG2  sing N N 161 
ILE CB  HB   sing N N 162 
ILE CG1 CD1  sing N N 163 
ILE CG1 HG12 sing N N 164 
ILE CG1 HG13 sing N N 165 
ILE CG2 HG21 sing N N 166 
ILE CG2 HG22 sing N N 167 
ILE CG2 HG23 sing N N 168 
ILE CD1 HD11 sing N N 169 
ILE CD1 HD12 sing N N 170 
ILE CD1 HD13 sing N N 171 
ILE OXT HXT  sing N N 172 
LEU N   CA   sing N N 173 
LEU N   H    sing N N 174 
LEU N   H2   sing N N 175 
LEU CA  C    sing N N 176 
LEU CA  CB   sing N N 177 
LEU CA  HA   sing N N 178 
LEU C   O    doub N N 179 
LEU C   OXT  sing N N 180 
LEU CB  CG   sing N N 181 
LEU CB  HB2  sing N N 182 
LEU CB  HB3  sing N N 183 
LEU CG  CD1  sing N N 184 
LEU CG  CD2  sing N N 185 
LEU CG  HG   sing N N 186 
LEU CD1 HD11 sing N N 187 
LEU CD1 HD12 sing N N 188 
LEU CD1 HD13 sing N N 189 
LEU CD2 HD21 sing N N 190 
LEU CD2 HD22 sing N N 191 
LEU CD2 HD23 sing N N 192 
LEU OXT HXT  sing N N 193 
LYS N   CA   sing N N 194 
LYS N   H    sing N N 195 
LYS N   H2   sing N N 196 
LYS CA  C    sing N N 197 
LYS CA  CB   sing N N 198 
LYS CA  HA   sing N N 199 
LYS C   O    doub N N 200 
LYS C   OXT  sing N N 201 
LYS CB  CG   sing N N 202 
LYS CB  HB2  sing N N 203 
LYS CB  HB3  sing N N 204 
LYS CG  CD   sing N N 205 
LYS CG  HG2  sing N N 206 
LYS CG  HG3  sing N N 207 
LYS CD  CE   sing N N 208 
LYS CD  HD2  sing N N 209 
LYS CD  HD3  sing N N 210 
LYS CE  NZ   sing N N 211 
LYS CE  HE2  sing N N 212 
LYS CE  HE3  sing N N 213 
LYS NZ  HZ1  sing N N 214 
LYS NZ  HZ2  sing N N 215 
LYS NZ  HZ3  sing N N 216 
LYS OXT HXT  sing N N 217 
MET N   CA   sing N N 218 
MET N   H    sing N N 219 
MET N   H2   sing N N 220 
MET CA  C    sing N N 221 
MET CA  CB   sing N N 222 
MET CA  HA   sing N N 223 
MET C   O    doub N N 224 
MET C   OXT  sing N N 225 
MET CB  CG   sing N N 226 
MET CB  HB2  sing N N 227 
MET CB  HB3  sing N N 228 
MET CG  SD   sing N N 229 
MET CG  HG2  sing N N 230 
MET CG  HG3  sing N N 231 
MET SD  CE   sing N N 232 
MET CE  HE1  sing N N 233 
MET CE  HE2  sing N N 234 
MET CE  HE3  sing N N 235 
MET OXT HXT  sing N N 236 
MSE N   CA   sing N N 237 
MSE N   H    sing N N 238 
MSE N   H2   sing N N 239 
MSE CA  C    sing N N 240 
MSE CA  CB   sing N N 241 
MSE CA  HA   sing N N 242 
MSE C   O    doub N N 243 
MSE C   OXT  sing N N 244 
MSE OXT HXT  sing N N 245 
MSE CB  CG   sing N N 246 
MSE CB  HB2  sing N N 247 
MSE CB  HB3  sing N N 248 
MSE CG  SE   sing N N 249 
MSE CG  HG2  sing N N 250 
MSE CG  HG3  sing N N 251 
MSE SE  CE   sing N N 252 
MSE CE  HE1  sing N N 253 
MSE CE  HE2  sing N N 254 
MSE CE  HE3  sing N N 255 
PHE N   CA   sing N N 256 
PHE N   H    sing N N 257 
PHE N   H2   sing N N 258 
PHE CA  C    sing N N 259 
PHE CA  CB   sing N N 260 
PHE CA  HA   sing N N 261 
PHE C   O    doub N N 262 
PHE C   OXT  sing N N 263 
PHE CB  CG   sing N N 264 
PHE CB  HB2  sing N N 265 
PHE CB  HB3  sing N N 266 
PHE CG  CD1  doub Y N 267 
PHE CG  CD2  sing Y N 268 
PHE CD1 CE1  sing Y N 269 
PHE CD1 HD1  sing N N 270 
PHE CD2 CE2  doub Y N 271 
PHE CD2 HD2  sing N N 272 
PHE CE1 CZ   doub Y N 273 
PHE CE1 HE1  sing N N 274 
PHE CE2 CZ   sing Y N 275 
PHE CE2 HE2  sing N N 276 
PHE CZ  HZ   sing N N 277 
PHE OXT HXT  sing N N 278 
PRO N   CA   sing N N 279 
PRO N   CD   sing N N 280 
PRO N   H    sing N N 281 
PRO CA  C    sing N N 282 
PRO CA  CB   sing N N 283 
PRO CA  HA   sing N N 284 
PRO C   O    doub N N 285 
PRO C   OXT  sing N N 286 
PRO CB  CG   sing N N 287 
PRO CB  HB2  sing N N 288 
PRO CB  HB3  sing N N 289 
PRO CG  CD   sing N N 290 
PRO CG  HG2  sing N N 291 
PRO CG  HG3  sing N N 292 
PRO CD  HD2  sing N N 293 
PRO CD  HD3  sing N N 294 
PRO OXT HXT  sing N N 295 
SER N   CA   sing N N 296 
SER N   H    sing N N 297 
SER N   H2   sing N N 298 
SER CA  C    sing N N 299 
SER CA  CB   sing N N 300 
SER CA  HA   sing N N 301 
SER C   O    doub N N 302 
SER C   OXT  sing N N 303 
SER CB  OG   sing N N 304 
SER CB  HB2  sing N N 305 
SER CB  HB3  sing N N 306 
SER OG  HG   sing N N 307 
SER OXT HXT  sing N N 308 
THR N   CA   sing N N 309 
THR N   H    sing N N 310 
THR N   H2   sing N N 311 
THR CA  C    sing N N 312 
THR CA  CB   sing N N 313 
THR CA  HA   sing N N 314 
THR C   O    doub N N 315 
THR C   OXT  sing N N 316 
THR CB  OG1  sing N N 317 
THR CB  CG2  sing N N 318 
THR CB  HB   sing N N 319 
THR OG1 HG1  sing N N 320 
THR CG2 HG21 sing N N 321 
THR CG2 HG22 sing N N 322 
THR CG2 HG23 sing N N 323 
THR OXT HXT  sing N N 324 
TRP N   CA   sing N N 325 
TRP N   H    sing N N 326 
TRP N   H2   sing N N 327 
TRP CA  C    sing N N 328 
TRP CA  CB   sing N N 329 
TRP CA  HA   sing N N 330 
TRP C   O    doub N N 331 
TRP C   OXT  sing N N 332 
TRP CB  CG   sing N N 333 
TRP CB  HB2  sing N N 334 
TRP CB  HB3  sing N N 335 
TRP CG  CD1  doub Y N 336 
TRP CG  CD2  sing Y N 337 
TRP CD1 NE1  sing Y N 338 
TRP CD1 HD1  sing N N 339 
TRP CD2 CE2  doub Y N 340 
TRP CD2 CE3  sing Y N 341 
TRP NE1 CE2  sing Y N 342 
TRP NE1 HE1  sing N N 343 
TRP CE2 CZ2  sing Y N 344 
TRP CE3 CZ3  doub Y N 345 
TRP CE3 HE3  sing N N 346 
TRP CZ2 CH2  doub Y N 347 
TRP CZ2 HZ2  sing N N 348 
TRP CZ3 CH2  sing Y N 349 
TRP CZ3 HZ3  sing N N 350 
TRP CH2 HH2  sing N N 351 
TRP OXT HXT  sing N N 352 
TYR N   CA   sing N N 353 
TYR N   H    sing N N 354 
TYR N   H2   sing N N 355 
TYR CA  C    sing N N 356 
TYR CA  CB   sing N N 357 
TYR CA  HA   sing N N 358 
TYR C   O    doub N N 359 
TYR C   OXT  sing N N 360 
TYR CB  CG   sing N N 361 
TYR CB  HB2  sing N N 362 
TYR CB  HB3  sing N N 363 
TYR CG  CD1  doub Y N 364 
TYR CG  CD2  sing Y N 365 
TYR CD1 CE1  sing Y N 366 
TYR CD1 HD1  sing N N 367 
TYR CD2 CE2  doub Y N 368 
TYR CD2 HD2  sing N N 369 
TYR CE1 CZ   doub Y N 370 
TYR CE1 HE1  sing N N 371 
TYR CE2 CZ   sing Y N 372 
TYR CE2 HE2  sing N N 373 
TYR CZ  OH   sing N N 374 
TYR OH  HH   sing N N 375 
TYR OXT HXT  sing N N 376 
VAL N   CA   sing N N 377 
VAL N   H    sing N N 378 
VAL N   H2   sing N N 379 
VAL CA  C    sing N N 380 
VAL CA  CB   sing N N 381 
VAL CA  HA   sing N N 382 
VAL C   O    doub N N 383 
VAL C   OXT  sing N N 384 
VAL CB  CG1  sing N N 385 
VAL CB  CG2  sing N N 386 
VAL CB  HB   sing N N 387 
VAL CG1 HG11 sing N N 388 
VAL CG1 HG12 sing N N 389 
VAL CG1 HG13 sing N N 390 
VAL CG2 HG21 sing N N 391 
VAL CG2 HG22 sing N N 392 
VAL CG2 HG23 sing N N 393 
VAL OXT HXT  sing N N 394 
# 
_atom_sites.entry_id                    2OBB 
_atom_sites.fract_transf_matrix[1][1]   -0.00269799 
_atom_sites.fract_transf_matrix[1][2]   -0.01945986 
_atom_sites.fract_transf_matrix[1][3]   0.00019861 
_atom_sites.fract_transf_matrix[2][1]   0.01705788 
_atom_sites.fract_transf_matrix[2][2]   -0.00226821 
_atom_sites.fract_transf_matrix[2][3]   0.00948096 
_atom_sites.fract_transf_matrix[3][1]   -0.00368520 
_atom_sites.fract_transf_matrix[3][2]   0.00058002 
_atom_sites.fract_transf_matrix[3][3]   0.00676907 
_atom_sites.fract_transf_vector[1]      0.264723 
_atom_sites.fract_transf_vector[2]      -0.152031 
_atom_sites.fract_transf_vector[3]      0.176309 
# 
loop_
_atom_type.symbol 
C  
MG 
N  
O  
S  
SE 
# 
loop_
_atom_site.group_PDB 
_atom_site.id 
_atom_site.type_symbol 
_atom_site.label_atom_id 
_atom_site.label_alt_id 
_atom_site.label_comp_id 
_atom_site.label_asym_id 
_atom_site.label_entity_id 
_atom_site.label_seq_id 
_atom_site.pdbx_PDB_ins_code 
_atom_site.Cartn_x 
_atom_site.Cartn_y 
_atom_site.Cartn_z 
_atom_site.occupancy 
_atom_site.B_iso_or_equiv 
_atom_site.pdbx_formal_charge 
_atom_site.auth_seq_id 
_atom_site.auth_comp_id 
_atom_site.auth_asym_id 
_atom_site.auth_atom_id 
_atom_site.pdbx_PDB_model_num 
ATOM   1    N  N   . ASN A 1 2   ? -8.934  9.935   -10.717 1.00 75.16 ? -1  ASN A N   1 
ATOM   2    C  CA  . ASN A 1 2   ? -8.730  8.975   -11.850 1.00 74.56 ? -1  ASN A CA  1 
ATOM   3    C  C   . ASN A 1 2   ? -7.432  8.180   -11.694 1.00 73.57 ? -1  ASN A C   1 
ATOM   4    O  O   . ASN A 1 2   ? -7.485  6.989   -11.413 1.00 74.37 ? -1  ASN A O   1 
ATOM   5    C  CB  . ASN A 1 2   ? -8.827  9.687   -13.200 1.00 75.07 ? -1  ASN A CB  1 
ATOM   6    C  CG  . ASN A 1 2   ? -9.060  8.720   -14.347 1.00 76.90 ? -1  ASN A CG  1 
ATOM   7    O  OD1 . ASN A 1 2   ? -8.777  7.521   -14.231 1.00 78.18 ? -1  ASN A OD1 1 
ATOM   8    N  ND2 . ASN A 1 2   ? -9.588  9.234   -15.464 1.00 78.01 ? -1  ASN A ND2 1 
ATOM   9    N  N   . ALA A 1 3   ? -6.274  8.821   -11.858 1.00 72.18 ? 0   ALA A N   1 
ATOM   10   C  CA  . ALA A 1 3   ? -5.033  8.285   -11.273 1.00 70.62 ? 0   ALA A CA  1 
ATOM   11   C  C   . ALA A 1 3   ? -5.000  8.757   -9.822  1.00 70.08 ? 0   ALA A C   1 
ATOM   12   O  O   . ALA A 1 3   ? -5.333  9.910   -9.527  1.00 69.82 ? 0   ALA A O   1 
ATOM   13   C  CB  . ALA A 1 3   ? -3.827  8.765   -12.003 1.00 70.33 ? 0   ALA A CB  1 
HETATM 14   N  N   . MSE A 1 4   ? -4.620  7.869   -8.919  1.00 68.55 ? 1   MSE A N   1 
HETATM 15   C  CA  . MSE A 1 4   ? -4.786  8.132   -7.507  1.00 69.30 ? 1   MSE A CA  1 
HETATM 16   C  C   . MSE A 1 4   ? -3.511  7.914   -6.686  1.00 66.29 ? 1   MSE A C   1 
HETATM 17   O  O   . MSE A 1 4   ? -2.637  7.147   -7.050  1.00 65.95 ? 1   MSE A O   1 
HETATM 18   C  CB  . MSE A 1 4   ? -5.890  7.231   -6.955  1.00 68.50 ? 1   MSE A CB  1 
HETATM 19   C  CG  . MSE A 1 4   ? -7.336  7.554   -7.385  1.00 71.51 ? 1   MSE A CG  1 
HETATM 20   SE SE  . MSE A 1 4   ? -8.579  6.437   -6.295  1.00 78.05 ? 1   MSE A SE  1 
HETATM 21   C  CE  . MSE A 1 4   ? -8.199  4.670   -7.073  1.00 76.54 ? 1   MSE A CE  1 
ATOM   22   N  N   . THR A 1 5   ? -3.441  8.573   -5.542  1.00 64.48 ? 2   THR A N   1 
ATOM   23   C  CA  . THR A 1 5   ? -2.390  8.333   -4.579  1.00 62.29 ? 2   THR A CA  1 
ATOM   24   C  C   . THR A 1 5   ? -2.920  7.354   -3.545  1.00 61.93 ? 2   THR A C   1 
ATOM   25   O  O   . THR A 1 5   ? -3.854  7.656   -2.807  1.00 62.32 ? 2   THR A O   1 
ATOM   26   C  CB  . THR A 1 5   ? -1.989  9.646   -3.897  1.00 62.55 ? 2   THR A CB  1 
ATOM   27   O  OG1 . THR A 1 5   ? -1.593  10.596  -4.893  1.00 60.16 ? 2   THR A OG1 1 
ATOM   28   C  CG2 . THR A 1 5   ? -0.835  9.415   -2.909  1.00 62.28 ? 2   THR A CG2 1 
ATOM   29   N  N   . ILE A 1 6   ? -2.307  6.185   -3.480  1.00 61.09 ? 3   ILE A N   1 
ATOM   30   C  CA  . ILE A 1 6   ? -2.796  5.078   -2.674  1.00 59.34 ? 3   ILE A CA  1 
ATOM   31   C  C   . ILE A 1 6   ? -1.799  4.845   -1.546  1.00 59.73 ? 3   ILE A C   1 
ATOM   32   O  O   . ILE A 1 6   ? -0.611  4.619   -1.827  1.00 58.85 ? 3   ILE A O   1 
ATOM   33   C  CB  . ILE A 1 6   ? -2.902  3.833   -3.544  1.00 59.17 ? 3   ILE A CB  1 
ATOM   34   C  CG1 . ILE A 1 6   ? -3.835  4.123   -4.749  1.00 59.29 ? 3   ILE A CG1 1 
ATOM   35   C  CG2 . ILE A 1 6   ? -3.375  2.638   -2.736  1.00 58.65 ? 3   ILE A CG2 1 
ATOM   36   C  CD1 . ILE A 1 6   ? -3.964  3.008   -5.714  1.00 58.61 ? 3   ILE A CD1 1 
ATOM   37   N  N   . ALA A 1 7   ? -2.273  4.902   -0.288  1.00 59.06 ? 4   ALA A N   1 
ATOM   38   C  CA  . ALA A 1 7   ? -1.453  4.554   0.859   1.00 60.56 ? 4   ALA A CA  1 
ATOM   39   C  C   . ALA A 1 7   ? -1.565  3.058   1.103   1.00 61.16 ? 4   ALA A C   1 
ATOM   40   O  O   . ALA A 1 7   ? -2.669  2.546   1.216   1.00 62.19 ? 4   ALA A O   1 
ATOM   41   C  CB  . ALA A 1 7   ? -1.913  5.313   2.085   1.00 59.55 ? 4   ALA A CB  1 
ATOM   42   N  N   . VAL A 1 8   ? -0.442  2.355   1.176   1.00 61.67 ? 5   VAL A N   1 
ATOM   43   C  CA  . VAL A 1 8   ? -0.491  0.915   1.395   1.00 61.98 ? 5   VAL A CA  1 
ATOM   44   C  C   . VAL A 1 8   ? 0.253   0.519   2.655   1.00 61.78 ? 5   VAL A C   1 
ATOM   45   O  O   . VAL A 1 8   ? 1.453   0.815   2.828   1.00 61.93 ? 5   VAL A O   1 
ATOM   46   C  CB  . VAL A 1 8   ? 0.042   0.088   0.178   1.00 62.42 ? 5   VAL A CB  1 
ATOM   47   C  CG1 . VAL A 1 8   ? -0.359  -1.438  0.314   1.00 61.31 ? 5   VAL A CG1 1 
ATOM   48   C  CG2 . VAL A 1 8   ? -0.481  0.666   -1.134  1.00 65.00 ? 5   VAL A CG2 1 
ATOM   49   N  N   . ASP A 1 9   ? -0.456  -0.178  3.531   1.00 62.24 ? 6   ASP A N   1 
ATOM   50   C  CA  . ASP A 1 9   ? 0.156   -0.683  4.748   1.00 62.85 ? 6   ASP A CA  1 
ATOM   51   C  C   . ASP A 1 9   ? 1.129   -1.806  4.393   1.00 62.67 ? 6   ASP A C   1 
ATOM   52   O  O   . ASP A 1 9   ? 1.072   -2.356  3.297   1.00 62.16 ? 6   ASP A O   1 
ATOM   53   C  CB  . ASP A 1 9   ? -0.930  -1.160  5.685   1.00 63.22 ? 6   ASP A CB  1 
ATOM   54   C  CG  . ASP A 1 9   ? -0.389  -1.803  6.920   1.00 64.27 ? 6   ASP A CG  1 
ATOM   55   O  OD1 . ASP A 1 9   ? 0.417   -1.164  7.605   1.00 67.80 ? 6   ASP A OD1 1 
ATOM   56   O  OD2 . ASP A 1 9   ? -0.799  -2.942  7.235   1.00 65.19 ? 6   ASP A OD2 1 
ATOM   57   N  N   . PHE A 1 10  ? 2.038   -2.136  5.305   1.00 62.49 ? 7   PHE A N   1 
ATOM   58   C  CA  . PHE A 1 10  ? 2.943   -3.215  5.035   1.00 61.45 ? 7   PHE A CA  1 
ATOM   59   C  C   . PHE A 1 10  ? 2.530   -4.510  5.740   1.00 61.86 ? 7   PHE A C   1 
ATOM   60   O  O   . PHE A 1 10  ? 2.062   -5.451  5.059   1.00 62.06 ? 7   PHE A O   1 
ATOM   61   C  CB  . PHE A 1 10  ? 4.382   -2.822  5.372   1.00 61.10 ? 7   PHE A CB  1 
ATOM   62   C  CG  . PHE A 1 10  ? 5.399   -3.856  4.980   1.00 59.93 ? 7   PHE A CG  1 
ATOM   63   C  CD1 . PHE A 1 10  ? 5.611   -4.179  3.636   1.00 58.94 ? 7   PHE A CD1 1 
ATOM   64   C  CD2 . PHE A 1 10  ? 6.179   -4.490  5.948   1.00 60.01 ? 7   PHE A CD2 1 
ATOM   65   C  CE1 . PHE A 1 10  ? 6.582   -5.129  3.258   1.00 58.26 ? 7   PHE A CE1 1 
ATOM   66   C  CE2 . PHE A 1 10  ? 7.155   -5.453  5.575   1.00 56.42 ? 7   PHE A CE2 1 
ATOM   67   C  CZ  . PHE A 1 10  ? 7.351   -5.766  4.233   1.00 58.23 ? 7   PHE A CZ  1 
ATOM   68   N  N   . ASP A 1 11  ? 2.697   -4.574  7.073   1.00 60.07 ? 8   ASP A N   1 
ATOM   69   C  CA  . ASP A 1 11  ? 2.428   -5.814  7.808   1.00 60.11 ? 8   ASP A CA  1 
ATOM   70   C  C   . ASP A 1 11  ? 0.944   -6.194  7.868   1.00 60.06 ? 8   ASP A C   1 
ATOM   71   O  O   . ASP A 1 11  ? 0.092   -5.405  8.321   1.00 59.20 ? 8   ASP A O   1 
ATOM   72   C  CB  . ASP A 1 11  ? 2.993   -5.765  9.223   1.00 60.61 ? 8   ASP A CB  1 
ATOM   73   C  CG  . ASP A 1 11  ? 4.450   -5.365  9.257   1.00 61.73 ? 8   ASP A CG  1 
ATOM   74   O  OD1 . ASP A 1 11  ? 5.328   -6.230  9.042   1.00 63.67 ? 8   ASP A OD1 1 
ATOM   75   O  OD2 . ASP A 1 11  ? 4.714   -4.171  9.508   1.00 63.39 ? 8   ASP A OD2 1 
ATOM   76   N  N   . GLY A 1 12  ? 0.646   -7.413  7.421   1.00 58.92 ? 9   GLY A N   1 
ATOM   77   C  CA  . GLY A 1 12  ? -0.725  -7.903  7.359   1.00 58.42 ? 9   GLY A CA  1 
ATOM   78   C  C   . GLY A 1 12  ? -1.414  -7.521  6.057   1.00 58.38 ? 9   GLY A C   1 
ATOM   79   O  O   . GLY A 1 12  ? -2.529  -7.961  5.794   1.00 57.85 ? 9   GLY A O   1 
ATOM   80   N  N   . THR A 1 13  ? -0.748  -6.690  5.254   1.00 57.76 ? 10  THR A N   1 
ATOM   81   C  CA  . THR A 1 13  ? -1.308  -6.169  4.023   1.00 57.62 ? 10  THR A CA  1 
ATOM   82   C  C   . THR A 1 13  ? -0.551  -6.644  2.786   1.00 57.97 ? 10  THR A C   1 
ATOM   83   O  O   . THR A 1 13  ? -1.153  -7.172  1.867   1.00 57.25 ? 10  THR A O   1 
ATOM   84   C  CB  . THR A 1 13  ? -1.338  -4.617  4.035   1.00 57.49 ? 10  THR A CB  1 
ATOM   85   O  OG1 . THR A 1 13  ? -2.056  -4.173  5.188   1.00 58.77 ? 10  THR A OG1 1 
ATOM   86   C  CG2 . THR A 1 13  ? -2.020  -4.049  2.773   1.00 55.81 ? 10  THR A CG2 1 
ATOM   87   N  N   . ILE A 1 14  ? 0.762   -6.393  2.754   1.00 58.56 ? 11  ILE A N   1 
ATOM   88   C  CA  . ILE A 1 14  ? 1.639   -6.839  1.678   1.00 58.15 ? 11  ILE A CA  1 
ATOM   89   C  C   . ILE A 1 14  ? 2.283   -8.189  2.071   1.00 58.98 ? 11  ILE A C   1 
ATOM   90   O  O   . ILE A 1 14  ? 2.500   -9.061  1.209   1.00 58.34 ? 11  ILE A O   1 
ATOM   91   C  CB  . ILE A 1 14  ? 2.739   -5.767  1.367   1.00 58.97 ? 11  ILE A CB  1 
ATOM   92   C  CG1 . ILE A 1 14  ? 2.125   -4.488  0.765   1.00 58.14 ? 11  ILE A CG1 1 
ATOM   93   C  CG2 . ILE A 1 14  ? 3.805   -6.309  0.392   1.00 57.03 ? 11  ILE A CG2 1 
ATOM   94   C  CD1 . ILE A 1 14  ? 3.125   -3.379  0.512   1.00 57.24 ? 11  ILE A CD1 1 
ATOM   95   N  N   . VAL A 1 15  ? 2.608   -8.341  3.374   1.00 59.25 ? 12  VAL A N   1 
ATOM   96   C  CA  . VAL A 1 15  ? 3.133   -9.602  3.909   1.00 59.21 ? 12  VAL A CA  1 
ATOM   97   C  C   . VAL A 1 15  ? 2.291   -10.068 5.084   1.00 59.75 ? 12  VAL A C   1 
ATOM   98   O  O   . VAL A 1 15  ? 1.630   -9.253  5.708   1.00 58.58 ? 12  VAL A O   1 
ATOM   99   C  CB  . VAL A 1 15  ? 4.610   -9.478  4.361   1.00 59.28 ? 12  VAL A CB  1 
ATOM   100  C  CG1 . VAL A 1 15  ? 5.498   -9.261  3.168   1.00 58.41 ? 12  VAL A CG1 1 
ATOM   101  C  CG2 . VAL A 1 15  ? 4.787   -8.336  5.401   1.00 59.52 ? 12  VAL A CG2 1 
ATOM   102  N  N   . GLU A 1 16  ? 2.328   -11.367 5.397   1.00 61.20 ? 13  GLU A N   1 
ATOM   103  C  CA  . GLU A 1 16  ? 1.781   -11.853 6.662   1.00 63.53 ? 13  GLU A CA  1 
ATOM   104  C  C   . GLU A 1 16  ? 2.420   -11.068 7.798   1.00 64.58 ? 13  GLU A C   1 
ATOM   105  O  O   . GLU A 1 16  ? 3.590   -10.677 7.707   1.00 64.34 ? 13  GLU A O   1 
ATOM   106  C  CB  . GLU A 1 16  ? 2.102   -13.320 6.906   1.00 63.70 ? 13  GLU A CB  1 
ATOM   107  C  CG  . GLU A 1 16  ? 1.987   -14.180 5.717   1.00 67.52 ? 13  GLU A CG  1 
ATOM   108  C  CD  . GLU A 1 16  ? 0.731   -14.966 5.722   1.00 73.60 ? 13  GLU A CD  1 
ATOM   109  O  OE1 . GLU A 1 16  ? -0.371  -14.346 5.707   1.00 73.63 ? 13  GLU A OE1 1 
ATOM   110  O  OE2 . GLU A 1 16  ? 0.866   -16.217 5.751   1.00 75.06 ? 13  GLU A OE2 1 
ATOM   111  N  N   . HIS A 1 17  ? 1.655   -10.867 8.870   1.00 65.92 ? 14  HIS A N   1 
ATOM   112  C  CA  . HIS A 1 17  ? 2.082   -10.032 9.987   1.00 67.69 ? 14  HIS A CA  1 
ATOM   113  C  C   . HIS A 1 17  ? 3.061   -10.780 10.882  1.00 66.94 ? 14  HIS A C   1 
ATOM   114  O  O   . HIS A 1 17  ? 2.645   -11.586 11.697  1.00 67.04 ? 14  HIS A O   1 
ATOM   115  C  CB  . HIS A 1 17  ? 0.864   -9.607  10.810  1.00 68.95 ? 14  HIS A CB  1 
ATOM   116  C  CG  . HIS A 1 17  ? 1.093   -8.395  11.653  1.00 73.86 ? 14  HIS A CG  1 
ATOM   117  N  ND1 . HIS A 1 17  ? 0.054   -7.601  12.106  1.00 79.23 ? 14  HIS A ND1 1 
ATOM   118  C  CD2 . HIS A 1 17  ? 2.235   -7.817  12.098  1.00 76.12 ? 14  HIS A CD2 1 
ATOM   119  C  CE1 . HIS A 1 17  ? 0.549   -6.598  12.810  1.00 80.58 ? 14  HIS A CE1 1 
ATOM   120  N  NE2 . HIS A 1 17  ? 1.868   -6.707  12.821  1.00 80.15 ? 14  HIS A NE2 1 
ATOM   121  N  N   . ARG A 1 18  ? 4.351   -10.520 10.728  1.00 66.50 ? 15  ARG A N   1 
ATOM   122  C  CA  . ARG A 1 18  ? 5.345   -11.149 11.583  1.00 66.54 ? 15  ARG A CA  1 
ATOM   123  C  C   . ARG A 1 18  ? 6.281   -10.138 12.264  1.00 66.73 ? 15  ARG A C   1 
ATOM   124  O  O   . ARG A 1 18  ? 7.395   -10.491 12.680  1.00 66.88 ? 15  ARG A O   1 
ATOM   125  C  CB  . ARG A 1 18  ? 6.149   -12.180 10.783  1.00 66.68 ? 15  ARG A CB  1 
ATOM   126  C  CG  . ARG A 1 18  ? 5.366   -13.372 10.319  1.00 66.95 ? 15  ARG A CG  1 
ATOM   127  C  CD  . ARG A 1 18  ? 4.823   -14.189 11.489  1.00 71.41 ? 15  ARG A CD  1 
ATOM   128  N  NE  . ARG A 1 18  ? 4.136   -15.395 11.020  1.00 74.23 ? 15  ARG A NE  1 
ATOM   129  C  CZ  . ARG A 1 18  ? 2.902   -15.416 10.504  1.00 75.24 ? 15  ARG A CZ  1 
ATOM   130  N  NH1 . ARG A 1 18  ? 2.394   -16.572 10.091  1.00 75.53 ? 15  ARG A NH1 1 
ATOM   131  N  NH2 . ARG A 1 18  ? 2.172   -14.297 10.402  1.00 73.39 ? 15  ARG A NH2 1 
ATOM   132  N  N   . TYR A 1 19  ? 5.815   -8.895  12.389  1.00 67.08 ? 16  TYR A N   1 
ATOM   133  C  CA  . TYR A 1 19  ? 6.587   -7.785  12.953  1.00 67.59 ? 16  TYR A CA  1 
ATOM   134  C  C   . TYR A 1 19  ? 7.153   -8.130  14.314  1.00 67.87 ? 16  TYR A C   1 
ATOM   135  O  O   . TYR A 1 19  ? 6.414   -8.667  15.137  1.00 68.40 ? 16  TYR A O   1 
ATOM   136  C  CB  . TYR A 1 19  ? 5.670   -6.599  13.124  1.00 67.97 ? 16  TYR A CB  1 
ATOM   137  C  CG  . TYR A 1 19  ? 6.315   -5.354  13.670  1.00 68.59 ? 16  TYR A CG  1 
ATOM   138  C  CD1 . TYR A 1 19  ? 6.513   -5.180  15.046  1.00 69.56 ? 16  TYR A CD1 1 
ATOM   139  C  CD2 . TYR A 1 19  ? 6.674   -4.319  12.815  1.00 68.97 ? 16  TYR A CD2 1 
ATOM   140  C  CE1 . TYR A 1 19  ? 7.090   -4.003  15.547  1.00 70.29 ? 16  TYR A CE1 1 
ATOM   141  C  CE2 . TYR A 1 19  ? 7.232   -3.148  13.289  1.00 69.83 ? 16  TYR A CE2 1 
ATOM   142  C  CZ  . TYR A 1 19  ? 7.440   -2.983  14.653  1.00 70.51 ? 16  TYR A CZ  1 
ATOM   143  O  OH  . TYR A 1 19  ? 7.998   -1.800  15.096  1.00 70.03 ? 16  TYR A OH  1 
ATOM   144  N  N   . PRO A 1 20  ? 8.429   -7.767  14.595  1.00 67.74 ? 17  PRO A N   1 
ATOM   145  C  CA  . PRO A 1 20  ? 9.425   -6.977  13.840  1.00 67.74 ? 17  PRO A CA  1 
ATOM   146  C  C   . PRO A 1 20  ? 10.021  -7.668  12.606  1.00 67.98 ? 17  PRO A C   1 
ATOM   147  O  O   . PRO A 1 20  ? 10.752  -7.033  11.846  1.00 67.81 ? 17  PRO A O   1 
ATOM   148  C  CB  . PRO A 1 20  ? 10.544  -6.742  14.877  1.00 67.95 ? 17  PRO A CB  1 
ATOM   149  C  CG  . PRO A 1 20  ? 10.435  -7.894  15.805  1.00 67.59 ? 17  PRO A CG  1 
ATOM   150  C  CD  . PRO A 1 20  ? 8.960   -8.194  15.909  1.00 67.69 ? 17  PRO A CD  1 
ATOM   151  N  N   . ARG A 1 21  ? 9.729   -8.950  12.410  1.00 68.11 ? 18  ARG A N   1 
ATOM   152  C  CA  . ARG A 1 21  ? 10.218  -9.682  11.241  1.00 68.30 ? 18  ARG A CA  1 
ATOM   153  C  C   . ARG A 1 21  ? 9.301   -9.426  10.050  1.00 67.25 ? 18  ARG A C   1 
ATOM   154  O  O   . ARG A 1 21  ? 8.283   -8.732  10.184  1.00 66.94 ? 18  ARG A O   1 
ATOM   155  C  CB  . ARG A 1 21  ? 10.302  -11.164 11.571  1.00 68.11 ? 18  ARG A CB  1 
ATOM   156  C  CG  . ARG A 1 21  ? 11.147  -11.435 12.819  1.00 70.19 ? 18  ARG A CG  1 
ATOM   157  C  CD  . ARG A 1 21  ? 11.070  -12.889 13.290  1.00 71.64 ? 18  ARG A CD  1 
ATOM   158  N  NE  . ARG A 1 21  ? 11.604  -13.815 12.279  1.00 79.81 ? 18  ARG A NE  1 
ATOM   159  C  CZ  . ARG A 1 21  ? 10.862  -14.549 11.435  1.00 81.83 ? 18  ARG A CZ  1 
ATOM   160  N  NH1 . ARG A 1 21  ? 9.520   -14.504 11.480  1.00 81.14 ? 18  ARG A NH1 1 
ATOM   161  N  NH2 . ARG A 1 21  ? 11.469  -15.345 10.546  1.00 81.87 ? 18  ARG A NH2 1 
ATOM   162  N  N   . ILE A 1 22  ? 9.666   -9.961  8.882   1.00 66.20 ? 19  ILE A N   1 
ATOM   163  C  CA  . ILE A 1 22  ? 8.850   -9.794  7.681   1.00 64.45 ? 19  ILE A CA  1 
ATOM   164  C  C   . ILE A 1 22  ? 8.225   -11.132 7.307   1.00 64.41 ? 19  ILE A C   1 
ATOM   165  O  O   . ILE A 1 22  ? 8.915   -12.126 7.218   1.00 63.83 ? 19  ILE A O   1 
ATOM   166  C  CB  . ILE A 1 22  ? 9.649   -9.236  6.496   1.00 64.11 ? 19  ILE A CB  1 
ATOM   167  C  CG1 . ILE A 1 22  ? 10.295  -7.896  6.863   1.00 64.03 ? 19  ILE A CG1 1 
ATOM   168  C  CG2 . ILE A 1 22  ? 8.724   -9.049  5.291   1.00 63.83 ? 19  ILE A CG2 1 
ATOM   169  C  CD1 . ILE A 1 22  ? 11.299  -7.350  5.818   1.00 63.75 ? 19  ILE A CD1 1 
ATOM   170  N  N   . GLY A 1 23  ? 6.910   -11.157 7.093   1.00 63.98 ? 20  GLY A N   1 
ATOM   171  C  CA  . GLY A 1 23  ? 6.232   -12.426 6.783   1.00 63.75 ? 20  GLY A CA  1 
ATOM   172  C  C   . GLY A 1 23  ? 6.331   -12.795 5.316   1.00 63.35 ? 20  GLY A C   1 
ATOM   173  O  O   . GLY A 1 23  ? 6.949   -12.057 4.545   1.00 63.52 ? 20  GLY A O   1 
ATOM   174  N  N   . GLU A 1 24  ? 5.743   -13.940 4.943   1.00 62.48 ? 21  GLU A N   1 
ATOM   175  C  CA  . GLU A 1 24  ? 5.559   -14.320 3.547   1.00 61.92 ? 21  GLU A CA  1 
ATOM   176  C  C   . GLU A 1 24  ? 4.645   -13.299 2.863   1.00 61.33 ? 21  GLU A C   1 
ATOM   177  O  O   . GLU A 1 24  ? 3.824   -12.659 3.513   1.00 60.19 ? 21  GLU A O   1 
ATOM   178  C  CB  . GLU A 1 24  ? 4.874   -15.679 3.453   1.00 62.66 ? 21  GLU A CB  1 
ATOM   179  C  CG  . GLU A 1 24  ? 5.570   -16.815 4.194   1.00 66.62 ? 21  GLU A CG  1 
ATOM   180  C  CD  . GLU A 1 24  ? 6.530   -17.588 3.317   1.00 72.30 ? 21  GLU A CD  1 
ATOM   181  O  OE1 . GLU A 1 24  ? 6.635   -18.839 3.477   1.00 73.84 ? 21  GLU A OE1 1 
ATOM   182  O  OE2 . GLU A 1 24  ? 7.177   -16.946 2.451   1.00 75.15 ? 21  GLU A OE2 1 
ATOM   183  N  N   . GLU A 1 25  ? 4.784   -13.163 1.551   1.00 59.75 ? 22  GLU A N   1 
ATOM   184  C  CA  . GLU A 1 25  ? 3.982   -12.240 0.814   1.00 59.27 ? 22  GLU A CA  1 
ATOM   185  C  C   . GLU A 1 25  ? 2.519   -12.690 0.820   1.00 58.42 ? 22  GLU A C   1 
ATOM   186  O  O   . GLU A 1 25  ? 2.212   -13.878 0.701   1.00 58.77 ? 22  GLU A O   1 
ATOM   187  C  CB  . GLU A 1 25  ? 4.500   -12.145 -0.625  1.00 59.70 ? 22  GLU A CB  1 
ATOM   188  C  CG  . GLU A 1 25  ? 3.815   -11.040 -1.443  1.00 59.80 ? 22  GLU A CG  1 
ATOM   189  C  CD  . GLU A 1 25  ? 4.206   -11.048 -2.895  1.00 59.12 ? 22  GLU A CD  1 
ATOM   190  O  OE1 . GLU A 1 25  ? 5.211   -11.694 -3.212  1.00 59.79 ? 22  GLU A OE1 1 
ATOM   191  O  OE2 . GLU A 1 25  ? 3.503   -10.414 -3.721  1.00 60.57 ? 22  GLU A OE2 1 
ATOM   192  N  N   . ILE A 1 26  ? 1.618   -11.746 0.997   1.00 57.00 ? 23  ILE A N   1 
ATOM   193  C  CA  . ILE A 1 26  ? 0.213   -12.054 0.745   1.00 56.57 ? 23  ILE A CA  1 
ATOM   194  C  C   . ILE A 1 26  ? 0.065   -12.298 -0.760  1.00 55.32 ? 23  ILE A C   1 
ATOM   195  O  O   . ILE A 1 26  ? 0.593   -11.524 -1.562  1.00 55.65 ? 23  ILE A O   1 
ATOM   196  C  CB  . ILE A 1 26  ? -0.676  -10.938 1.211   1.00 56.24 ? 23  ILE A CB  1 
ATOM   197  C  CG1 . ILE A 1 26  ? -0.355  -10.608 2.686   1.00 58.03 ? 23  ILE A CG1 1 
ATOM   198  C  CG2 . ILE A 1 26  ? -2.166  -11.275 0.972   1.00 56.03 ? 23  ILE A CG2 1 
ATOM   199  C  CD1 . ILE A 1 26  ? -0.835  -11.615 3.678   1.00 55.48 ? 23  ILE A CD1 1 
ATOM   200  N  N   . PRO A 1 27  ? -0.594  -13.412 -1.153  1.00 54.45 ? 24  PRO A N   1 
ATOM   201  C  CA  . PRO A 1 27  ? -0.651  -13.757 -2.567  1.00 52.71 ? 24  PRO A CA  1 
ATOM   202  C  C   . PRO A 1 27  ? -0.931  -12.543 -3.438  1.00 51.81 ? 24  PRO A C   1 
ATOM   203  O  O   . PRO A 1 27  ? -1.827  -11.766 -3.136  1.00 50.24 ? 24  PRO A O   1 
ATOM   204  C  CB  . PRO A 1 27  ? -1.790  -14.765 -2.625  1.00 52.79 ? 24  PRO A CB  1 
ATOM   205  C  CG  . PRO A 1 27  ? -1.620  -15.533 -1.340  1.00 52.80 ? 24  PRO A CG  1 
ATOM   206  C  CD  . PRO A 1 27  ? -1.313  -14.411 -0.335  1.00 54.28 ? 24  PRO A CD  1 
ATOM   207  N  N   . PHE A 1 28  ? -0.098  -12.363 -4.464  1.00 51.39 ? 25  PHE A N   1 
ATOM   208  C  CA  . PHE A 1 28  ? -0.314  -11.374 -5.534  1.00 51.59 ? 25  PHE A CA  1 
ATOM   209  C  C   . PHE A 1 28  ? -0.257  -9.928  -5.079  1.00 52.35 ? 25  PHE A C   1 
ATOM   210  O  O   . PHE A 1 28  ? -0.634  -9.033  -5.842  1.00 51.72 ? 25  PHE A O   1 
ATOM   211  C  CB  . PHE A 1 28  ? -1.613  -11.677 -6.290  1.00 49.78 ? 25  PHE A CB  1 
ATOM   212  C  CG  . PHE A 1 28  ? -1.698  -13.119 -6.719  1.00 48.55 ? 25  PHE A CG  1 
ATOM   213  C  CD1 . PHE A 1 28  ? -0.941  -13.584 -7.785  1.00 44.18 ? 25  PHE A CD1 1 
ATOM   214  C  CD2 . PHE A 1 28  ? -2.498  -14.018 -6.015  1.00 47.75 ? 25  PHE A CD2 1 
ATOM   215  C  CE1 . PHE A 1 28  ? -0.980  -14.945 -8.151  1.00 46.86 ? 25  PHE A CE1 1 
ATOM   216  C  CE2 . PHE A 1 28  ? -2.566  -15.364 -6.369  1.00 41.35 ? 25  PHE A CE2 1 
ATOM   217  C  CZ  . PHE A 1 28  ? -1.791  -15.832 -7.438  1.00 46.70 ? 25  PHE A CZ  1 
ATOM   218  N  N   . ALA A 1 29  ? 0.257   -9.697  -3.871  1.00 53.50 ? 26  ALA A N   1 
ATOM   219  C  CA  . ALA A 1 29  ? 0.317   -8.328  -3.343  1.00 55.12 ? 26  ALA A CA  1 
ATOM   220  C  C   . ALA A 1 29  ? 1.190   -7.451  -4.227  1.00 56.04 ? 26  ALA A C   1 
ATOM   221  O  O   . ALA A 1 29  ? 0.711   -6.467  -4.819  1.00 57.33 ? 26  ALA A O   1 
ATOM   222  C  CB  . ALA A 1 29  ? 0.805   -8.312  -1.851  1.00 54.70 ? 26  ALA A CB  1 
ATOM   223  N  N   . VAL A 1 30  ? 2.460   -7.847  -4.363  1.00 56.77 ? 27  VAL A N   1 
ATOM   224  C  CA  . VAL A 1 30  ? 3.472   -7.059  -5.093  1.00 57.68 ? 27  VAL A CA  1 
ATOM   225  C  C   . VAL A 1 30  ? 3.143   -6.875  -6.593  1.00 57.73 ? 27  VAL A C   1 
ATOM   226  O  O   . VAL A 1 30  ? 3.124   -5.760  -7.144  1.00 58.21 ? 27  VAL A O   1 
ATOM   227  C  CB  . VAL A 1 30  ? 4.860   -7.682  -4.980  1.00 57.23 ? 27  VAL A CB  1 
ATOM   228  C  CG1 . VAL A 1 30  ? 5.794   -6.963  -5.922  1.00 57.63 ? 27  VAL A CG1 1 
ATOM   229  C  CG2 . VAL A 1 30  ? 5.363   -7.592  -3.554  1.00 57.54 ? 27  VAL A CG2 1 
ATOM   230  N  N   . GLU A 1 31  ? 2.863   -7.980  -7.238  1.00 57.10 ? 28  GLU A N   1 
ATOM   231  C  CA  . GLU A 1 31  ? 2.338   -7.927  -8.573  1.00 58.04 ? 28  GLU A CA  1 
ATOM   232  C  C   . GLU A 1 31  ? 1.117   -6.998  -8.764  1.00 57.54 ? 28  GLU A C   1 
ATOM   233  O  O   . GLU A 1 31  ? 1.039   -6.303  -9.768  1.00 57.71 ? 28  GLU A O   1 
ATOM   234  C  CB  . GLU A 1 31  ? 2.043   -9.348  -9.018  1.00 57.88 ? 28  GLU A CB  1 
ATOM   235  C  CG  . GLU A 1 31  ? 1.089   -9.460  -10.139 1.00 61.73 ? 28  GLU A CG  1 
ATOM   236  C  CD  . GLU A 1 31  ? 0.902   -10.903 -10.538 1.00 67.80 ? 28  GLU A CD  1 
ATOM   237  O  OE1 . GLU A 1 31  ? 1.830   -11.715 -10.244 1.00 68.97 ? 28  GLU A OE1 1 
ATOM   238  O  OE2 . GLU A 1 31  ? -0.172  -11.215 -11.124 1.00 69.76 ? 28  GLU A OE2 1 
ATOM   239  N  N   . THR A 1 32  ? 0.162   -7.006  -7.834  1.00 57.68 ? 29  THR A N   1 
ATOM   240  C  CA  . THR A 1 32  ? -1.077  -6.221  -8.010  1.00 57.79 ? 29  THR A CA  1 
ATOM   241  C  C   . THR A 1 32  ? -0.739  -4.731  -7.870  1.00 58.59 ? 29  THR A C   1 
ATOM   242  O  O   . THR A 1 32  ? -1.265  -3.871  -8.595  1.00 58.03 ? 29  THR A O   1 
ATOM   243  C  CB  . THR A 1 32  ? -2.216  -6.654  -6.996  1.00 57.21 ? 29  THR A CB  1 
ATOM   244  O  OG1 . THR A 1 32  ? -2.507  -8.053  -7.176  1.00 57.45 ? 29  THR A OG1 1 
ATOM   245  C  CG2 . THR A 1 32  ? -3.517  -5.851  -7.201  1.00 56.48 ? 29  THR A CG2 1 
ATOM   246  N  N   . LEU A 1 33  ? 0.156   -4.451  -6.934  1.00 58.81 ? 30  LEU A N   1 
ATOM   247  C  CA  . LEU A 1 33  ? 0.588   -3.102  -6.700  1.00 59.94 ? 30  LEU A CA  1 
ATOM   248  C  C   . LEU A 1 33  ? 1.350   -2.592  -7.930  1.00 60.62 ? 30  LEU A C   1 
ATOM   249  O  O   . LEU A 1 33  ? 1.118   -1.469  -8.393  1.00 60.44 ? 30  LEU A O   1 
ATOM   250  C  CB  . LEU A 1 33  ? 1.424   -3.018  -5.413  1.00 59.28 ? 30  LEU A CB  1 
ATOM   251  C  CG  . LEU A 1 33  ? 0.667   -3.103  -4.085  1.00 59.42 ? 30  LEU A CG  1 
ATOM   252  C  CD1 . LEU A 1 33  ? 1.634   -3.276  -2.875  1.00 56.60 ? 30  LEU A CD1 1 
ATOM   253  C  CD2 . LEU A 1 33  ? -0.226  -1.884  -3.891  1.00 59.62 ? 30  LEU A CD2 1 
ATOM   254  N  N   . LYS A 1 34  ? 2.218   -3.429  -8.496  1.00 61.55 ? 31  LYS A N   1 
ATOM   255  C  CA  . LYS A 1 34  ? 2.934   -3.022  -9.714  1.00 62.10 ? 31  LYS A CA  1 
ATOM   256  C  C   . LYS A 1 34  ? 1.958   -2.775  -10.845 1.00 62.18 ? 31  LYS A C   1 
ATOM   257  O  O   . LYS A 1 34  ? 2.087   -1.799  -11.582 1.00 62.86 ? 31  LYS A O   1 
ATOM   258  C  CB  . LYS A 1 34  ? 3.991   -4.028  -10.114 1.00 61.92 ? 31  LYS A CB  1 
ATOM   259  C  CG  . LYS A 1 34  ? 5.284   -3.841  -9.315  1.00 63.30 ? 31  LYS A CG  1 
ATOM   260  C  CD  . LYS A 1 34  ? 5.920   -5.164  -8.962  1.00 66.19 ? 31  LYS A CD  1 
ATOM   261  C  CE  . LYS A 1 34  ? 6.677   -5.804  -10.104 1.00 68.20 ? 31  LYS A CE  1 
ATOM   262  N  NZ  . LYS A 1 34  ? 7.180   -7.179  -9.709  1.00 71.12 ? 31  LYS A NZ  1 
ATOM   263  N  N   . LEU A 1 35  ? 0.971   -3.646  -10.980 1.00 61.94 ? 32  LEU A N   1 
ATOM   264  C  CA  . LEU A 1 35  ? -0.060  -3.414  -11.977 1.00 62.44 ? 32  LEU A CA  1 
ATOM   265  C  C   . LEU A 1 35  ? -0.699  -2.047  -11.750 1.00 61.98 ? 32  LEU A C   1 
ATOM   266  O  O   . LEU A 1 35  ? -0.928  -1.341  -12.705 1.00 62.50 ? 32  LEU A O   1 
ATOM   267  C  CB  . LEU A 1 35  ? -1.104  -4.532  -11.993 1.00 62.35 ? 32  LEU A CB  1 
ATOM   268  C  CG  . LEU A 1 35  ? -2.204  -4.489  -13.049 1.00 65.09 ? 32  LEU A CG  1 
ATOM   269  C  CD1 . LEU A 1 35  ? -1.663  -4.186  -14.463 1.00 65.62 ? 32  LEU A CD1 1 
ATOM   270  C  CD2 . LEU A 1 35  ? -2.898  -5.840  -13.028 1.00 66.98 ? 32  LEU A CD2 1 
ATOM   271  N  N   . LEU A 1 36  ? -0.966  -1.671  -10.496 1.00 61.82 ? 33  LEU A N   1 
ATOM   272  C  CA  . LEU A 1 36  ? -1.575  -0.350  -10.189 1.00 61.54 ? 33  LEU A CA  1 
ATOM   273  C  C   . LEU A 1 36  ? -0.707  0.856   -10.609 1.00 61.59 ? 33  LEU A C   1 
ATOM   274  O  O   . LEU A 1 36  ? -1.206  1.829   -11.160 1.00 60.30 ? 33  LEU A O   1 
ATOM   275  C  CB  . LEU A 1 36  ? -1.972  -0.251  -8.700  1.00 60.95 ? 33  LEU A CB  1 
ATOM   276  C  CG  . LEU A 1 36  ? -3.175  -1.120  -8.270  1.00 60.14 ? 33  LEU A CG  1 
ATOM   277  C  CD1 . LEU A 1 36  ? -3.323  -1.171  -6.757  1.00 56.63 ? 33  LEU A CD1 1 
ATOM   278  C  CD2 . LEU A 1 36  ? -4.499  -0.685  -8.939  1.00 60.60 ? 33  LEU A CD2 1 
ATOM   279  N  N   . GLN A 1 37  ? 0.591   0.770   -10.320 1.00 62.02 ? 34  GLN A N   1 
ATOM   280  C  CA  . GLN A 1 37  ? 1.597   1.697   -10.844 1.00 63.05 ? 34  GLN A CA  1 
ATOM   281  C  C   . GLN A 1 37  ? 1.611   1.807   -12.365 1.00 63.38 ? 34  GLN A C   1 
ATOM   282  O  O   . GLN A 1 37  ? 1.711   2.919   -12.890 1.00 63.47 ? 34  GLN A O   1 
ATOM   283  C  CB  . GLN A 1 37  ? 2.992   1.286   -10.406 1.00 62.46 ? 34  GLN A CB  1 
ATOM   284  C  CG  . GLN A 1 37  ? 3.214   1.412   -8.975  1.00 61.60 ? 34  GLN A CG  1 
ATOM   285  C  CD  . GLN A 1 37  ? 4.647   1.104   -8.626  1.00 64.42 ? 34  GLN A CD  1 
ATOM   286  O  OE1 . GLN A 1 37  ? 5.272   0.260   -9.271  1.00 64.11 ? 34  GLN A OE1 1 
ATOM   287  N  NE2 . GLN A 1 37  ? 5.187   1.799   -7.607  1.00 62.61 ? 34  GLN A NE2 1 
ATOM   288  N  N   A GLN A 1 38  ? 1.525   0.665   -13.055 0.50 63.71 ? 35  GLN A N   1 
ATOM   289  N  N   B GLN A 1 38  ? 1.524   0.672   -13.059 0.50 63.77 ? 35  GLN A N   1 
ATOM   290  C  CA  A GLN A 1 38  ? 1.424   0.641   -14.518 0.50 64.31 ? 35  GLN A CA  1 
ATOM   291  C  CA  B GLN A 1 38  ? 1.459   0.676   -14.522 0.50 64.46 ? 35  GLN A CA  1 
ATOM   292  C  C   A GLN A 1 38  ? 0.241   1.488   -14.951 0.50 64.74 ? 35  GLN A C   1 
ATOM   293  C  C   B GLN A 1 38  ? 0.196   1.387   -15.009 0.50 64.84 ? 35  GLN A C   1 
ATOM   294  O  O   A GLN A 1 38  ? 0.290   2.151   -15.985 0.50 64.82 ? 35  GLN A O   1 
ATOM   295  O  O   B GLN A 1 38  ? 0.152   1.869   -16.142 0.50 64.98 ? 35  GLN A O   1 
ATOM   296  C  CB  A GLN A 1 38  ? 1.226   -0.785  -15.056 0.50 64.31 ? 35  GLN A CB  1 
ATOM   297  C  CB  B GLN A 1 38  ? 1.550   -0.746  -15.106 0.50 64.42 ? 35  GLN A CB  1 
ATOM   298  C  CG  A GLN A 1 38  ? 1.709   -0.988  -16.492 0.50 64.81 ? 35  GLN A CG  1 
ATOM   299  C  CG  B GLN A 1 38  ? 2.866   -1.477  -14.800 0.50 64.95 ? 35  GLN A CG  1 
ATOM   300  C  CD  A GLN A 1 38  ? 0.652   -1.582  -17.441 0.50 65.16 ? 35  GLN A CD  1 
ATOM   301  C  CD  B GLN A 1 38  ? 2.922   -2.887  -15.387 0.50 64.79 ? 35  GLN A CD  1 
ATOM   302  O  OE1 A GLN A 1 38  ? 0.765   -1.432  -18.658 0.50 65.56 ? 35  GLN A OE1 1 
ATOM   303  O  OE1 B GLN A 1 38  ? 2.897   -3.060  -16.609 0.50 65.04 ? 35  GLN A OE1 1 
ATOM   304  N  NE2 A GLN A 1 38  ? -0.365  -2.245  -16.892 0.50 64.65 ? 35  GLN A NE2 1 
ATOM   305  N  NE2 B GLN A 1 38  ? 3.016   -3.901  -14.512 0.50 62.79 ? 35  GLN A NE2 1 
ATOM   306  N  N   . GLU A 1 39  ? -0.819  1.462   -14.151 1.00 65.03 ? 36  GLU A N   1 
ATOM   307  C  CA  . GLU A 1 39  ? -2.039  2.214   -14.468 1.00 66.32 ? 36  GLU A CA  1 
ATOM   308  C  C   . GLU A 1 39  ? -1.939  3.672   -14.010 1.00 65.53 ? 36  GLU A C   1 
ATOM   309  O  O   . GLU A 1 39  ? -2.920  4.398   -14.062 1.00 65.68 ? 36  GLU A O   1 
ATOM   310  C  CB  . GLU A 1 39  ? -3.273  1.550   -13.847 1.00 67.18 ? 36  GLU A CB  1 
ATOM   311  C  CG  . GLU A 1 39  ? -3.221  0.020   -13.882 1.00 71.89 ? 36  GLU A CG  1 
ATOM   312  C  CD  . GLU A 1 39  ? -4.410  -0.621  -14.584 1.00 77.85 ? 36  GLU A CD  1 
ATOM   313  O  OE1 . GLU A 1 39  ? -5.170  0.096   -15.298 1.00 80.53 ? 36  GLU A OE1 1 
ATOM   314  O  OE2 . GLU A 1 39  ? -4.557  -1.857  -14.446 1.00 78.44 ? 36  GLU A OE2 1 
ATOM   315  N  N   . LYS A 1 40  ? -0.745  4.060   -13.549 1.00 64.99 ? 37  LYS A N   1 
ATOM   316  C  CA  . LYS A 1 40  ? -0.377  5.447   -13.204 1.00 64.56 ? 37  LYS A CA  1 
ATOM   317  C  C   . LYS A 1 40  ? -0.762  5.906   -11.794 1.00 63.50 ? 37  LYS A C   1 
ATOM   318  O  O   . LYS A 1 40  ? -0.717  7.104   -11.505 1.00 63.31 ? 37  LYS A O   1 
ATOM   319  C  CB  . LYS A 1 40  ? -0.901  6.459   -14.240 1.00 64.45 ? 37  LYS A CB  1 
ATOM   320  C  CG  . LYS A 1 40  ? -0.507  6.179   -15.682 1.00 67.39 ? 37  LYS A CG  1 
ATOM   321  C  CD  . LYS A 1 40  ? 0.979   5.867   -15.886 1.00 70.16 ? 37  LYS A CD  1 
ATOM   322  C  CE  . LYS A 1 40  ? 1.229   5.644   -17.392 1.00 73.13 ? 37  LYS A CE  1 
ATOM   323  N  NZ  . LYS A 1 40  ? 2.499   4.917   -17.662 1.00 74.58 ? 37  LYS A NZ  1 
ATOM   324  N  N   . HIS A 1 41  ? -1.147  4.969   -10.928 1.00 61.91 ? 38  HIS A N   1 
ATOM   325  C  CA  . HIS A 1 41  ? -1.442  5.312   -9.532  1.00 61.08 ? 38  HIS A CA  1 
ATOM   326  C  C   . HIS A 1 41  ? -0.099  5.511   -8.846  1.00 60.80 ? 38  HIS A C   1 
ATOM   327  O  O   . HIS A 1 41  ? 0.904   4.940   -9.281  1.00 60.41 ? 38  HIS A O   1 
ATOM   328  C  CB  . HIS A 1 41  ? -2.283  4.224   -8.836  1.00 59.99 ? 38  HIS A CB  1 
ATOM   329  C  CG  . HIS A 1 41  ? -3.642  4.049   -9.436  1.00 60.94 ? 38  HIS A CG  1 
ATOM   330  N  ND1 . HIS A 1 41  ? -4.614  5.023   -9.372  1.00 61.14 ? 38  HIS A ND1 1 
ATOM   331  C  CD2 . HIS A 1 41  ? -4.175  3.036   -10.159 1.00 59.73 ? 38  HIS A CD2 1 
ATOM   332  C  CE1 . HIS A 1 41  ? -5.693  4.614   -10.020 1.00 61.91 ? 38  HIS A CE1 1 
ATOM   333  N  NE2 . HIS A 1 41  ? -5.449  3.412   -10.510 1.00 60.88 ? 38  HIS A NE2 1 
ATOM   334  N  N   . ARG A 1 42  ? -0.082  6.332   -7.801  1.00 60.58 ? 39  ARG A N   1 
ATOM   335  C  CA  . ARG A 1 42  ? 1.102   6.484   -6.978  1.00 60.79 ? 39  ARG A CA  1 
ATOM   336  C  C   . ARG A 1 42  ? 0.908   5.620   -5.746  1.00 61.09 ? 39  ARG A C   1 
ATOM   337  O  O   . ARG A 1 42  ? -0.176  5.629   -5.193  1.00 61.22 ? 39  ARG A O   1 
ATOM   338  C  CB  . ARG A 1 42  ? 1.280   7.929   -6.533  1.00 60.64 ? 39  ARG A CB  1 
ATOM   339  C  CG  . ARG A 1 42  ? 1.734   8.872   -7.605  1.00 60.54 ? 39  ARG A CG  1 
ATOM   340  C  CD  . ARG A 1 42  ? 1.750   10.280  -7.056  1.00 59.45 ? 39  ARG A CD  1 
ATOM   341  N  NE  . ARG A 1 42  ? 2.388   11.192  -8.003  1.00 58.46 ? 39  ARG A NE  1 
ATOM   342  C  CZ  . ARG A 1 42  ? 2.553   12.491  -7.805  1.00 55.00 ? 39  ARG A CZ  1 
ATOM   343  N  NH1 . ARG A 1 42  ? 2.157   13.065  -6.678  1.00 55.42 ? 39  ARG A NH1 1 
ATOM   344  N  NH2 . ARG A 1 42  ? 3.136   13.209  -8.728  1.00 54.49 ? 39  ARG A NH2 1 
ATOM   345  N  N   . LEU A 1 43  ? 1.944   4.881   -5.345  1.00 60.56 ? 40  LEU A N   1 
ATOM   346  C  CA  . LEU A 1 43  ? 1.926   4.095   -4.124  1.00 60.44 ? 40  LEU A CA  1 
ATOM   347  C  C   . LEU A 1 43  ? 2.785   4.745   -3.073  1.00 60.62 ? 40  LEU A C   1 
ATOM   348  O  O   . LEU A 1 43  ? 3.946   5.051   -3.309  1.00 61.42 ? 40  LEU A O   1 
ATOM   349  C  CB  . LEU A 1 43  ? 2.428   2.665   -4.383  1.00 59.93 ? 40  LEU A CB  1 
ATOM   350  C  CG  . LEU A 1 43  ? 1.751   1.933   -5.561  1.00 59.77 ? 40  LEU A CG  1 
ATOM   351  C  CD1 . LEU A 1 43  ? 2.263   0.491   -5.626  1.00 60.26 ? 40  LEU A CD1 1 
ATOM   352  C  CD2 . LEU A 1 43  ? 0.237   1.969   -5.504  1.00 56.02 ? 40  LEU A CD2 1 
ATOM   353  N  N   . ILE A 1 44  ? 2.216   4.957   -1.901  1.00 61.27 ? 41  ILE A N   1 
ATOM   354  C  CA  . ILE A 1 44  ? 2.981   5.448   -0.772  1.00 61.26 ? 41  ILE A CA  1 
ATOM   355  C  C   . ILE A 1 44  ? 2.938   4.389   0.307   1.00 61.18 ? 41  ILE A C   1 
ATOM   356  O  O   . ILE A 1 44  ? 1.869   3.970   0.710   1.00 62.53 ? 41  ILE A O   1 
ATOM   357  C  CB  . ILE A 1 44  ? 2.420   6.786   -0.228  1.00 61.56 ? 41  ILE A CB  1 
ATOM   358  C  CG1 . ILE A 1 44  ? 2.504   7.873   -1.306  1.00 60.97 ? 41  ILE A CG1 1 
ATOM   359  C  CG2 . ILE A 1 44  ? 3.168   7.227   1.025   1.00 59.53 ? 41  ILE A CG2 1 
ATOM   360  C  CD1 . ILE A 1 44  ? 2.061   9.235   -0.791  1.00 62.10 ? 41  ILE A CD1 1 
ATOM   361  N  N   . LEU A 1 45  ? 4.103   3.957   0.775   1.00 61.05 ? 42  LEU A N   1 
ATOM   362  C  CA  . LEU A 1 45  ? 4.155   3.049   1.907   1.00 60.78 ? 42  LEU A CA  1 
ATOM   363  C  C   . LEU A 1 45  ? 3.721   3.780   3.171   1.00 60.77 ? 42  LEU A C   1 
ATOM   364  O  O   . LEU A 1 45  ? 4.184   4.901   3.441   1.00 60.67 ? 42  LEU A O   1 
ATOM   365  C  CB  . LEU A 1 45  ? 5.538   2.446   2.049   1.00 60.47 ? 42  LEU A CB  1 
ATOM   366  C  CG  . LEU A 1 45  ? 5.658   1.291   3.046   1.00 62.23 ? 42  LEU A CG  1 
ATOM   367  C  CD1 . LEU A 1 45  ? 4.754   0.095   2.655   1.00 57.08 ? 42  LEU A CD1 1 
ATOM   368  C  CD2 . LEU A 1 45  ? 7.139   0.884   3.102   1.00 57.99 ? 42  LEU A CD2 1 
ATOM   369  N  N   . TRP A 1 46  ? 2.803   3.163   3.915   1.00 59.64 ? 43  TRP A N   1 
ATOM   370  C  CA  . TRP A 1 46  ? 2.187   3.793   5.086   1.00 60.08 ? 43  TRP A CA  1 
ATOM   371  C  C   . TRP A 1 46  ? 2.200   2.785   6.209   1.00 60.25 ? 43  TRP A C   1 
ATOM   372  O  O   . TRP A 1 46  ? 1.310   1.934   6.291   1.00 60.07 ? 43  TRP A O   1 
ATOM   373  C  CB  . TRP A 1 46  ? 0.753   4.190   4.729   1.00 60.08 ? 43  TRP A CB  1 
ATOM   374  C  CG  . TRP A 1 46  ? -0.018  5.111   5.649   1.00 61.02 ? 43  TRP A CG  1 
ATOM   375  C  CD1 . TRP A 1 46  ? -1.344  5.025   5.904   1.00 59.44 ? 43  TRP A CD1 1 
ATOM   376  C  CD2 . TRP A 1 46  ? 0.461   6.265   6.397   1.00 59.56 ? 43  TRP A CD2 1 
ATOM   377  N  NE1 . TRP A 1 46  ? -1.730  6.031   6.755   1.00 59.17 ? 43  TRP A NE1 1 
ATOM   378  C  CE2 . TRP A 1 46  ? -0.651  6.807   7.071   1.00 59.44 ? 43  TRP A CE2 1 
ATOM   379  C  CE3 . TRP A 1 46  ? 1.713   6.876   6.562   1.00 60.38 ? 43  TRP A CE3 1 
ATOM   380  C  CZ2 . TRP A 1 46  ? -0.567  7.958   7.882   1.00 59.24 ? 43  TRP A CZ2 1 
ATOM   381  C  CZ3 . TRP A 1 46  ? 1.808   8.001   7.373   1.00 59.75 ? 43  TRP A CZ3 1 
ATOM   382  C  CH2 . TRP A 1 46  ? 0.658   8.539   8.025   1.00 60.78 ? 43  TRP A CH2 1 
ATOM   383  N  N   . SER A 1 47  ? 3.233   2.871   7.050   1.00 60.48 ? 44  SER A N   1 
ATOM   384  C  CA  . SER A 1 47  ? 3.525   1.879   8.072   1.00 60.81 ? 44  SER A CA  1 
ATOM   385  C  C   . SER A 1 47  ? 3.940   2.534   9.379   1.00 61.35 ? 44  SER A C   1 
ATOM   386  O  O   . SER A 1 47  ? 4.560   3.601   9.382   1.00 61.27 ? 44  SER A O   1 
ATOM   387  C  CB  . SER A 1 47  ? 4.666   1.001   7.580   1.00 60.74 ? 44  SER A CB  1 
ATOM   388  O  OG  . SER A 1 47  ? 4.935   -0.035  8.489   1.00 61.48 ? 44  SER A OG  1 
ATOM   389  N  N   . VAL A 1 48  ? 3.608   1.899   10.502  1.00 62.27 ? 45  VAL A N   1 
ATOM   390  C  CA  . VAL A 1 48  ? 4.119   2.354   11.778  1.00 62.67 ? 45  VAL A CA  1 
ATOM   391  C  C   . VAL A 1 48  ? 5.635   2.120   11.841  1.00 63.17 ? 45  VAL A C   1 
ATOM   392  O  O   . VAL A 1 48  ? 6.309   2.693   12.692  1.00 63.53 ? 45  VAL A O   1 
ATOM   393  C  CB  . VAL A 1 48  ? 3.378   1.717   13.010  1.00 63.71 ? 45  VAL A CB  1 
ATOM   394  C  CG1 . VAL A 1 48  ? 1.924   2.196   13.067  1.00 61.70 ? 45  VAL A CG1 1 
ATOM   395  C  CG2 . VAL A 1 48  ? 3.481   0.177   13.005  1.00 63.70 ? 45  VAL A CG2 1 
ATOM   396  N  N   . ARG A 1 49  ? 6.160   1.286   10.936  1.00 63.16 ? 46  ARG A N   1 
ATOM   397  C  CA  . ARG A 1 49  ? 7.615   1.106   10.784  1.00 63.77 ? 46  ARG A CA  1 
ATOM   398  C  C   . ARG A 1 49  ? 8.327   2.459   10.557  1.00 64.68 ? 46  ARG A C   1 
ATOM   399  O  O   . ARG A 1 49  ? 7.885   3.280   9.724   1.00 64.37 ? 46  ARG A O   1 
ATOM   400  C  CB  . ARG A 1 49  ? 7.931   0.144   9.626   1.00 62.59 ? 46  ARG A CB  1 
ATOM   401  C  CG  . ARG A 1 49  ? 7.651   -1.332  9.931   1.00 63.70 ? 46  ARG A CG  1 
ATOM   402  C  CD  . ARG A 1 49  ? 7.826   -2.243  8.701   1.00 62.97 ? 46  ARG A CD  1 
ATOM   403  N  NE  . ARG A 1 49  ? 7.546   -3.655  8.989   1.00 62.53 ? 46  ARG A NE  1 
ATOM   404  C  CZ  . ARG A 1 49  ? 8.465   -4.604  9.186   1.00 64.27 ? 46  ARG A CZ  1 
ATOM   405  N  NH1 . ARG A 1 49  ? 9.765   -4.324  9.126   1.00 63.24 ? 46  ARG A NH1 1 
ATOM   406  N  NH2 . ARG A 1 49  ? 8.081   -5.853  9.448   1.00 64.94 ? 46  ARG A NH2 1 
ATOM   407  N  N   . GLU A 1 50  ? 9.400   2.677   11.318  1.00 65.04 ? 47  GLU A N   1 
ATOM   408  C  CA  . GLU A 1 50  ? 10.336  3.803   11.159  1.00 66.70 ? 47  GLU A CA  1 
ATOM   409  C  C   . GLU A 1 50  ? 11.795  3.286   11.260  1.00 66.54 ? 47  GLU A C   1 
ATOM   410  O  O   . GLU A 1 50  ? 12.046  2.187   11.762  1.00 66.57 ? 47  GLU A O   1 
ATOM   411  C  CB  . GLU A 1 50  ? 10.146  4.857   12.266  1.00 67.43 ? 47  GLU A CB  1 
ATOM   412  C  CG  . GLU A 1 50  ? 8.727   5.405   12.478  1.00 71.61 ? 47  GLU A CG  1 
ATOM   413  C  CD  . GLU A 1 50  ? 8.285   6.468   11.439  1.00 76.50 ? 47  GLU A CD  1 
ATOM   414  O  OE1 . GLU A 1 50  ? 8.987   6.701   10.409  1.00 78.58 ? 47  GLU A OE1 1 
ATOM   415  O  OE2 . GLU A 1 50  ? 7.212   7.069   11.667  1.00 77.57 ? 47  GLU A OE2 1 
ATOM   416  N  N   . GLY A 1 51  ? 12.758  4.082   10.805  1.00 66.40 ? 48  GLY A N   1 
ATOM   417  C  CA  . GLY A 1 51  ? 14.171  3.708   10.941  1.00 66.08 ? 48  GLY A CA  1 
ATOM   418  C  C   . GLY A 1 51  ? 14.487  2.428   10.199  1.00 65.83 ? 48  GLY A C   1 
ATOM   419  O  O   . GLY A 1 51  ? 13.912  2.167   9.123   1.00 65.96 ? 48  GLY A O   1 
ATOM   420  N  N   A GLU A 1 52  ? 15.381  1.612   10.755  0.50 65.50 ? 49  GLU A N   1 
ATOM   421  N  N   B GLU A 1 52  ? 15.381  1.635   10.796  0.50 65.44 ? 49  GLU A N   1 
ATOM   422  C  CA  A GLU A 1 52  ? 15.844  0.405   10.058  0.50 65.32 ? 49  GLU A CA  1 
ATOM   423  C  CA  B GLU A 1 52  ? 15.857  0.354   10.260  0.50 65.23 ? 49  GLU A CA  1 
ATOM   424  C  C   A GLU A 1 52  ? 14.758  -0.660  9.805   0.50 65.01 ? 49  GLU A C   1 
ATOM   425  C  C   B GLU A 1 52  ? 14.734  -0.570  9.788   0.50 64.96 ? 49  GLU A C   1 
ATOM   426  O  O   A GLU A 1 52  ? 14.902  -1.472  8.885   0.50 65.05 ? 49  GLU A O   1 
ATOM   427  O  O   B GLU A 1 52  ? 14.824  -1.192  8.722   0.50 65.08 ? 49  GLU A O   1 
ATOM   428  C  CB  A GLU A 1 52  ? 17.089  -0.195  10.729  0.50 65.26 ? 49  GLU A CB  1 
ATOM   429  C  CB  B GLU A 1 52  ? 16.724  -0.360  11.311  0.50 65.06 ? 49  GLU A CB  1 
ATOM   430  C  CG  A GLU A 1 52  ? 18.429  0.485   10.330  0.50 65.69 ? 49  GLU A CG  1 
ATOM   431  C  CG  B GLU A 1 52  ? 16.997  -1.836  11.023  0.50 65.41 ? 49  GLU A CG  1 
ATOM   432  C  CD  A GLU A 1 52  ? 18.986  0.012   8.972   0.50 65.41 ? 49  GLU A CD  1 
ATOM   433  C  CD  B GLU A 1 52  ? 18.308  -2.347  11.623  0.50 66.62 ? 49  GLU A CD  1 
ATOM   434  O  OE1 A GLU A 1 52  ? 19.897  -0.840  8.967   0.50 64.58 ? 49  GLU A OE1 1 
ATOM   435  O  OE1 B GLU A 1 52  ? 19.165  -1.523  12.032  0.50 66.45 ? 49  GLU A OE1 1 
ATOM   436  O  OE2 A GLU A 1 52  ? 18.522  0.485   7.912   0.50 64.07 ? 49  GLU A OE2 1 
ATOM   437  O  OE2 B GLU A 1 52  ? 18.485  -3.585  11.666  0.50 66.14 ? 49  GLU A OE2 1 
ATOM   438  N  N   . LEU A 1 53  ? 13.682  -0.651  10.591  1.00 64.71 ? 50  LEU A N   1 
ATOM   439  C  CA  . LEU A 1 53  ? 12.541  -1.534  10.312  1.00 64.48 ? 50  LEU A CA  1 
ATOM   440  C  C   . LEU A 1 53  ? 11.744  -1.095  9.080   1.00 64.21 ? 50  LEU A C   1 
ATOM   441  O  O   . LEU A 1 53  ? 11.225  -1.934  8.336   1.00 64.00 ? 50  LEU A O   1 
ATOM   442  C  CB  . LEU A 1 53  ? 11.629  -1.660  11.529  1.00 64.59 ? 50  LEU A CB  1 
ATOM   443  C  CG  . LEU A 1 53  ? 12.198  -2.503  12.671  1.00 63.85 ? 50  LEU A CG  1 
ATOM   444  C  CD1 . LEU A 1 53  ? 11.243  -2.492  13.868  1.00 64.56 ? 50  LEU A CD1 1 
ATOM   445  C  CD2 . LEU A 1 53  ? 12.510  -3.934  12.211  1.00 63.41 ? 50  LEU A CD2 1 
ATOM   446  N  N   . LEU A 1 54  ? 11.650  0.215   8.871   1.00 63.62 ? 51  LEU A N   1 
ATOM   447  C  CA  . LEU A 1 54  ? 11.132  0.747   7.625   1.00 63.05 ? 51  LEU A CA  1 
ATOM   448  C  C   . LEU A 1 54  ? 12.047  0.366   6.469   1.00 63.37 ? 51  LEU A C   1 
ATOM   449  O  O   . LEU A 1 54  ? 11.589  -0.150  5.446   1.00 62.58 ? 51  LEU A O   1 
ATOM   450  C  CB  . LEU A 1 54  ? 10.978  2.273   7.686   1.00 63.20 ? 51  LEU A CB  1 
ATOM   451  C  CG  . LEU A 1 54  ? 10.187  2.946   6.537   1.00 63.07 ? 51  LEU A CG  1 
ATOM   452  C  CD1 . LEU A 1 54  ? 8.736   2.390   6.391   1.00 62.69 ? 51  LEU A CD1 1 
ATOM   453  C  CD2 . LEU A 1 54  ? 10.192  4.488   6.689   1.00 62.20 ? 51  LEU A CD2 1 
ATOM   454  N  N   . ASP A 1 55  ? 13.343  0.634   6.636   1.00 63.55 ? 52  ASP A N   1 
ATOM   455  C  CA  . ASP A 1 55  ? 14.327  0.324   5.613   1.00 64.04 ? 52  ASP A CA  1 
ATOM   456  C  C   . ASP A 1 55  ? 14.206  -1.135  5.202   1.00 64.01 ? 52  ASP A C   1 
ATOM   457  O  O   . ASP A 1 55  ? 14.177  -1.446  4.019   1.00 64.16 ? 52  ASP A O   1 
ATOM   458  C  CB  . ASP A 1 55  ? 15.747  0.631   6.109   1.00 64.20 ? 52  ASP A CB  1 
ATOM   459  C  CG  . ASP A 1 55  ? 16.008  2.139   6.270   1.00 66.14 ? 52  ASP A CG  1 
ATOM   460  O  OD1 . ASP A 1 55  ? 15.315  2.942   5.578   1.00 67.57 ? 52  ASP A OD1 1 
ATOM   461  O  OD2 . ASP A 1 55  ? 16.903  2.518   7.086   1.00 65.04 ? 52  ASP A OD2 1 
ATOM   462  N  N   . GLU A 1 56  ? 14.105  -2.026  6.183   1.00 64.09 ? 53  GLU A N   1 
ATOM   463  C  CA  . GLU A 1 56  ? 13.904  -3.442  5.896   1.00 64.13 ? 53  GLU A CA  1 
ATOM   464  C  C   . GLU A 1 56  ? 12.637  -3.700  5.049   1.00 63.90 ? 53  GLU A C   1 
ATOM   465  O  O   . GLU A 1 56  ? 12.682  -4.492  4.093   1.00 63.37 ? 53  GLU A O   1 
ATOM   466  C  CB  . GLU A 1 56  ? 13.965  -4.268  7.185   1.00 63.65 ? 53  GLU A CB  1 
ATOM   467  C  CG  . GLU A 1 56  ? 15.423  -4.473  7.660   1.00 65.01 ? 53  GLU A CG  1 
ATOM   468  C  CD  . GLU A 1 56  ? 15.552  -5.030  9.076   1.00 65.81 ? 53  GLU A CD  1 
ATOM   469  O  OE1 . GLU A 1 56  ? 14.536  -5.519  9.619   1.00 68.83 ? 53  GLU A OE1 1 
ATOM   470  O  OE2 . GLU A 1 56  ? 16.681  -4.976  9.651   1.00 68.09 ? 53  GLU A OE2 1 
ATOM   471  N  N   . ALA A 1 57  ? 11.540  -2.995  5.346   1.00 63.67 ? 54  ALA A N   1 
ATOM   472  C  CA  . ALA A 1 57  ? 10.326  -3.132  4.520   1.00 63.89 ? 54  ALA A CA  1 
ATOM   473  C  C   . ALA A 1 57  ? 10.568  -2.624  3.111   1.00 63.98 ? 54  ALA A C   1 
ATOM   474  O  O   . ALA A 1 57  ? 10.140  -3.250  2.140   1.00 64.89 ? 54  ALA A O   1 
ATOM   475  C  CB  . ALA A 1 57  ? 9.104   -2.429  5.152   1.00 63.74 ? 54  ALA A CB  1 
ATOM   476  N  N   . ILE A 1 58  ? 11.274  -1.500  2.989   1.00 64.00 ? 55  ILE A N   1 
ATOM   477  C  CA  . ILE A 1 58  ? 11.531  -0.907  1.672   1.00 63.21 ? 55  ILE A CA  1 
ATOM   478  C  C   . ILE A 1 58  ? 12.446  -1.784  0.809   1.00 63.13 ? 55  ILE A C   1 
ATOM   479  O  O   . ILE A 1 58  ? 12.190  -1.976  -0.404  1.00 62.74 ? 55  ILE A O   1 
ATOM   480  C  CB  . ILE A 1 58  ? 12.117  0.506   1.819   1.00 63.48 ? 55  ILE A CB  1 
ATOM   481  C  CG1 . ILE A 1 58  ? 11.011  1.474   2.215   1.00 64.37 ? 55  ILE A CG1 1 
ATOM   482  C  CG2 . ILE A 1 58  ? 12.770  0.972   0.523   1.00 62.21 ? 55  ILE A CG2 1 
ATOM   483  C  CD1 . ILE A 1 58  ? 11.536  2.722   2.947   1.00 66.33 ? 55  ILE A CD1 1 
ATOM   484  N  N   A GLU A 1 59  ? 13.516  -2.308  1.401   0.50 62.68 ? 56  GLU A N   1 
ATOM   485  N  N   B GLU A 1 59  ? 13.485  -2.321  1.453   0.50 62.58 ? 56  GLU A N   1 
ATOM   486  C  CA  A GLU A 1 59  ? 14.421  -3.156  0.632   0.50 62.83 ? 56  GLU A CA  1 
ATOM   487  C  CA  B GLU A 1 59  ? 14.487  -3.176  0.813   0.50 62.70 ? 56  GLU A CA  1 
ATOM   488  C  C   A GLU A 1 59  ? 13.751  -4.465  0.215   0.50 62.60 ? 56  GLU A C   1 
ATOM   489  C  C   B GLU A 1 59  ? 13.862  -4.489  0.313   0.50 62.55 ? 56  GLU A C   1 
ATOM   490  O  O   A GLU A 1 59  ? 13.961  -4.943  -0.899  0.50 63.14 ? 56  GLU A O   1 
ATOM   491  O  O   B GLU A 1 59  ? 14.211  -4.993  -0.759  0.50 63.12 ? 56  GLU A O   1 
ATOM   492  C  CB  A GLU A 1 59  ? 15.755  -3.406  1.352   0.50 62.60 ? 56  GLU A CB  1 
ATOM   493  C  CB  B GLU A 1 59  ? 15.660  -3.458  1.782   0.50 62.22 ? 56  GLU A CB  1 
ATOM   494  C  CG  A GLU A 1 59  ? 16.925  -2.625  0.745   0.50 63.31 ? 56  GLU A CG  1 
ATOM   495  C  CG  B GLU A 1 59  ? 16.437  -2.205  2.248   0.50 62.11 ? 56  GLU A CG  1 
ATOM   496  C  CD  A GLU A 1 59  ? 17.404  -3.170  -0.609  0.50 64.46 ? 56  GLU A CD  1 
ATOM   497  C  CD  B GLU A 1 59  ? 17.387  -2.450  3.448   0.50 63.09 ? 56  GLU A CD  1 
ATOM   498  O  OE1 A GLU A 1 59  ? 17.074  -4.323  -0.970  0.50 64.46 ? 56  GLU A OE1 1 
ATOM   499  O  OE1 B GLU A 1 59  ? 17.569  -3.616  3.879   0.50 62.23 ? 56  GLU A OE1 1 
ATOM   500  O  OE2 A GLU A 1 59  ? 18.135  -2.442  -1.314  0.50 65.19 ? 56  GLU A OE2 1 
ATOM   501  O  OE2 B GLU A 1 59  ? 17.965  -1.464  3.961   0.50 62.60 ? 56  GLU A OE2 1 
ATOM   502  N  N   . TRP A 1 60  ? 12.943  -5.029  1.105   1.00 62.42 ? 57  TRP A N   1 
ATOM   503  C  CA  . TRP A 1 60  ? 12.204  -6.237  0.782   1.00 61.99 ? 57  TRP A CA  1 
ATOM   504  C  C   . TRP A 1 60  ? 11.309  -5.969  -0.448  1.00 62.93 ? 57  TRP A C   1 
ATOM   505  O  O   . TRP A 1 60  ? 11.206  -6.808  -1.355  1.00 62.54 ? 57  TRP A O   1 
ATOM   506  C  CB  . TRP A 1 60  ? 11.378  -6.676  2.003   1.00 60.77 ? 57  TRP A CB  1 
ATOM   507  C  CG  . TRP A 1 60  ? 10.620  -7.942  1.806   1.00 59.86 ? 57  TRP A CG  1 
ATOM   508  C  CD1 . TRP A 1 60  ? 11.000  -9.205  2.184   1.00 58.28 ? 57  TRP A CD1 1 
ATOM   509  C  CD2 . TRP A 1 60  ? 9.354   -8.082  1.133   1.00 57.40 ? 57  TRP A CD2 1 
ATOM   510  N  NE1 . TRP A 1 60  ? 10.037  -10.126 1.792   1.00 59.00 ? 57  TRP A NE1 1 
ATOM   511  C  CE2 . TRP A 1 60  ? 9.016   -9.461  1.153   1.00 58.23 ? 57  TRP A CE2 1 
ATOM   512  C  CE3 . TRP A 1 60  ? 8.494   -7.184  0.504   1.00 58.60 ? 57  TRP A CE3 1 
ATOM   513  C  CZ2 . TRP A 1 60  ? 7.833   -9.957  0.576   1.00 58.49 ? 57  TRP A CZ2 1 
ATOM   514  C  CZ3 . TRP A 1 60  ? 7.291   -7.676  -0.062  1.00 59.02 ? 57  TRP A CZ3 1 
ATOM   515  C  CH2 . TRP A 1 60  ? 6.989   -9.055  -0.028  1.00 58.58 ? 57  TRP A CH2 1 
ATOM   516  N  N   . CYS A 1 61  ? 10.691  -4.791  -0.494  1.00 63.61 ? 58  CYS A N   1 
ATOM   517  C  CA  . CYS A 1 61  ? 9.881   -4.433  -1.659  1.00 64.58 ? 58  CYS A CA  1 
ATOM   518  C  C   . CYS A 1 61  ? 10.720  -4.169  -2.895  1.00 65.67 ? 58  CYS A C   1 
ATOM   519  O  O   . CYS A 1 61  ? 10.390  -4.660  -3.980  1.00 66.30 ? 58  CYS A O   1 
ATOM   520  C  CB  . CYS A 1 61  ? 8.979   -3.242  -1.376  1.00 64.31 ? 58  CYS A CB  1 
ATOM   521  S  SG  . CYS A 1 61  ? 7.724   -3.620  -0.149  1.00 63.72 ? 58  CYS A SG  1 
ATOM   522  N  N   . ARG A 1 62  ? 11.789  -3.386  -2.736  1.00 66.64 ? 59  ARG A N   1 
ATOM   523  C  CA  . ARG A 1 62  ? 12.706  -3.066  -3.839  1.00 67.14 ? 59  ARG A CA  1 
ATOM   524  C  C   . ARG A 1 62  ? 13.213  -4.336  -4.530  1.00 66.84 ? 59  ARG A C   1 
ATOM   525  O  O   . ARG A 1 62  ? 13.254  -4.410  -5.757  1.00 66.73 ? 59  ARG A O   1 
ATOM   526  C  CB  . ARG A 1 62  ? 13.882  -2.249  -3.308  1.00 66.66 ? 59  ARG A CB  1 
ATOM   527  C  CG  . ARG A 1 62  ? 14.955  -1.963  -4.341  1.00 68.83 ? 59  ARG A CG  1 
ATOM   528  C  CD  . ARG A 1 62  ? 16.083  -1.059  -3.816  1.00 69.05 ? 59  ARG A CD  1 
ATOM   529  N  NE  . ARG A 1 62  ? 15.566  0.227   -3.328  1.00 72.49 ? 59  ARG A NE  1 
ATOM   530  C  CZ  . ARG A 1 62  ? 15.598  0.633   -2.053  1.00 74.12 ? 59  ARG A CZ  1 
ATOM   531  N  NH1 . ARG A 1 62  ? 15.086  1.826   -1.747  1.00 73.75 ? 59  ARG A NH1 1 
ATOM   532  N  NH2 . ARG A 1 62  ? 16.152  -0.126  -1.085  1.00 72.72 ? 59  ARG A NH2 1 
ATOM   533  N  N   . ALA A 1 63  ? 13.574  -5.339  -3.730  1.00 66.62 ? 60  ALA A N   1 
ATOM   534  C  CA  . ALA A 1 63  ? 14.100  -6.606  -4.251  1.00 66.28 ? 60  ALA A CA  1 
ATOM   535  C  C   . ALA A 1 63  ? 13.102  -7.377  -5.123  1.00 65.71 ? 60  ALA A C   1 
ATOM   536  O  O   . ALA A 1 63  ? 13.485  -8.259  -5.882  1.00 65.84 ? 60  ALA A O   1 
ATOM   537  C  CB  . ALA A 1 63  ? 14.587  -7.471  -3.108  1.00 66.30 ? 60  ALA A CB  1 
ATOM   538  N  N   . ARG A 1 64  ? 11.823  -7.043  -4.994  1.00 65.46 ? 61  ARG A N   1 
ATOM   539  C  CA  . ARG A 1 64  ? 10.764  -7.644  -5.785  1.00 64.87 ? 61  ARG A CA  1 
ATOM   540  C  C   . ARG A 1 64  ? 10.314  -6.662  -6.863  1.00 65.25 ? 61  ARG A C   1 
ATOM   541  O  O   . ARG A 1 64  ? 9.275   -6.832  -7.512  1.00 65.33 ? 61  ARG A O   1 
ATOM   542  C  CB  . ARG A 1 64  ? 9.619   -8.064  -4.862  1.00 64.30 ? 61  ARG A CB  1 
ATOM   543  C  CG  . ARG A 1 64  ? 9.887   -9.414  -4.179  1.00 63.79 ? 61  ARG A CG  1 
ATOM   544  C  CD  . ARG A 1 64  ? 9.275   -9.563  -2.793  1.00 60.33 ? 61  ARG A CD  1 
ATOM   545  N  NE  . ARG A 1 64  ? 9.807   -10.751 -2.120  1.00 60.19 ? 61  ARG A NE  1 
ATOM   546  C  CZ  . ARG A 1 64  ? 10.903  -10.760 -1.351  1.00 61.55 ? 61  ARG A CZ  1 
ATOM   547  N  NH1 . ARG A 1 64  ? 11.587  -9.638  -1.130  1.00 61.94 ? 61  ARG A NH1 1 
ATOM   548  N  NH2 . ARG A 1 64  ? 11.327  -11.891 -0.800  1.00 58.47 ? 61  ARG A NH2 1 
ATOM   549  N  N   . GLY A 1 65  ? 11.128  -5.632  -7.061  1.00 65.55 ? 62  GLY A N   1 
ATOM   550  C  CA  . GLY A 1 65  ? 10.862  -4.620  -8.070  1.00 65.92 ? 62  GLY A CA  1 
ATOM   551  C  C   . GLY A 1 65  ? 9.686   -3.735  -7.747  1.00 66.39 ? 62  GLY A C   1 
ATOM   552  O  O   . GLY A 1 65  ? 9.044   -3.205  -8.662  1.00 66.88 ? 62  GLY A O   1 
ATOM   553  N  N   . LEU A 1 66  ? 9.382   -3.594  -6.453  1.00 66.39 ? 63  LEU A N   1 
ATOM   554  C  CA  . LEU A 1 66  ? 8.347   -2.657  -6.004  1.00 66.38 ? 63  LEU A CA  1 
ATOM   555  C  C   . LEU A 1 66  ? 8.986   -1.473  -5.288  1.00 66.42 ? 63  LEU A C   1 
ATOM   556  O  O   . LEU A 1 66  ? 9.619   -1.624  -4.223  1.00 65.81 ? 63  LEU A O   1 
ATOM   557  C  CB  . LEU A 1 66  ? 7.276   -3.342  -5.126  1.00 66.10 ? 63  LEU A CB  1 
ATOM   558  C  CG  . LEU A 1 66  ? 6.267   -2.469  -4.372  1.00 65.85 ? 63  LEU A CG  1 
ATOM   559  C  CD1 . LEU A 1 66  ? 5.426   -1.558  -5.312  1.00 65.30 ? 63  LEU A CD1 1 
ATOM   560  C  CD2 . LEU A 1 66  ? 5.361   -3.332  -3.458  1.00 66.07 ? 63  LEU A CD2 1 
ATOM   561  N  N   . GLU A 1 67  ? 8.808   -0.301  -5.896  1.00 66.24 ? 64  GLU A N   1 
ATOM   562  C  CA  . GLU A 1 67  ? 9.393   0.949   -5.422  1.00 66.34 ? 64  GLU A CA  1 
ATOM   563  C  C   . GLU A 1 67  ? 8.299   1.972   -5.250  1.00 65.45 ? 64  GLU A C   1 
ATOM   564  O  O   . GLU A 1 67  ? 7.408   2.087   -6.108  1.00 66.19 ? 64  GLU A O   1 
ATOM   565  C  CB  . GLU A 1 67  ? 10.445  1.444   -6.418  1.00 67.03 ? 64  GLU A CB  1 
ATOM   566  C  CG  . GLU A 1 67  ? 11.782  1.708   -5.769  1.00 70.37 ? 64  GLU A CG  1 
ATOM   567  C  CD  . GLU A 1 67  ? 12.974  1.516   -6.715  1.00 76.55 ? 64  GLU A CD  1 
ATOM   568  O  OE1 . GLU A 1 67  ? 12.964  2.038   -7.868  1.00 77.39 ? 64  GLU A OE1 1 
ATOM   569  O  OE2 . GLU A 1 67  ? 13.947  0.842   -6.286  1.00 79.30 ? 64  GLU A OE2 1 
ATOM   570  N  N   . PHE A 1 68  ? 8.358   2.702   -4.133  1.00 63.57 ? 65  PHE A N   1 
ATOM   571  C  CA  . PHE A 1 68  ? 7.285   3.597   -3.725  1.00 62.25 ? 65  PHE A CA  1 
ATOM   572  C  C   . PHE A 1 68  ? 7.479   5.040   -4.179  1.00 61.58 ? 65  PHE A C   1 
ATOM   573  O  O   . PHE A 1 68  ? 8.612   5.524   -4.239  1.00 60.78 ? 65  PHE A O   1 
ATOM   574  C  CB  . PHE A 1 68  ? 7.070   3.508   -2.206  1.00 61.36 ? 65  PHE A CB  1 
ATOM   575  C  CG  . PHE A 1 68  ? 6.531   2.186   -1.780  1.00 60.15 ? 65  PHE A CG  1 
ATOM   576  C  CD1 . PHE A 1 68  ? 5.183   1.886   -1.969  1.00 59.21 ? 65  PHE A CD1 1 
ATOM   577  C  CD2 . PHE A 1 68  ? 7.376   1.211   -1.261  1.00 59.74 ? 65  PHE A CD2 1 
ATOM   578  C  CE1 . PHE A 1 68  ? 4.696   0.643   -1.618  1.00 58.30 ? 65  PHE A CE1 1 
ATOM   579  C  CE2 . PHE A 1 68  ? 6.895   -0.036  -0.914  1.00 58.70 ? 65  PHE A CE2 1 
ATOM   580  C  CZ  . PHE A 1 68  ? 5.561   -0.313  -1.090  1.00 58.92 ? 65  PHE A CZ  1 
ATOM   581  N  N   . TYR A 1 69  ? 6.374   5.719   -4.499  1.00 60.36 ? 66  TYR A N   1 
ATOM   582  C  CA  . TYR A 1 69  ? 6.439   7.164   -4.728  1.00 59.40 ? 66  TYR A CA  1 
ATOM   583  C  C   . TYR A 1 69  ? 7.065   7.820   -3.520  1.00 59.49 ? 66  TYR A C   1 
ATOM   584  O  O   . TYR A 1 69  ? 7.841   8.764   -3.670  1.00 58.96 ? 66  TYR A O   1 
ATOM   585  C  CB  . TYR A 1 69  ? 5.068   7.799   -4.960  1.00 58.60 ? 66  TYR A CB  1 
ATOM   586  C  CG  . TYR A 1 69  ? 5.113   9.310   -5.158  1.00 57.42 ? 66  TYR A CG  1 
ATOM   587  C  CD1 . TYR A 1 69  ? 5.657   9.884   -6.317  1.00 57.15 ? 66  TYR A CD1 1 
ATOM   588  C  CD2 . TYR A 1 69  ? 4.605   10.164  -4.194  1.00 57.07 ? 66  TYR A CD2 1 
ATOM   589  C  CE1 . TYR A 1 69  ? 5.695   11.287  -6.493  1.00 56.03 ? 66  TYR A CE1 1 
ATOM   590  C  CE2 . TYR A 1 69  ? 4.631   11.547  -4.357  1.00 56.80 ? 66  TYR A CE2 1 
ATOM   591  C  CZ  . TYR A 1 69  ? 5.169   12.102  -5.503  1.00 57.28 ? 66  TYR A CZ  1 
ATOM   592  O  OH  . TYR A 1 69  ? 5.175   13.471  -5.630  1.00 56.96 ? 66  TYR A OH  1 
ATOM   593  N  N   . ALA A 1 70  ? 6.676   7.337   -2.329  1.00 59.01 ? 67  ALA A N   1 
ATOM   594  C  CA  . ALA A 1 70  ? 7.271   7.764   -1.047  1.00 59.20 ? 67  ALA A CA  1 
ATOM   595  C  C   . ALA A 1 70  ? 6.944   6.789   0.067   1.00 58.75 ? 67  ALA A C   1 
ATOM   596  O  O   . ALA A 1 70  ? 6.100   5.915   -0.110  1.00 59.72 ? 67  ALA A O   1 
ATOM   597  C  CB  . ALA A 1 70  ? 6.831   9.203   -0.652  1.00 58.30 ? 67  ALA A CB  1 
ATOM   598  N  N   . ALA A 1 71  ? 7.611   6.968   1.208   1.00 59.10 ? 68  ALA A N   1 
ATOM   599  C  CA  . ALA A 1 71  ? 7.429   6.168   2.426   1.00 59.42 ? 68  ALA A CA  1 
ATOM   600  C  C   . ALA A 1 71  ? 7.116   7.077   3.604   1.00 60.05 ? 68  ALA A C   1 
ATOM   601  O  O   . ALA A 1 71  ? 7.986   7.842   4.072   1.00 60.22 ? 68  ALA A O   1 
ATOM   602  C  CB  . ALA A 1 71  ? 8.680   5.365   2.744   1.00 59.02 ? 68  ALA A CB  1 
ATOM   603  N  N   . ASN A 1 72  ? 5.875   6.975   4.082   1.00 60.29 ? 69  ASN A N   1 
ATOM   604  C  CA  . ASN A 1 72  ? 5.390   7.697   5.254   1.00 60.65 ? 69  ASN A CA  1 
ATOM   605  C  C   . ASN A 1 72  ? 5.559   9.199   5.083   1.00 60.86 ? 69  ASN A C   1 
ATOM   606  O  O   . ASN A 1 72  ? 5.706   9.944   6.063   1.00 61.51 ? 69  ASN A O   1 
ATOM   607  C  CB  . ASN A 1 72  ? 6.061   7.191   6.544   1.00 60.57 ? 69  ASN A CB  1 
ATOM   608  C  CG  . ASN A 1 72  ? 5.769   5.719   6.820   1.00 61.04 ? 69  ASN A CG  1 
ATOM   609  O  OD1 . ASN A 1 72  ? 4.815   5.147   6.278   1.00 64.30 ? 69  ASN A OD1 1 
ATOM   610  N  ND2 . ASN A 1 72  ? 6.593   5.096   7.656   1.00 56.08 ? 69  ASN A ND2 1 
ATOM   611  N  N   . LYS A 1 73  ? 5.576   9.629   3.831   1.00 60.41 ? 70  LYS A N   1 
ATOM   612  C  CA  . LYS A 1 73  ? 5.509   11.046  3.528   1.00 61.33 ? 70  LYS A CA  1 
ATOM   613  C  C   . LYS A 1 73  ? 4.515   11.213  2.398   1.00 62.17 ? 70  LYS A C   1 
ATOM   614  O  O   . LYS A 1 73  ? 4.170   10.233  1.705   1.00 61.34 ? 70  LYS A O   1 
ATOM   615  C  CB  . LYS A 1 73  ? 6.862   11.583  3.071   1.00 61.51 ? 70  LYS A CB  1 
ATOM   616  C  CG  . LYS A 1 73  ? 8.070   11.258  3.932   1.00 60.56 ? 70  LYS A CG  1 
ATOM   617  C  CD  . LYS A 1 73  ? 9.291   11.949  3.325   1.00 63.63 ? 70  LYS A CD  1 
ATOM   618  C  CE  . LYS A 1 73  ? 10.587  11.483  3.942   1.00 65.03 ? 70  LYS A CE  1 
ATOM   619  N  NZ  . LYS A 1 73  ? 10.387  11.342  5.407   1.00 66.16 ? 70  LYS A NZ  1 
ATOM   620  N  N   . ASP A 1 74  ? 4.058   12.447  2.217   1.00 63.23 ? 71  ASP A N   1 
ATOM   621  C  CA  . ASP A 1 74  ? 3.148   12.781  1.125   1.00 65.62 ? 71  ASP A CA  1 
ATOM   622  C  C   . ASP A 1 74  ? 3.885   12.926  -0.191  1.00 66.20 ? 71  ASP A C   1 
ATOM   623  O  O   . ASP A 1 74  ? 3.287   12.812  -1.267  1.00 66.42 ? 71  ASP A O   1 
ATOM   624  C  CB  . ASP A 1 74  ? 2.338   14.049  1.448   1.00 65.96 ? 71  ASP A CB  1 
ATOM   625  C  CG  . ASP A 1 74  ? 1.089   13.733  2.240   1.00 67.85 ? 71  ASP A CG  1 
ATOM   626  O  OD1 . ASP A 1 74  ? 0.482   12.674  1.965   1.00 70.15 ? 71  ASP A OD1 1 
ATOM   627  O  OD2 . ASP A 1 74  ? 0.727   14.508  3.149   1.00 70.94 ? 71  ASP A OD2 1 
ATOM   628  N  N   A TYR A 1 75  ? 5.182   13.183  -0.098  0.50 66.63 ? 72  TYR A N   1 
ATOM   629  N  N   B TYR A 1 75  ? 5.193   13.168  -0.068  0.50 66.80 ? 72  TYR A N   1 
ATOM   630  C  CA  A TYR A 1 75  ? 6.052   13.273  -1.259  0.50 67.32 ? 72  TYR A CA  1 
ATOM   631  C  CA  B TYR A 1 75  ? 6.113   13.496  -1.159  0.50 67.65 ? 72  TYR A CA  1 
ATOM   632  C  C   A TYR A 1 75  ? 7.498   13.200  -0.771  0.50 67.98 ? 72  TYR A C   1 
ATOM   633  C  C   B TYR A 1 75  ? 7.544   13.179  -0.688  0.50 68.16 ? 72  TYR A C   1 
ATOM   634  O  O   A TYR A 1 75  ? 7.822   13.740  0.292   0.50 67.81 ? 72  TYR A O   1 
ATOM   635  O  O   B TYR A 1 75  ? 7.903   13.529  0.441   0.50 68.05 ? 72  TYR A O   1 
ATOM   636  C  CB  A TYR A 1 75  ? 5.775   14.543  -2.086  0.50 66.89 ? 72  TYR A CB  1 
ATOM   637  C  CB  B TYR A 1 75  ? 5.984   14.989  -1.520  0.50 67.42 ? 72  TYR A CB  1 
ATOM   638  C  CG  A TYR A 1 75  ? 5.617   15.814  -1.278  0.50 66.41 ? 72  TYR A CG  1 
ATOM   639  C  CG  B TYR A 1 75  ? 7.264   15.673  -1.975  0.50 67.19 ? 72  TYR A CG  1 
ATOM   640  C  CD1 A TYR A 1 75  ? 6.728   16.581  -0.932  0.50 65.45 ? 72  TYR A CD1 1 
ATOM   641  C  CD1 B TYR A 1 75  ? 7.801   15.421  -3.240  0.50 67.67 ? 72  TYR A CD1 1 
ATOM   642  C  CD2 A TYR A 1 75  ? 4.355   16.262  -0.884  0.50 65.68 ? 72  TYR A CD2 1 
ATOM   643  C  CD2 B TYR A 1 75  ? 7.921   16.589  -1.155  0.50 66.82 ? 72  TYR A CD2 1 
ATOM   644  C  CE1 A TYR A 1 75  ? 6.591   17.750  -0.205  0.50 66.10 ? 72  TYR A CE1 1 
ATOM   645  C  CE1 B TYR A 1 75  ? 8.963   16.035  -3.670  0.50 66.68 ? 72  TYR A CE1 1 
ATOM   646  C  CE2 A TYR A 1 75  ? 4.206   17.436  -0.156  0.50 65.61 ? 72  TYR A CE2 1 
ATOM   647  C  CE2 B TYR A 1 75  ? 9.083   17.221  -1.580  0.50 67.07 ? 72  TYR A CE2 1 
ATOM   648  C  CZ  A TYR A 1 75  ? 5.333   18.173  0.181   0.50 66.07 ? 72  TYR A CZ  1 
ATOM   649  C  CZ  B TYR A 1 75  ? 9.594   16.937  -2.843  0.50 67.23 ? 72  TYR A CZ  1 
ATOM   650  O  OH  A TYR A 1 75  ? 5.210   19.331  0.906   0.50 66.20 ? 72  TYR A OH  1 
ATOM   651  O  OH  B TYR A 1 75  ? 10.736  17.545  -3.288  0.50 65.86 ? 72  TYR A OH  1 
ATOM   652  N  N   . PRO A 1 76  ? 8.365   12.538  -1.552  1.00 68.60 ? 73  PRO A N   1 
ATOM   653  C  CA  . PRO A 1 76  ? 9.670   11.989  -1.107  1.00 69.87 ? 73  PRO A CA  1 
ATOM   654  C  C   . PRO A 1 76  ? 10.726  12.908  -0.478  1.00 71.31 ? 73  PRO A C   1 
ATOM   655  O  O   . PRO A 1 76  ? 11.832  12.431  -0.216  1.00 71.75 ? 73  PRO A O   1 
ATOM   656  C  CB  . PRO A 1 76  ? 10.244  11.334  -2.370  1.00 69.94 ? 73  PRO A CB  1 
ATOM   657  C  CG  . PRO A 1 76  ? 9.143   11.281  -3.352  1.00 69.34 ? 73  PRO A CG  1 
ATOM   658  C  CD  . PRO A 1 76  ? 8.123   12.287  -2.985  1.00 68.63 ? 73  PRO A CD  1 
ATOM   659  N  N   . GLU A 1 77  ? 10.405  14.182  -0.235  1.00 72.75 ? 74  GLU A N   1 
ATOM   660  C  CA  . GLU A 1 77  ? 11.329  15.122  0.415   1.00 74.07 ? 74  GLU A CA  1 
ATOM   661  C  C   . GLU A 1 77  ? 10.597  16.076  1.365   1.00 74.42 ? 74  GLU A C   1 
ATOM   662  O  O   . GLU A 1 77  ? 11.021  17.225  1.538   1.00 74.18 ? 74  GLU A O   1 
ATOM   663  C  CB  . GLU A 1 77  ? 12.088  15.959  -0.632  1.00 74.49 ? 74  GLU A CB  1 
ATOM   664  C  CG  . GLU A 1 77  ? 13.016  15.190  -1.577  1.00 76.81 ? 74  GLU A CG  1 
ATOM   665  C  CD  . GLU A 1 77  ? 14.450  15.093  -1.052  1.00 79.64 ? 74  GLU A CD  1 
ATOM   666  O  OE1 . GLU A 1 77  ? 15.395  15.143  -1.880  1.00 80.30 ? 74  GLU A OE1 1 
ATOM   667  O  OE2 . GLU A 1 77  ? 14.629  14.979  0.183   1.00 80.78 ? 74  GLU A OE2 1 
ATOM   668  N  N   . GLU A 1 78  ? 9.498   15.611  1.965   1.00 74.74 ? 75  GLU A N   1 
ATOM   669  C  CA  . GLU A 1 78  ? 8.687   16.443  2.872   1.00 75.14 ? 75  GLU A CA  1 
ATOM   670  C  C   . GLU A 1 78  ? 9.495   17.212  3.927   1.00 75.17 ? 75  GLU A C   1 
ATOM   671  O  O   . GLU A 1 78  ? 10.384  16.657  4.581   1.00 75.19 ? 75  GLU A O   1 
ATOM   672  C  CB  . GLU A 1 78  ? 7.611   15.610  3.567   1.00 75.28 ? 75  GLU A CB  1 
ATOM   673  C  CG  . GLU A 1 78  ? 6.362   15.376  2.738   1.00 75.67 ? 75  GLU A CG  1 
ATOM   674  C  CD  . GLU A 1 78  ? 5.099   15.493  3.558   1.00 75.87 ? 75  GLU A CD  1 
ATOM   675  O  OE1 . GLU A 1 78  ? 4.656   16.649  3.797   1.00 75.09 ? 75  GLU A OE1 1 
ATOM   676  O  OE2 . GLU A 1 78  ? 4.548   14.438  3.950   1.00 75.45 ? 75  GLU A OE2 1 
ATOM   677  N  N   . HIS A 1 82  ? 7.482   22.572  9.398   1.00 88.31 ? 79  HIS A N   1 
ATOM   678  C  CA  . HIS A 1 82  ? 7.234   21.986  8.085   1.00 88.52 ? 79  HIS A CA  1 
ATOM   679  C  C   . HIS A 1 82  ? 6.518   22.967  7.143   1.00 88.28 ? 79  HIS A C   1 
ATOM   680  O  O   . HIS A 1 82  ? 6.709   24.183  7.272   1.00 88.30 ? 79  HIS A O   1 
ATOM   681  C  CB  . HIS A 1 82  ? 6.502   20.647  8.226   1.00 88.68 ? 79  HIS A CB  1 
ATOM   682  C  CG  . HIS A 1 82  ? 7.418   19.474  8.419   1.00 89.68 ? 79  HIS A CG  1 
ATOM   683  N  ND1 . HIS A 1 82  ? 7.744   18.609  7.394   1.00 90.33 ? 79  HIS A ND1 1 
ATOM   684  C  CD2 . HIS A 1 82  ? 8.079   19.026  9.514   1.00 90.13 ? 79  HIS A CD2 1 
ATOM   685  C  CE1 . HIS A 1 82  ? 8.565   17.679  7.852   1.00 90.70 ? 79  HIS A CE1 1 
ATOM   686  N  NE2 . HIS A 1 82  ? 8.783   17.908  9.135   1.00 90.05 ? 79  HIS A NE2 1 
ATOM   687  N  N   . GLN A 1 83  ? 5.700   22.461  6.211   1.00 87.89 ? 80  GLN A N   1 
ATOM   688  C  CA  . GLN A 1 83  ? 5.205   23.300  5.095   1.00 87.63 ? 80  GLN A CA  1 
ATOM   689  C  C   . GLN A 1 83  ? 3.671   23.372  4.847   1.00 86.87 ? 80  GLN A C   1 
ATOM   690  O  O   . GLN A 1 83  ? 3.033   24.384  5.174   1.00 86.77 ? 80  GLN A O   1 
ATOM   691  C  CB  . GLN A 1 83  ? 6.013   23.023  3.794   1.00 87.91 ? 80  GLN A CB  1 
ATOM   692  C  CG  . GLN A 1 83  ? 6.178   21.532  3.376   1.00 88.38 ? 80  GLN A CG  1 
ATOM   693  C  CD  . GLN A 1 83  ? 7.566   21.196  2.780   1.00 88.11 ? 80  GLN A CD  1 
ATOM   694  O  OE1 . GLN A 1 83  ? 8.466   22.049  2.723   1.00 88.50 ? 80  GLN A OE1 1 
ATOM   695  N  NE2 . GLN A 1 83  ? 7.736   19.941  2.347   1.00 87.07 ? 80  GLN A NE2 1 
ATOM   696  N  N   . GLY A 1 84  ? 3.106   22.331  4.233   1.00 85.84 ? 81  GLY A N   1 
ATOM   697  C  CA  . GLY A 1 84  ? 1.653   22.206  4.025   1.00 84.42 ? 81  GLY A CA  1 
ATOM   698  C  C   . GLY A 1 84  ? 1.225   20.947  4.759   1.00 83.48 ? 81  GLY A C   1 
ATOM   699  O  O   . GLY A 1 84  ? 0.265   20.262  4.373   1.00 83.63 ? 81  GLY A O   1 
ATOM   700  N  N   . PHE A 1 85  ? 1.960   20.688  5.843   1.00 82.18 ? 82  PHE A N   1 
ATOM   701  C  CA  . PHE A 1 85  ? 1.978   19.440  6.612   1.00 80.19 ? 82  PHE A CA  1 
ATOM   702  C  C   . PHE A 1 85  ? 0.651   19.051  7.245   1.00 78.74 ? 82  PHE A C   1 
ATOM   703  O  O   . PHE A 1 85  ? -0.140  19.909  7.668   1.00 78.88 ? 82  PHE A O   1 
ATOM   704  C  CB  . PHE A 1 85  ? 3.042   19.554  7.724   1.00 80.00 ? 82  PHE A CB  1 
ATOM   705  C  CG  . PHE A 1 85  ? 3.542   18.223  8.253   1.00 79.93 ? 82  PHE A CG  1 
ATOM   706  C  CD1 . PHE A 1 85  ? 4.424   17.435  7.504   1.00 79.60 ? 82  PHE A CD1 1 
ATOM   707  C  CD2 . PHE A 1 85  ? 3.166   17.771  9.514   1.00 79.91 ? 82  PHE A CD2 1 
ATOM   708  C  CE1 . PHE A 1 85  ? 4.904   16.211  7.995   1.00 78.09 ? 82  PHE A CE1 1 
ATOM   709  C  CE2 . PHE A 1 85  ? 3.647   16.539  10.007  1.00 79.30 ? 82  PHE A CE2 1 
ATOM   710  C  CZ  . PHE A 1 85  ? 4.511   15.764  9.239   1.00 78.41 ? 82  PHE A CZ  1 
ATOM   711  N  N   . SER A 1 86  ? 0.430   17.739  7.276   1.00 76.39 ? 83  SER A N   1 
ATOM   712  C  CA  . SER A 1 86  ? -0.491  17.089  8.210   1.00 73.91 ? 83  SER A CA  1 
ATOM   713  C  C   . SER A 1 86  ? 0.149   15.743  8.601   1.00 71.97 ? 83  SER A C   1 
ATOM   714  O  O   . SER A 1 86  ? 0.855   15.137  7.799   1.00 71.57 ? 83  SER A O   1 
ATOM   715  C  CB  . SER A 1 86  ? -1.866  16.881  7.564   1.00 74.00 ? 83  SER A CB  1 
ATOM   716  O  OG  . SER A 1 86  ? -1.804  15.954  6.476   1.00 73.52 ? 83  SER A OG  1 
ATOM   717  N  N   . ARG A 1 87  ? -0.076  15.278  9.820   1.00 69.44 ? 84  ARG A N   1 
ATOM   718  C  CA  . ARG A 1 87  ? 0.485   13.996  10.220  1.00 67.43 ? 84  ARG A CA  1 
ATOM   719  C  C   . ARG A 1 87  ? -0.095  12.824  9.405   1.00 66.46 ? 84  ARG A C   1 
ATOM   720  O  O   . ARG A 1 87  ? 0.643   11.940  8.960   1.00 66.40 ? 84  ARG A O   1 
ATOM   721  C  CB  . ARG A 1 87  ? 0.300   13.776  11.717  1.00 67.33 ? 84  ARG A CB  1 
ATOM   722  C  CG  . ARG A 1 87  ? 1.106   12.631  12.243  1.00 66.09 ? 84  ARG A CG  1 
ATOM   723  C  CD  . ARG A 1 87  ? 0.987   12.523  13.739  1.00 65.24 ? 84  ARG A CD  1 
ATOM   724  N  NE  . ARG A 1 87  ? 1.304   11.162  14.156  1.00 63.68 ? 84  ARG A NE  1 
ATOM   725  C  CZ  . ARG A 1 87  ? 1.474   10.769  15.409  1.00 62.81 ? 84  ARG A CZ  1 
ATOM   726  N  NH1 . ARG A 1 87  ? 1.353   11.617  16.402  1.00 60.97 ? 84  ARG A NH1 1 
ATOM   727  N  NH2 . ARG A 1 87  ? 1.763   9.507   15.664  1.00 65.07 ? 84  ARG A NH2 1 
ATOM   728  N  N   . LYS A 1 88  ? -1.408  12.842  9.177   1.00 64.82 ? 85  LYS A N   1 
ATOM   729  C  CA  . LYS A 1 88  ? -2.064  11.834  8.358   1.00 63.58 ? 85  LYS A CA  1 
ATOM   730  C  C   . LYS A 1 88  ? -1.772  12.131  6.878   1.00 63.72 ? 85  LYS A C   1 
ATOM   731  O  O   . LYS A 1 88  ? -1.872  13.278  6.450   1.00 63.33 ? 85  LYS A O   1 
ATOM   732  C  CB  . LYS A 1 88  ? -3.580  11.857  8.637   1.00 63.52 ? 85  LYS A CB  1 
ATOM   733  C  CG  . LYS A 1 88  ? -4.383  10.766  7.957   1.00 60.71 ? 85  LYS A CG  1 
ATOM   734  C  CD  . LYS A 1 88  ? -5.869  10.891  8.289   1.00 62.05 ? 85  LYS A CD  1 
ATOM   735  C  CE  . LYS A 1 88  ? -6.716  9.908   7.490   1.00 58.62 ? 85  LYS A CE  1 
ATOM   736  N  NZ  . LYS A 1 88  ? -8.181  10.276  7.486   1.00 58.51 ? 85  LYS A NZ  1 
ATOM   737  N  N   . LEU A 1 89  ? -1.425  11.107  6.107   1.00 63.17 ? 86  LEU A N   1 
ATOM   738  C  CA  . LEU A 1 89  ? -1.214  11.265  4.667   1.00 64.68 ? 86  LEU A CA  1 
ATOM   739  C  C   . LEU A 1 89  ? -2.424  11.856  3.962   1.00 64.81 ? 86  LEU A C   1 
ATOM   740  O  O   . LEU A 1 89  ? -3.574  11.616  4.363   1.00 65.91 ? 86  LEU A O   1 
ATOM   741  C  CB  . LEU A 1 89  ? -0.919  9.926   4.005   1.00 64.24 ? 86  LEU A CB  1 
ATOM   742  C  CG  . LEU A 1 89  ? 0.405   9.251   4.330   1.00 67.25 ? 86  LEU A CG  1 
ATOM   743  C  CD1 . LEU A 1 89  ? 0.613   8.096   3.378   1.00 68.82 ? 86  LEU A CD1 1 
ATOM   744  C  CD2 . LEU A 1 89  ? 1.586   10.226  4.313   1.00 69.20 ? 86  LEU A CD2 1 
ATOM   745  N  N   . LYS A 1 90  ? -2.170  12.589  2.889   1.00 64.38 ? 87  LYS A N   1 
ATOM   746  C  CA  . LYS A 1 90  ? -3.254  13.120  2.084   1.00 64.22 ? 87  LYS A CA  1 
ATOM   747  C  C   . LYS A 1 90  ? -3.692  12.169  0.967   1.00 63.73 ? 87  LYS A C   1 
ATOM   748  O  O   . LYS A 1 90  ? -4.405  12.591  0.056   1.00 65.09 ? 87  LYS A O   1 
ATOM   749  C  CB  . LYS A 1 90  ? -2.880  14.491  1.528   1.00 63.93 ? 87  LYS A CB  1 
ATOM   750  C  CG  . LYS A 1 90  ? -2.516  15.449  2.630   1.00 66.05 ? 87  LYS A CG  1 
ATOM   751  C  CD  . LYS A 1 90  ? -2.645  16.909  2.181   1.00 67.54 ? 87  LYS A CD  1 
ATOM   752  C  CE  . LYS A 1 90  ? -2.627  17.842  3.365   1.00 66.77 ? 87  LYS A CE  1 
ATOM   753  N  NZ  . LYS A 1 90  ? -1.247  17.945  3.870   1.00 70.41 ? 87  LYS A NZ  1 
ATOM   754  N  N   . ALA A 1 91  ? -3.308  10.897  1.049   1.00 62.42 ? 88  ALA A N   1 
ATOM   755  C  CA  . ALA A 1 91  ? -3.690  9.882   0.059   1.00 61.88 ? 88  ALA A CA  1 
ATOM   756  C  C   . ALA A 1 91  ? -5.176  9.900   -0.363  1.00 61.50 ? 88  ALA A C   1 
ATOM   757  O  O   . ALA A 1 91  ? -6.034  10.287  0.416   1.00 61.99 ? 88  ALA A O   1 
ATOM   758  C  CB  . ALA A 1 91  ? -3.338  8.522   0.583   1.00 61.79 ? 88  ALA A CB  1 
ATOM   759  N  N   . ASP A 1 92  ? -5.482  9.430   -1.568  1.00 60.77 ? 89  ASP A N   1 
ATOM   760  C  CA  . ASP A 1 92  ? -6.887  9.311   -2.029  1.00 60.60 ? 89  ASP A CA  1 
ATOM   761  C  C   . ASP A 1 92  ? -7.562  7.992   -1.581  1.00 60.67 ? 89  ASP A C   1 
ATOM   762  O  O   . ASP A 1 92  ? -8.808  7.866   -1.575  1.00 59.93 ? 89  ASP A O   1 
ATOM   763  C  CB  . ASP A 1 92  ? -6.929  9.398   -3.565  1.00 60.81 ? 89  ASP A CB  1 
ATOM   764  C  CG  . ASP A 1 92  ? -6.437  10.745  -4.083  1.00 60.10 ? 89  ASP A CG  1 
ATOM   765  O  OD1 . ASP A 1 92  ? -6.951  11.773  -3.595  1.00 59.46 ? 89  ASP A OD1 1 
ATOM   766  O  OD2 . ASP A 1 92  ? -5.521  10.763  -4.936  1.00 58.63 ? 89  ASP A OD2 1 
ATOM   767  N  N   . LEU A 1 93  ? -6.722  7.016   -1.250  1.00 60.14 ? 90  LEU A N   1 
ATOM   768  C  CA  . LEU A 1 93  ? -7.156  5.674   -0.911  1.00 61.03 ? 90  LEU A CA  1 
ATOM   769  C  C   . LEU A 1 93  ? -6.202  5.064   0.124   1.00 61.21 ? 90  LEU A C   1 
ATOM   770  O  O   . LEU A 1 93  ? -4.986  5.327   0.077   1.00 60.68 ? 90  LEU A O   1 
ATOM   771  C  CB  . LEU A 1 93  ? -7.139  4.806   -2.156  1.00 61.66 ? 90  LEU A CB  1 
ATOM   772  C  CG  . LEU A 1 93  ? -8.055  3.583   -2.173  1.00 63.51 ? 90  LEU A CG  1 
ATOM   773  C  CD1 . LEU A 1 93  ? -9.505  4.052   -2.493  1.00 64.32 ? 90  LEU A CD1 1 
ATOM   774  C  CD2 . LEU A 1 93  ? -7.553  2.562   -3.183  1.00 62.24 ? 90  LEU A CD2 1 
ATOM   775  N  N   . PHE A 1 94  ? -6.759  4.253   1.033   1.00 59.93 ? 91  PHE A N   1 
ATOM   776  C  CA  . PHE A 1 94  ? -5.979  3.540   2.019   1.00 59.74 ? 91  PHE A CA  1 
ATOM   777  C  C   . PHE A 1 94  ? -6.225  2.026   1.905   1.00 60.12 ? 91  PHE A C   1 
ATOM   778  O  O   . PHE A 1 94  ? -7.355  1.554   1.931   1.00 59.94 ? 91  PHE A O   1 
ATOM   779  C  CB  . PHE A 1 94  ? -6.323  4.035   3.425   1.00 58.87 ? 91  PHE A CB  1 
ATOM   780  C  CG  . PHE A 1 94  ? -5.953  5.473   3.676   1.00 58.06 ? 91  PHE A CG  1 
ATOM   781  C  CD1 . PHE A 1 94  ? -6.816  6.504   3.322   1.00 57.37 ? 91  PHE A CD1 1 
ATOM   782  C  CD2 . PHE A 1 94  ? -4.733  5.791   4.246   1.00 56.99 ? 91  PHE A CD2 1 
ATOM   783  C  CE1 . PHE A 1 94  ? -6.482  7.849   3.570   1.00 58.23 ? 91  PHE A CE1 1 
ATOM   784  C  CE2 . PHE A 1 94  ? -4.374  7.147   4.511   1.00 60.68 ? 91  PHE A CE2 1 
ATOM   785  C  CZ  . PHE A 1 94  ? -5.248  8.169   4.181   1.00 59.22 ? 91  PHE A CZ  1 
ATOM   786  N  N   . ILE A 1 95  ? -5.152  1.275   1.770   1.00 60.06 ? 92  ILE A N   1 
ATOM   787  C  CA  . ILE A 1 95  ? -5.242  -0.173  1.764   1.00 60.32 ? 92  ILE A CA  1 
ATOM   788  C  C   . ILE A 1 95  ? -4.525  -0.602  3.019   1.00 60.57 ? 92  ILE A C   1 
ATOM   789  O  O   . ILE A 1 95  ? -3.309  -0.419  3.132   1.00 60.77 ? 92  ILE A O   1 
ATOM   790  C  CB  . ILE A 1 95  ? -4.575  -0.788  0.505   1.00 60.35 ? 92  ILE A CB  1 
ATOM   791  C  CG1 . ILE A 1 95  ? -5.202  -0.193  -0.766  1.00 58.66 ? 92  ILE A CG1 1 
ATOM   792  C  CG2 . ILE A 1 95  ? -4.686  -2.355  0.531   1.00 59.87 ? 92  ILE A CG2 1 
ATOM   793  C  CD1 . ILE A 1 95  ? -4.550  -0.648  -2.061  1.00 60.60 ? 92  ILE A CD1 1 
ATOM   794  N  N   . ASP A 1 96  ? -5.281  -1.176  3.954   1.00 60.20 ? 93  ASP A N   1 
ATOM   795  C  CA  . ASP A 1 96  ? -4.774  -1.490  5.280   1.00 60.38 ? 93  ASP A CA  1 
ATOM   796  C  C   . ASP A 1 96  ? -5.540  -2.679  5.882   1.00 60.47 ? 93  ASP A C   1 
ATOM   797  O  O   . ASP A 1 96  ? -6.782  -2.711  5.878   1.00 60.43 ? 93  ASP A O   1 
ATOM   798  C  CB  . ASP A 1 96  ? -4.969  -0.265  6.146   1.00 60.64 ? 93  ASP A CB  1 
ATOM   799  C  CG  . ASP A 1 96  ? -4.050  -0.238  7.332   1.00 62.17 ? 93  ASP A CG  1 
ATOM   800  O  OD1 . ASP A 1 96  ? -4.005  -1.293  8.004   1.00 58.35 ? 93  ASP A OD1 1 
ATOM   801  O  OD2 . ASP A 1 96  ? -3.461  0.871   7.621   1.00 59.85 ? 93  ASP A OD2 1 
ATOM   802  N  N   . ASP A 1 97  ? -4.828  -3.659  6.419   1.00 59.30 ? 94  ASP A N   1 
ATOM   803  C  CA  . ASP A 1 97  ? -5.551  -4.851  6.920   1.00 59.11 ? 94  ASP A CA  1 
ATOM   804  C  C   . ASP A 1 97  ? -6.332  -4.497  8.173   1.00 58.03 ? 94  ASP A C   1 
ATOM   805  O  O   . ASP A 1 97  ? -7.178  -5.259  8.591   1.00 58.56 ? 94  ASP A O   1 
ATOM   806  C  CB  . ASP A 1 97  ? -4.618  -6.019  7.180   1.00 58.85 ? 94  ASP A CB  1 
ATOM   807  C  CG  . ASP A 1 97  ? -3.608  -5.708  8.262   1.00 60.36 ? 94  ASP A CG  1 
ATOM   808  O  OD1 . ASP A 1 97  ? -2.889  -4.696  8.124   1.00 58.13 ? 94  ASP A OD1 1 
ATOM   809  O  OD2 . ASP A 1 97  ? -3.541  -6.464  9.259   1.00 62.63 ? 94  ASP A OD2 1 
ATOM   810  N  N   . ARG A 1 98  ? -6.066  -3.328  8.757   1.00 57.26 ? 95  ARG A N   1 
ATOM   811  C  CA  . ARG A 1 98  ? -6.812  -2.880  9.945   1.00 56.67 ? 95  ARG A CA  1 
ATOM   812  C  C   . ARG A 1 98  ? -7.955  -1.931  9.618   1.00 55.97 ? 95  ARG A C   1 
ATOM   813  O  O   . ARG A 1 98  ? -8.595  -1.399  10.506  1.00 55.69 ? 95  ARG A O   1 
ATOM   814  C  CB  . ARG A 1 98  ? -5.905  -2.259  10.988  1.00 56.35 ? 95  ARG A CB  1 
ATOM   815  C  CG  . ARG A 1 98  ? -4.868  -3.253  11.493  1.00 59.22 ? 95  ARG A CG  1 
ATOM   816  C  CD  . ARG A 1 98  ? -4.020  -2.605  12.573  1.00 62.05 ? 95  ARG A CD  1 
ATOM   817  N  NE  . ARG A 1 98  ? -2.858  -3.410  12.925  1.00 64.31 ? 95  ARG A NE  1 
ATOM   818  C  CZ  . ARG A 1 98  ? -2.187  -3.294  14.067  1.00 65.52 ? 95  ARG A CZ  1 
ATOM   819  N  NH1 . ARG A 1 98  ? -2.543  -2.402  14.999  1.00 65.26 ? 95  ARG A NH1 1 
ATOM   820  N  NH2 . ARG A 1 98  ? -1.158  -4.087  14.280  1.00 66.04 ? 95  ARG A NH2 1 
ATOM   821  N  N   . ASN A 1 99  ? -8.217  -1.733  8.338   1.00 55.96 ? 96  ASN A N   1 
ATOM   822  C  CA  . ASN A 1 99  ? -9.458  -1.070  7.927   1.00 55.73 ? 96  ASN A CA  1 
ATOM   823  C  C   . ASN A 1 99  ? -10.657 -1.833  8.431   1.00 55.80 ? 96  ASN A C   1 
ATOM   824  O  O   . ASN A 1 99  ? -10.703 -3.070  8.384   1.00 55.95 ? 96  ASN A O   1 
ATOM   825  C  CB  . ASN A 1 99  ? -9.504  -0.922  6.405   1.00 55.87 ? 96  ASN A CB  1 
ATOM   826  C  CG  . ASN A 1 99  ? -8.518  0.134   5.892   1.00 55.76 ? 96  ASN A CG  1 
ATOM   827  O  OD1 . ASN A 1 99  ? -7.922  0.859   6.671   1.00 56.37 ? 96  ASN A OD1 1 
ATOM   828  N  ND2 . ASN A 1 99  ? -8.340  0.194   4.604   1.00 52.97 ? 96  ASN A ND2 1 
ATOM   829  N  N   . VAL A 1 100 ? -11.635 -1.108  8.954   1.00 56.05 ? 97  VAL A N   1 
ATOM   830  C  CA  . VAL A 1 100 ? -12.828 -1.783  9.439   1.00 55.51 ? 97  VAL A CA  1 
ATOM   831  C  C   . VAL A 1 100 ? -13.433 -2.664  8.320   1.00 55.94 ? 97  VAL A C   1 
ATOM   832  O  O   . VAL A 1 100 ? -13.432 -2.266  7.166   1.00 55.56 ? 97  VAL A O   1 
ATOM   833  C  CB  . VAL A 1 100 ? -13.847 -0.793  10.065  1.00 55.44 ? 97  VAL A CB  1 
ATOM   834  C  CG1 . VAL A 1 100 ? -14.490 0.084   9.009   1.00 54.99 ? 97  VAL A CG1 1 
ATOM   835  C  CG2 . VAL A 1 100 ? -14.889 -1.549  10.862  1.00 52.87 ? 97  VAL A CG2 1 
ATOM   836  N  N   . GLY A 1 101 ? -13.920 -3.861  8.671   1.00 55.88 ? 98  GLY A N   1 
ATOM   837  C  CA  . GLY A 1 101 ? -14.426 -4.804  7.684   1.00 55.60 ? 98  GLY A CA  1 
ATOM   838  C  C   . GLY A 1 101 ? -13.349 -5.666  7.044   1.00 56.02 ? 98  GLY A C   1 
ATOM   839  O  O   . GLY A 1 101 ? -13.670 -6.648  6.383   1.00 56.69 ? 98  GLY A O   1 
ATOM   840  N  N   . GLY A 1 102 ? -12.079 -5.334  7.291   1.00 55.75 ? 99  GLY A N   1 
ATOM   841  C  CA  . GLY A 1 102 ? -10.941 -6.097  6.790   1.00 56.06 ? 99  GLY A CA  1 
ATOM   842  C  C   . GLY A 1 102 ? -10.665 -5.885  5.310   1.00 57.17 ? 99  GLY A C   1 
ATOM   843  O  O   . GLY A 1 102 ? -11.528 -5.390  4.565   1.00 57.95 ? 99  GLY A O   1 
ATOM   844  N  N   . ILE A 1 103 ? -9.462  -6.223  4.861   1.00 58.10 ? 100 ILE A N   1 
ATOM   845  C  CA  . ILE A 1 103 ? -9.190  -6.149  3.409   1.00 58.91 ? 100 ILE A CA  1 
ATOM   846  C  C   . ILE A 1 103 ? -9.361  -7.489  2.705   1.00 59.39 ? 100 ILE A C   1 
ATOM   847  O  O   . ILE A 1 103 ? -9.038  -8.545  3.273   1.00 58.96 ? 100 ILE A O   1 
ATOM   848  C  CB  . ILE A 1 103 ? -7.886  -5.425  3.002   1.00 59.57 ? 100 ILE A CB  1 
ATOM   849  C  CG1 . ILE A 1 103 ? -6.631  -6.150  3.540   1.00 57.40 ? 100 ILE A CG1 1 
ATOM   850  C  CG2 . ILE A 1 103 ? -7.972  -3.779  3.316   1.00 59.06 ? 100 ILE A CG2 1 
ATOM   851  C  CD1 . ILE A 1 103 ? -5.392  -5.726  2.686   1.00 51.47 ? 100 ILE A CD1 1 
ATOM   852  N  N   . PRO A 1 104 ? -9.927  -7.444  1.480   1.00 60.03 ? 101 PRO A N   1 
ATOM   853  C  CA  . PRO A 1 104 ? -10.208 -8.682  0.758   1.00 58.96 ? 101 PRO A CA  1 
ATOM   854  C  C   . PRO A 1 104 ? -8.917  -9.030  0.025   1.00 58.26 ? 101 PRO A C   1 
ATOM   855  O  O   . PRO A 1 104 ? -7.932  -8.314  0.133   1.00 57.49 ? 101 PRO A O   1 
ATOM   856  C  CB  . PRO A 1 104 ? -11.330 -8.278  -0.201  1.00 58.73 ? 101 PRO A CB  1 
ATOM   857  C  CG  . PRO A 1 104 ? -11.058 -6.805  -0.470  1.00 59.42 ? 101 PRO A CG  1 
ATOM   858  C  CD  . PRO A 1 104 ? -10.270 -6.244  0.686   1.00 59.45 ? 101 PRO A CD  1 
ATOM   859  N  N   . ASP A 1 105 ? -8.879  -10.123 -0.704  1.00 58.11 ? 102 ASP A N   1 
ATOM   860  C  CA  . ASP A 1 105 ? -7.637  -10.404 -1.378  1.00 57.43 ? 102 ASP A CA  1 
ATOM   861  C  C   . ASP A 1 105 ? -7.396  -9.420  -2.530  1.00 56.02 ? 102 ASP A C   1 
ATOM   862  O  O   . ASP A 1 105 ? -8.325  -8.697  -3.007  1.00 55.74 ? 102 ASP A O   1 
ATOM   863  C  CB  . ASP A 1 105 ? -7.579  -11.857 -1.819  1.00 58.16 ? 102 ASP A CB  1 
ATOM   864  C  CG  . ASP A 1 105 ? -8.721  -12.226 -2.698  1.00 61.23 ? 102 ASP A CG  1 
ATOM   865  O  OD1 . ASP A 1 105 ? -8.974  -11.479 -3.667  1.00 62.14 ? 102 ASP A OD1 1 
ATOM   866  O  OD2 . ASP A 1 105 ? -9.354  -13.284 -2.436  1.00 67.82 ? 102 ASP A OD2 1 
ATOM   867  N  N   . TRP A 1 106 ? -6.147  -9.409  -2.970  1.00 54.17 ? 103 TRP A N   1 
ATOM   868  C  CA  . TRP A 1 106 ? -5.650  -8.448  -3.925  1.00 54.23 ? 103 TRP A CA  1 
ATOM   869  C  C   . TRP A 1 106 ? -6.391  -8.458  -5.260  1.00 54.68 ? 103 TRP A C   1 
ATOM   870  O  O   . TRP A 1 106 ? -6.544  -7.398  -5.868  1.00 54.76 ? 103 TRP A O   1 
ATOM   871  C  CB  . TRP A 1 106 ? -4.160  -8.640  -4.084  1.00 53.92 ? 103 TRP A CB  1 
ATOM   872  C  CG  . TRP A 1 106 ? -3.449  -8.086  -2.883  1.00 54.86 ? 103 TRP A CG  1 
ATOM   873  C  CD1 . TRP A 1 106 ? -2.972  -8.778  -1.798  1.00 53.13 ? 103 TRP A CD1 1 
ATOM   874  C  CD2 . TRP A 1 106 ? -3.110  -6.711  -2.669  1.00 52.86 ? 103 TRP A CD2 1 
ATOM   875  N  NE1 . TRP A 1 106 ? -2.359  -7.896  -0.906  1.00 55.03 ? 103 TRP A NE1 1 
ATOM   876  C  CE2 . TRP A 1 106 ? -2.425  -6.628  -1.424  1.00 51.67 ? 103 TRP A CE2 1 
ATOM   877  C  CE3 . TRP A 1 106 ? -3.325  -5.541  -3.402  1.00 53.63 ? 103 TRP A CE3 1 
ATOM   878  C  CZ2 . TRP A 1 106 ? -1.965  -5.411  -0.896  1.00 54.43 ? 103 TRP A CZ2 1 
ATOM   879  C  CZ3 . TRP A 1 106 ? -2.841  -4.301  -2.864  1.00 54.15 ? 103 TRP A CZ3 1 
ATOM   880  C  CH2 . TRP A 1 106 ? -2.168  -4.267  -1.633  1.00 52.76 ? 103 TRP A CH2 1 
ATOM   881  N  N   . GLY A 1 107 ? -6.884  -9.626  -5.687  1.00 53.75 ? 104 GLY A N   1 
ATOM   882  C  CA  . GLY A 1 107 ? -7.860  -9.691  -6.780  1.00 54.53 ? 104 GLY A CA  1 
ATOM   883  C  C   . GLY A 1 107 ? -9.012  -8.699  -6.639  1.00 54.80 ? 104 GLY A C   1 
ATOM   884  O  O   . GLY A 1 107 ? -9.306  -7.945  -7.569  1.00 55.55 ? 104 GLY A O   1 
ATOM   885  N  N   . ILE A 1 108 ? -9.652  -8.682  -5.471  1.00 54.57 ? 105 ILE A N   1 
ATOM   886  C  CA  . ILE A 1 108 ? -10.796 -7.839  -5.259  1.00 54.58 ? 105 ILE A CA  1 
ATOM   887  C  C   . ILE A 1 108 ? -10.369 -6.385  -5.065  1.00 54.71 ? 105 ILE A C   1 
ATOM   888  O  O   . ILE A 1 108 ? -11.035 -5.486  -5.559  1.00 54.11 ? 105 ILE A O   1 
ATOM   889  C  CB  . ILE A 1 108 ? -11.718 -8.338  -4.122  1.00 54.99 ? 105 ILE A CB  1 
ATOM   890  C  CG1 . ILE A 1 108 ? -12.543 -9.533  -4.594  1.00 56.28 ? 105 ILE A CG1 1 
ATOM   891  C  CG2 . ILE A 1 108 ? -12.783 -7.279  -3.785  1.00 56.49 ? 105 ILE A CG2 1 
ATOM   892  C  CD1 . ILE A 1 108 ? -12.018 -10.849 -4.152  1.00 61.16 ? 105 ILE A CD1 1 
ATOM   893  N  N   . ILE A 1 109 ? -9.253  -6.160  -4.374  1.00 55.09 ? 106 ILE A N   1 
ATOM   894  C  CA  . ILE A 1 109 ? -8.727  -4.819  -4.224  1.00 55.37 ? 106 ILE A CA  1 
ATOM   895  C  C   . ILE A 1 109 ? -8.584  -4.202  -5.612  1.00 57.20 ? 106 ILE A C   1 
ATOM   896  O  O   . ILE A 1 109 ? -9.079  -3.098  -5.865  1.00 58.05 ? 106 ILE A O   1 
ATOM   897  C  CB  . ILE A 1 109 ? -7.354  -4.790  -3.443  1.00 55.91 ? 106 ILE A CB  1 
ATOM   898  C  CG1 . ILE A 1 109 ? -7.564  -5.058  -1.937  1.00 54.06 ? 106 ILE A CG1 1 
ATOM   899  C  CG2 . ILE A 1 109 ? -6.636  -3.447  -3.640  1.00 53.68 ? 106 ILE A CG2 1 
ATOM   900  C  CD1 . ILE A 1 109 ? -6.213  -5.246  -1.120  1.00 54.97 ? 106 ILE A CD1 1 
ATOM   901  N  N   . TYR A 1 110 ? -7.945  -4.939  -6.521  1.00 58.28 ? 107 TYR A N   1 
ATOM   902  C  CA  . TYR A 1 110 ? -7.737  -4.483  -7.883  1.00 59.08 ? 107 TYR A CA  1 
ATOM   903  C  C   . TYR A 1 110 ? -9.041  -4.188  -8.646  1.00 59.87 ? 107 TYR A C   1 
ATOM   904  O  O   . TYR A 1 110 ? -9.216  -3.098  -9.211  1.00 59.93 ? 107 TYR A O   1 
ATOM   905  C  CB  . TYR A 1 110 ? -6.878  -5.486  -8.637  1.00 59.33 ? 107 TYR A CB  1 
ATOM   906  C  CG  . TYR A 1 110 ? -6.613  -5.063  -10.053 1.00 60.07 ? 107 TYR A CG  1 
ATOM   907  C  CD1 . TYR A 1 110 ? -5.718  -4.025  -10.340 1.00 59.91 ? 107 TYR A CD1 1 
ATOM   908  C  CD2 . TYR A 1 110 ? -7.273  -5.685  -11.109 1.00 59.64 ? 107 TYR A CD2 1 
ATOM   909  C  CE1 . TYR A 1 110 ? -5.491  -3.610  -11.664 1.00 61.51 ? 107 TYR A CE1 1 
ATOM   910  C  CE2 . TYR A 1 110 ? -7.052  -5.297  -12.428 1.00 62.35 ? 107 TYR A CE2 1 
ATOM   911  C  CZ  . TYR A 1 110 ? -6.162  -4.261  -12.704 1.00 62.26 ? 107 TYR A CZ  1 
ATOM   912  O  OH  . TYR A 1 110 ? -5.950  -3.908  -14.023 1.00 62.57 ? 107 TYR A OH  1 
ATOM   913  N  N   . GLU A 1 111 ? -9.959  -5.147  -8.668  1.00 60.64 ? 108 GLU A N   1 
ATOM   914  C  CA  . GLU A 1 111 ? -11.274 -4.895  -9.274  1.00 62.13 ? 108 GLU A CA  1 
ATOM   915  C  C   . GLU A 1 111 ? -11.948 -3.640  -8.703  1.00 63.20 ? 108 GLU A C   1 
ATOM   916  O  O   . GLU A 1 111 ? -12.530 -2.855  -9.442  1.00 64.01 ? 108 GLU A O   1 
ATOM   917  C  CB  . GLU A 1 111 ? -12.187 -6.110  -9.141  1.00 61.34 ? 108 GLU A CB  1 
ATOM   918  C  CG  . GLU A 1 111 ? -13.609 -5.876  -9.575  1.00 62.09 ? 108 GLU A CG  1 
ATOM   919  C  CD  . GLU A 1 111 ? -14.468 -7.146  -9.525  1.00 63.36 ? 108 GLU A CD  1 
ATOM   920  O  OE1 . GLU A 1 111 ? -13.999 -8.174  -8.959  1.00 64.85 ? 108 GLU A OE1 1 
ATOM   921  O  OE2 . GLU A 1 111 ? -15.617 -7.122  -10.048 1.00 62.10 ? 108 GLU A OE2 1 
HETATM 922  N  N   . MSE A 1 112 ? -11.872 -3.439  -7.394  1.00 64.13 ? 109 MSE A N   1 
HETATM 923  C  CA  . MSE A 1 112 ? -12.550 -2.292  -6.770  1.00 66.05 ? 109 MSE A CA  1 
HETATM 924  C  C   . MSE A 1 112 ? -11.979 -0.943  -7.253  1.00 64.85 ? 109 MSE A C   1 
HETATM 925  O  O   . MSE A 1 112 ? -12.733 -0.031  -7.623  1.00 64.45 ? 109 MSE A O   1 
HETATM 926  C  CB  . MSE A 1 112 ? -12.477 -2.386  -5.246  1.00 65.71 ? 109 MSE A CB  1 
HETATM 927  C  CG  . MSE A 1 112 ? -13.182 -3.585  -4.659  1.00 67.67 ? 109 MSE A CG  1 
HETATM 928  SE SE  . MSE A 1 112 ? -13.151 -3.579  -2.682  1.00 71.73 ? 109 MSE A SE  1 
HETATM 929  C  CE  . MSE A 1 112 ? -11.293 -3.450  -2.285  1.00 65.27 ? 109 MSE A CE  1 
ATOM   930  N  N   . ILE A 1 113 ? -10.653 -0.832  -7.245  1.00 64.41 ? 110 ILE A N   1 
ATOM   931  C  CA  . ILE A 1 113 ? -9.958  0.355   -7.744  1.00 64.29 ? 110 ILE A CA  1 
ATOM   932  C  C   . ILE A 1 113 ? -10.228 0.577   -9.247  1.00 65.70 ? 110 ILE A C   1 
ATOM   933  O  O   . ILE A 1 113 ? -10.583 1.692   -9.675  1.00 65.54 ? 110 ILE A O   1 
ATOM   934  C  CB  . ILE A 1 113 ? -8.438  0.230   -7.506  1.00 63.83 ? 110 ILE A CB  1 
ATOM   935  C  CG1 . ILE A 1 113 ? -8.166  0.075   -6.024  1.00 61.37 ? 110 ILE A CG1 1 
ATOM   936  C  CG2 . ILE A 1 113 ? -7.700  1.407   -8.079  1.00 61.52 ? 110 ILE A CG2 1 
ATOM   937  C  CD1 . ILE A 1 113 ? -6.741  -0.107  -5.685  1.00 62.57 ? 110 ILE A CD1 1 
ATOM   938  N  N   . LYS A 1 114 ? -10.064 -0.499  -10.023 1.00 66.20 ? 111 LYS A N   1 
ATOM   939  C  CA  . LYS A 1 114 ? -10.164 -0.454  -11.471 1.00 66.87 ? 111 LYS A CA  1 
ATOM   940  C  C   . LYS A 1 114 ? -11.575 -0.148  -11.946 1.00 67.12 ? 111 LYS A C   1 
ATOM   941  O  O   . LYS A 1 114 ? -11.769 0.669   -12.840 1.00 67.32 ? 111 LYS A O   1 
ATOM   942  C  CB  . LYS A 1 114 ? -9.687  -1.786  -12.066 1.00 67.40 ? 111 LYS A CB  1 
ATOM   943  C  CG  . LYS A 1 114 ? -9.557  -1.781  -13.575 1.00 68.15 ? 111 LYS A CG  1 
ATOM   944  C  CD  . LYS A 1 114 ? -8.218  -1.204  -14.016 1.00 72.44 ? 111 LYS A CD  1 
ATOM   945  C  CE  . LYS A 1 114 ? -8.195  -1.012  -15.537 1.00 74.68 ? 111 LYS A CE  1 
ATOM   946  N  NZ  . LYS A 1 114 ? -7.883  -2.295  -16.220 1.00 75.23 ? 111 LYS A NZ  1 
ATOM   947  N  N   . GLU A 1 115 ? -12.558 -0.814  -11.354 1.00 67.31 ? 112 GLU A N   1 
ATOM   948  C  CA  . GLU A 1 115 ? -13.934 -0.709  -11.802 1.00 67.63 ? 112 GLU A CA  1 
ATOM   949  C  C   . GLU A 1 115 ? -14.713 0.327   -10.985 1.00 68.03 ? 112 GLU A C   1 
ATOM   950  O  O   . GLU A 1 115 ? -15.911 0.529   -11.218 1.00 68.73 ? 112 GLU A O   1 
ATOM   951  C  CB  . GLU A 1 115 ? -14.620 -2.074  -11.734 1.00 67.31 ? 112 GLU A CB  1 
ATOM   952  C  CG  . GLU A 1 115 ? -13.854 -3.205  -12.401 1.00 68.56 ? 112 GLU A CG  1 
ATOM   953  C  CD  . GLU A 1 115 ? -13.612 -2.968  -13.891 1.00 71.03 ? 112 GLU A CD  1 
ATOM   954  O  OE1 . GLU A 1 115 ? -14.575 -2.557  -14.591 1.00 71.71 ? 112 GLU A OE1 1 
ATOM   955  O  OE2 . GLU A 1 115 ? -12.466 -3.190  -14.365 1.00 69.99 ? 112 GLU A OE2 1 
ATOM   956  N  N   . LYS A 1 116 ? -14.031 0.995   -10.051 1.00 68.21 ? 113 LYS A N   1 
ATOM   957  C  CA  . LYS A 1 116 ? -14.664 1.943   -9.114  1.00 68.67 ? 113 LYS A CA  1 
ATOM   958  C  C   . LYS A 1 116 ? -15.856 1.269   -8.429  1.00 67.84 ? 113 LYS A C   1 
ATOM   959  O  O   . LYS A 1 116 ? -17.017 1.514   -8.750  1.00 67.77 ? 113 LYS A O   1 
ATOM   960  C  CB  . LYS A 1 116 ? -15.046 3.254   -9.808  1.00 68.99 ? 113 LYS A CB  1 
ATOM   961  C  CG  . LYS A 1 116 ? -13.933 4.293   -9.804  1.00 72.59 ? 113 LYS A CG  1 
ATOM   962  C  CD  . LYS A 1 116 ? -13.890 5.066   -11.131 1.00 77.30 ? 113 LYS A CD  1 
ATOM   963  C  CE  . LYS A 1 116 ? -12.643 5.964   -11.229 1.00 80.36 ? 113 LYS A CE  1 
ATOM   964  N  NZ  . LYS A 1 116 ? -12.401 6.434   -12.642 1.00 81.46 ? 113 LYS A NZ  1 
ATOM   965  N  N   . LYS A 1 117 ? -15.538 0.370   -7.508  1.00 67.00 ? 114 LYS A N   1 
ATOM   966  C  CA  . LYS A 1 117 ? -16.531 -0.478  -6.881  1.00 65.88 ? 114 LYS A CA  1 
ATOM   967  C  C   . LYS A 1 117 ? -16.302 -0.560  -5.385  1.00 65.00 ? 114 LYS A C   1 
ATOM   968  O  O   . LYS A 1 117 ? -15.162 -0.580  -4.910  1.00 65.58 ? 114 LYS A O   1 
ATOM   969  C  CB  . LYS A 1 117 ? -16.474 -1.889  -7.472  1.00 65.96 ? 114 LYS A CB  1 
ATOM   970  C  CG  . LYS A 1 117 ? -17.252 -2.098  -8.754  1.00 64.99 ? 114 LYS A CG  1 
ATOM   971  C  CD  . LYS A 1 117 ? -16.991 -3.502  -9.284  1.00 64.77 ? 114 LYS A CD  1 
ATOM   972  C  CE  . LYS A 1 117 ? -17.991 -3.936  -10.368 1.00 67.06 ? 114 LYS A CE  1 
ATOM   973  N  NZ  . LYS A 1 117 ? -17.670 -5.327  -10.881 1.00 66.30 ? 114 LYS A NZ  1 
ATOM   974  N  N   . THR A 1 118 ? -17.414 -0.638  -4.671  1.00 64.31 ? 115 THR A N   1 
ATOM   975  C  CA  . THR A 1 118 ? -17.466 -0.746  -3.226  1.00 63.67 ? 115 THR A CA  1 
ATOM   976  C  C   . THR A 1 118 ? -17.634 -2.218  -2.910  1.00 63.84 ? 115 THR A C   1 
ATOM   977  O  O   . THR A 1 118 ? -17.956 -3.004  -3.798  1.00 63.35 ? 115 THR A O   1 
ATOM   978  C  CB  . THR A 1 118 ? -18.704 0.009   -2.671  1.00 63.45 ? 115 THR A CB  1 
ATOM   979  O  OG1 . THR A 1 118 ? -19.885 -0.496  -3.299  1.00 62.51 ? 115 THR A OG1 1 
ATOM   980  C  CG2 . THR A 1 118 ? -18.612 1.504   -2.942  1.00 62.58 ? 115 THR A CG2 1 
ATOM   981  N  N   . PHE A 1 119 ? -17.431 -2.598  -1.649  1.00 64.28 ? 116 PHE A N   1 
ATOM   982  C  CA  . PHE A 1 119 ? -17.728 -3.962  -1.240  1.00 64.15 ? 116 PHE A CA  1 
ATOM   983  C  C   . PHE A 1 119 ? -19.170 -4.247  -1.644  1.00 64.19 ? 116 PHE A C   1 
ATOM   984  O  O   . PHE A 1 119 ? -19.493 -5.348  -2.101  1.00 64.21 ? 116 PHE A O   1 
ATOM   985  C  CB  . PHE A 1 119 ? -17.553 -4.129  0.263   1.00 63.75 ? 116 PHE A CB  1 
ATOM   986  C  CG  . PHE A 1 119 ? -16.104 -4.182  0.718   1.00 64.08 ? 116 PHE A CG  1 
ATOM   987  C  CD1 . PHE A 1 119 ? -15.407 -5.388  0.731   1.00 62.40 ? 116 PHE A CD1 1 
ATOM   988  C  CD2 . PHE A 1 119 ? -15.459 -3.040  1.147   1.00 62.98 ? 116 PHE A CD2 1 
ATOM   989  C  CE1 . PHE A 1 119 ? -14.096 -5.457  1.175   1.00 63.01 ? 116 PHE A CE1 1 
ATOM   990  C  CE2 . PHE A 1 119 ? -14.140 -3.091  1.576   1.00 65.52 ? 116 PHE A CE2 1 
ATOM   991  C  CZ  . PHE A 1 119 ? -13.456 -4.316  1.601   1.00 63.62 ? 116 PHE A CZ  1 
ATOM   992  N  N   . ALA A 1 120 ? -20.023 -3.236  -1.518  1.00 64.44 ? 117 ALA A N   1 
ATOM   993  C  CA  . ALA A 1 120 ? -21.457 -3.389  -1.812  1.00 65.06 ? 117 ALA A CA  1 
ATOM   994  C  C   . ALA A 1 120 ? -21.647 -3.874  -3.245  1.00 65.75 ? 117 ALA A C   1 
ATOM   995  O  O   . ALA A 1 120 ? -22.275 -4.910  -3.478  1.00 66.13 ? 117 ALA A O   1 
ATOM   996  C  CB  . ALA A 1 120 ? -22.200 -2.088  -1.568  1.00 64.65 ? 117 ALA A CB  1 
ATOM   997  N  N   . ASP A 1 121 ? -21.062 -3.141  -4.193  1.00 66.82 ? 118 ASP A N   1 
ATOM   998  C  CA  . ASP A 1 121 ? -21.020 -3.540  -5.608  1.00 67.69 ? 118 ASP A CA  1 
ATOM   999  C  C   . ASP A 1 121 ? -20.500 -4.954  -5.803  1.00 68.26 ? 118 ASP A C   1 
ATOM   1000 O  O   . ASP A 1 121 ? -21.191 -5.771  -6.389  1.00 68.27 ? 118 ASP A O   1 
ATOM   1001 C  CB  . ASP A 1 121 ? -20.144 -2.584  -6.407  1.00 67.61 ? 118 ASP A CB  1 
ATOM   1002 C  CG  . ASP A 1 121 ? -20.644 -1.170  -6.364  1.00 68.38 ? 118 ASP A CG  1 
ATOM   1003 O  OD1 . ASP A 1 121 ? -21.871 -0.971  -6.195  1.00 70.20 ? 118 ASP A OD1 1 
ATOM   1004 O  OD2 . ASP A 1 121 ? -19.814 -0.254  -6.502  1.00 68.65 ? 118 ASP A OD2 1 
ATOM   1005 N  N   . ILE A 1 122 ? -19.289 -5.229  -5.306  1.00 69.36 ? 119 ILE A N   1 
ATOM   1006 C  CA  . ILE A 1 122 ? -18.658 -6.537  -5.425  1.00 70.48 ? 119 ILE A CA  1 
ATOM   1007 C  C   . ILE A 1 122 ? -19.631 -7.642  -5.061  1.00 71.76 ? 119 ILE A C   1 
ATOM   1008 O  O   . ILE A 1 122 ? -19.858 -8.562  -5.849  1.00 71.96 ? 119 ILE A O   1 
ATOM   1009 C  CB  . ILE A 1 122 ? -17.402 -6.652  -4.520  1.00 70.65 ? 119 ILE A CB  1 
ATOM   1010 C  CG1 . ILE A 1 122 ? -16.312 -5.668  -4.952  1.00 69.67 ? 119 ILE A CG1 1 
ATOM   1011 C  CG2 . ILE A 1 122 ? -16.864 -8.100  -4.490  1.00 70.48 ? 119 ILE A CG2 1 
ATOM   1012 C  CD1 . ILE A 1 122 ? -15.694 -5.950  -6.310  1.00 69.30 ? 119 ILE A CD1 1 
ATOM   1013 N  N   . TYR A 1 123 ? -20.238 -7.533  -3.886  1.00 73.51 ? 120 TYR A N   1 
ATOM   1014 C  CA  . TYR A 1 123 ? -21.122 -8.586  -3.412  1.00 75.41 ? 120 TYR A CA  1 
ATOM   1015 C  C   . TYR A 1 123 ? -22.522 -8.613  -4.043  1.00 76.70 ? 120 TYR A C   1 
ATOM   1016 O  O   . TYR A 1 123 ? -23.075 -9.708  -4.247  1.00 76.98 ? 120 TYR A O   1 
ATOM   1017 C  CB  . TYR A 1 123 ? -21.147 -8.636  -1.882  1.00 75.52 ? 120 TYR A CB  1 
ATOM   1018 C  CG  . TYR A 1 123 ? -19.797 -9.049  -1.313  1.00 76.04 ? 120 TYR A CG  1 
ATOM   1019 C  CD1 . TYR A 1 123 ? -19.413 -10.394 -1.264  1.00 76.43 ? 120 TYR A CD1 1 
ATOM   1020 C  CD2 . TYR A 1 123 ? -18.894 -8.098  -0.850  1.00 75.23 ? 120 TYR A CD2 1 
ATOM   1021 C  CE1 . TYR A 1 123 ? -18.154 -10.778 -0.752  1.00 76.62 ? 120 TYR A CE1 1 
ATOM   1022 C  CE2 . TYR A 1 123 ? -17.641 -8.468  -0.337  1.00 76.50 ? 120 TYR A CE2 1 
ATOM   1023 C  CZ  . TYR A 1 123 ? -17.281 -9.807  -0.288  1.00 76.49 ? 120 TYR A CZ  1 
ATOM   1024 O  OH  . TYR A 1 123 ? -16.042 -10.167 0.213   1.00 77.38 ? 120 TYR A OH  1 
ATOM   1025 N  N   . SER A 1 124 ? -23.085 -7.450  -4.389  1.00 78.17 ? 121 SER A N   1 
ATOM   1026 C  CA  . SER A 1 124 ? -24.435 -7.440  -4.988  1.00 79.78 ? 121 SER A CA  1 
ATOM   1027 C  C   . SER A 1 124 ? -24.504 -8.052  -6.410  1.00 80.66 ? 121 SER A C   1 
ATOM   1028 O  O   . SER A 1 124 ? -23.766 -7.667  -7.322  1.00 80.73 ? 121 SER A O   1 
ATOM   1029 C  CB  . SER A 1 124 ? -25.155 -6.070  -4.859  1.00 80.06 ? 121 SER A CB  1 
ATOM   1030 O  OG  . SER A 1 124 ? -24.617 -5.046  -5.687  1.00 80.78 ? 121 SER A OG  1 
ATOM   1031 N  N   . GLN A 1 125 ? -25.409 -9.021  -6.561  1.00 82.03 ? 122 GLN A N   1 
ATOM   1032 C  CA  . GLN A 1 125 ? -25.539 -9.842  -7.774  1.00 83.01 ? 122 GLN A CA  1 
ATOM   1033 C  C   . GLN A 1 125 ? -26.960 -9.804  -8.375  1.00 83.04 ? 122 GLN A C   1 
ATOM   1034 O  O   . GLN A 1 125 ? -27.457 -10.804 -8.924  1.00 83.07 ? 122 GLN A O   1 
ATOM   1035 C  CB  . GLN A 1 125 ? -25.133 -11.292 -7.463  1.00 83.38 ? 122 GLN A CB  1 
ATOM   1036 C  CG  . GLN A 1 125 ? -26.068 -12.011 -6.472  1.00 84.62 ? 122 GLN A CG  1 
ATOM   1037 C  CD  . GLN A 1 125 ? -25.315 -12.892 -5.494  1.00 86.24 ? 122 GLN A CD  1 
ATOM   1038 O  OE1 . GLN A 1 125 ? -24.150 -12.624 -5.160  1.00 86.95 ? 122 GLN A OE1 1 
ATOM   1039 N  NE2 . GLN A 1 125 ? -25.977 -13.950 -5.024  1.00 86.17 ? 122 GLN A NE2 1 
HETATM 1040 MG MG  . MG  B 2 .   ? -1.089  -4.073  8.977   1.00 48.02 ? 201 MG  A MG  1 
HETATM 1041 O  O   . HOH C 3 .   ? 4.449   4.794   -7.231  1.00 26.88 ? 202 HOH A O   1 
HETATM 1042 O  O   . HOH C 3 .   ? -7.153  3.443   6.697   0.50 34.50 ? 203 HOH A O   1 
HETATM 1043 O  O   . HOH C 3 .   ? 1.334   -0.072  10.261  1.00 41.21 ? 204 HOH A O   1 
HETATM 1044 O  O   . HOH C 3 .   ? 10.497  2.393   -2.500  1.00 50.36 ? 205 HOH A O   1 
HETATM 1045 O  O   . HOH C 3 .   ? 3.175   -2.070  8.547   1.00 43.20 ? 206 HOH A O   1 
HETATM 1046 O  O   . HOH C 3 .   ? 10.511  -0.251  -2.176  1.00 51.04 ? 207 HOH A O   1 
HETATM 1047 O  O   . HOH C 3 .   ? -4.527  -11.690 -2.348  1.00 46.44 ? 208 HOH A O   1 
HETATM 1048 O  O   . HOH C 3 .   ? 3.170   -10.713 -6.138  1.00 49.05 ? 209 HOH A O   1 
HETATM 1049 O  O   . HOH C 3 .   ? 4.696   6.276   10.313  1.00 54.26 ? 210 HOH A O   1 
HETATM 1050 O  O   . HOH C 3 .   ? 4.674   -15.613 7.101   1.00 51.92 ? 211 HOH A O   1 
HETATM 1051 O  O   . HOH C 3 .   ? 13.487  2.483   -3.580  1.00 58.35 ? 212 HOH A O   1 
HETATM 1052 O  O   . HOH C 3 .   ? -5.448  -9.080  0.821   1.00 57.80 ? 213 HOH A O   1 
HETATM 1053 O  O   . HOH C 3 .   ? -4.515  3.385   7.195   1.00 43.93 ? 214 HOH A O   1 
HETATM 1054 O  O   . HOH C 3 .   ? 9.913   8.655   0.864   1.00 56.03 ? 215 HOH A O   1 
HETATM 1055 O  O   . HOH C 3 .   ? 7.432   -14.294 0.631   1.00 54.69 ? 216 HOH A O   1 
HETATM 1056 O  O   . HOH C 3 .   ? -5.959  11.305  3.349   1.00 50.56 ? 217 HOH A O   1 
HETATM 1057 O  O   . HOH C 3 .   ? 11.818  -6.296  9.608   1.00 51.91 ? 218 HOH A O   1 
HETATM 1058 O  O   . HOH C 3 .   ? -13.435 -5.321  11.452  1.00 52.11 ? 219 HOH A O   1 
HETATM 1059 O  O   . HOH C 3 .   ? -4.253  5.969   8.055   0.50 34.93 ? 220 HOH A O   1 
HETATM 1060 O  O   . HOH C 3 .   ? 7.929   10.013  7.902   1.00 61.07 ? 221 HOH A O   1 
HETATM 1061 O  O   . HOH C 3 .   ? 2.336   -6.462  -12.385 1.00 55.64 ? 222 HOH A O   1 
HETATM 1062 O  O   . HOH C 3 .   ? 5.729   -8.769  8.970   1.00 45.47 ? 223 HOH A O   1 
HETATM 1063 O  O   . HOH C 3 .   ? 3.319   15.460  -4.946  1.00 63.06 ? 224 HOH A O   1 
HETATM 1064 O  O   . HOH C 3 .   ? 8.956   -12.986 2.966   1.00 54.26 ? 225 HOH A O   1 
HETATM 1065 O  O   . HOH C 3 .   ? -12.042 -2.977  4.732   1.00 47.31 ? 226 HOH A O   1 
HETATM 1066 O  O   . HOH C 3 .   ? -7.989  -10.769 3.077   1.00 56.40 ? 227 HOH A O   1 
HETATM 1067 O  O   . HOH C 3 .   ? -3.448  12.222  -5.364  1.00 49.69 ? 228 HOH A O   1 
HETATM 1068 O  O   . HOH C 3 .   ? -4.594  -8.948  -8.877  1.00 53.84 ? 229 HOH A O   1 
HETATM 1069 O  O   . HOH C 3 .   ? -6.218  -12.451 -4.904  1.00 56.63 ? 230 HOH A O   1 
HETATM 1070 O  O   . HOH C 3 .   ? -10.031 -5.190  10.150  1.00 46.03 ? 231 HOH A O   1 
HETATM 1071 O  O   . HOH C 3 .   ? 1.127   17.677  0.880   1.00 69.58 ? 232 HOH A O   1 
HETATM 1072 O  O   . HOH C 3 .   ? -1.017  -11.636 8.609   1.00 59.18 ? 233 HOH A O   1 
HETATM 1073 O  O   . HOH C 3 .   ? -11.222 -10.157 5.104   1.00 64.92 ? 234 HOH A O   1 
HETATM 1074 O  O   . HOH C 3 .   ? 9.370   0.283   13.828  1.00 57.69 ? 235 HOH A O   1 
HETATM 1075 O  O   . HOH C 3 .   ? 9.582   8.806   -5.807  1.00 62.16 ? 236 HOH A O   1 
HETATM 1076 O  O   . HOH C 3 .   ? 10.347  5.307   -1.165  1.00 62.94 ? 237 HOH A O   1 
HETATM 1077 O  O   . HOH C 3 .   ? 7.802   -0.400  -8.586  1.00 54.98 ? 238 HOH A O   1 
HETATM 1078 O  O   . HOH C 3 .   ? -9.385  -12.532 -6.240  1.00 61.65 ? 239 HOH A O   1 
HETATM 1079 O  O   . HOH C 3 .   ? 15.074  -8.058  1.556   1.00 62.00 ? 240 HOH A O   1 
HETATM 1080 O  O   . HOH C 3 .   ? 2.513   -3.925  12.527  1.00 63.94 ? 241 HOH A O   1 
HETATM 1081 O  O   . HOH C 3 .   ? 11.014  -13.078 4.390   1.00 66.43 ? 242 HOH A O   1 
HETATM 1082 O  O   . HOH C 3 .   ? 1.125   -15.536 2.571   1.00 55.97 ? 243 HOH A O   1 
HETATM 1083 O  O   . HOH C 3 .   ? 7.733   14.188  -6.224  1.00 45.93 ? 244 HOH A O   1 
HETATM 1084 O  O   . HOH C 3 .   ? -9.446  -12.744 1.596   1.00 73.77 ? 245 HOH A O   1 
HETATM 1085 O  O   . HOH C 3 .   ? -2.576  -8.633  -10.968 1.00 70.52 ? 246 HOH A O   1 
HETATM 1086 O  O   . HOH C 3 .   ? -11.862 -9.602  -9.431  1.00 63.13 ? 247 HOH A O   1 
HETATM 1087 O  O   . HOH C 3 .   ? 8.224   5.163   -8.232  1.00 75.62 ? 248 HOH A O   1 
HETATM 1088 O  O   . HOH C 3 .   ? 3.966   9.411   -10.493 1.00 62.05 ? 249 HOH A O   1 
HETATM 1089 O  O   . HOH C 3 .   ? -2.257  -16.258 2.330   1.00 65.07 ? 250 HOH A O   1 
HETATM 1090 O  O   . HOH C 3 .   ? -11.222 -11.414 -0.325  1.00 57.20 ? 251 HOH A O   1 
HETATM 1091 O  O   . HOH C 3 .   ? 16.096  2.721   -7.125  1.00 71.25 ? 252 HOH A O   1 
HETATM 1092 O  O   . HOH C 3 .   ? -13.188 0.017   5.753   1.00 44.27 ? 253 HOH A O   1 
HETATM 1093 O  O   . HOH C 3 .   ? 15.558  2.847   2.876   1.00 61.22 ? 254 HOH A O   1 
HETATM 1094 O  O   . HOH C 3 .   ? 12.441  -10.863 8.630   1.00 54.93 ? 255 HOH A O   1 
HETATM 1095 O  O   . HOH C 3 .   ? -15.904 -10.523 -7.830  1.00 70.15 ? 256 HOH A O   1 
HETATM 1096 O  O   . HOH C 3 .   ? -9.239  4.618   -10.843 1.00 66.36 ? 257 HOH A O   1 
HETATM 1097 O  O   . HOH C 3 .   ? -5.085  8.462   -15.227 1.00 62.73 ? 258 HOH A O   1 
HETATM 1098 O  O   . HOH C 3 .   ? -8.108  -7.396  7.079   1.00 52.66 ? 259 HOH A O   1 
HETATM 1099 O  O   . HOH C 3 .   ? 6.692   -12.521 14.695  1.00 75.00 ? 260 HOH A O   1 
HETATM 1100 O  O   . HOH C 3 .   ? 5.048   -8.594  -10.833 1.00 68.42 ? 261 HOH A O   1 
HETATM 1101 O  O   . HOH C 3 .   ? 5.708   -1.151  -11.724 1.00 51.40 ? 262 HOH A O   1 
HETATM 1102 O  O   . HOH C 3 .   ? 7.533   -12.437 -2.311  1.00 52.29 ? 263 HOH A O   1 
HETATM 1103 O  O   . HOH C 3 .   ? 0.287   12.340  -4.696  1.00 47.49 ? 264 HOH A O   1 
HETATM 1104 O  O   . HOH C 3 .   ? -2.910  -13.818 5.737   1.00 72.50 ? 265 HOH A O   1 
HETATM 1105 O  O   . HOH C 3 .   ? 1.851   17.181  3.424   1.00 68.70 ? 266 HOH A O   1 
HETATM 1106 O  O   . HOH C 3 .   ? 14.897  -6.649  12.654  1.00 74.71 ? 267 HOH A O   1 
HETATM 1107 O  O   . HOH C 3 .   ? 17.137  -5.818  4.737   1.00 64.75 ? 268 HOH A O   1 
HETATM 1108 O  O   . HOH C 3 .   ? -11.417 6.983   -2.099  1.00 54.69 ? 269 HOH A O   1 
HETATM 1109 O  O   . HOH C 3 .   ? -10.023 -9.452  8.109   1.00 63.79 ? 270 HOH A O   1 
HETATM 1110 O  O   . HOH C 3 .   ? 8.559   2.174   -9.656  1.00 61.22 ? 271 HOH A O   1 
HETATM 1111 O  O   . HOH C 3 .   ? 14.324  12.905  -3.182  1.00 73.13 ? 272 HOH A O   1 
HETATM 1112 O  O   . HOH C 3 .   ? 2.074   -13.981 -5.103  1.00 63.34 ? 273 HOH A O   1 
HETATM 1113 O  O   . HOH C 3 .   ? -12.936 -7.945  11.388  1.00 85.22 ? 274 HOH A O   1 
HETATM 1114 O  O   . HOH C 3 .   ? -2.458  12.970  -2.736  1.00 75.46 ? 275 HOH A O   1 
HETATM 1115 O  O   . HOH C 3 .   ? -5.427  11.276  -13.462 1.00 70.16 ? 276 HOH A O   1 
HETATM 1116 O  O   . HOH C 3 .   ? 10.634  19.219  5.524   1.00 78.90 ? 277 HOH A O   1 
HETATM 1117 O  O   . HOH C 3 .   ? -21.951 1.152   -2.948  1.00 72.25 ? 278 HOH A O   1 
HETATM 1118 O  O   . HOH C 3 .   ? 3.417   -17.982 2.417   1.00 75.37 ? 279 HOH A O   1 
HETATM 1119 O  O   . HOH C 3 .   ? 2.854   -17.566 6.442   1.00 72.55 ? 280 HOH A O   1 
HETATM 1120 O  O   . HOH C 3 .   ? -22.154 -10.587 -7.562  1.00 63.91 ? 281 HOH A O   1 
HETATM 1121 O  O   . HOH C 3 .   ? -1.665  -5.238  10.647  1.00 41.87 ? 282 HOH A O   1 
HETATM 1122 O  O   . HOH C 3 .   ? -2.199  -2.318  9.441   1.00 41.81 ? 283 HOH A O   1 
HETATM 1123 O  O   . HOH C 3 .   ? 0.307   -3.050  10.014  1.00 46.67 ? 284 HOH A O   1 
# 
